data_1TKB
#
_entry.id   1TKB
#
_cell.length_a   76.300
_cell.length_b   113.300
_cell.length_c   160.900
_cell.angle_alpha   90.00
_cell.angle_beta   90.00
_cell.angle_gamma   90.00
#
_symmetry.space_group_name_H-M   'P 21 21 21'
#
loop_
_entity.id
_entity.type
_entity.pdbx_description
1 polymer TRANSKETOLASE
2 non-polymer 'CALCIUM ION'
3 non-polymer "1'-DEAZO-THIAMIN DIPHOSPHATE"
#
_entity_poly.entity_id   1
_entity_poly.type   'polypeptide(L)'
_entity_poly.pdbx_seq_one_letter_code
;QFTDIDKLAVSTIRILAVDTVSKANSGHPGAPLGMAPAAHVLWSQMRMNPTNPDWINRDRFVLSNGHAVALLYSMLHLTG
YDLSIEDLKQFRQLGSRTPGHPEFELPGVEVTTGPLGQGISNAVGMAMAQANLAATYNKPGFTLSDNYTYVFLGDGCLQE
GISSEASSLAGHLKLGNLIAIYDDNKITIDGATSISFDEDVAKRYEAYGWEVLYVENGNEDLAGIAKAIAQAKLSKDKPT
LIKMTTTIGYGSLHAGSHSVHGAPLKADDVKQLKSKFGFNPDKSFVVPQEVYDHYQKTILKPGVEANNKWNKLFSEYQKK
FPELGAELARRLSGQLPANWESKLPTYTAKDSAVATRKLSETVLEDVYNQLPELIGGSADLTPSNLTRWKEALDFQPPSS
GSGNYSGRYIRYGIREHAMGAIMNGISAFGANYKPYGGTFLNFVSYAAGAVRLSALSGHPVIWVATHDSIGVGEDGPTHQ
PIETLAHFRSLPNIQVWRPADGNEVSAAYKNSLESKHTPSIIALSRQNLPQLEGSSIESASKGGYVLQDVANPDIILVAT
GSEVSLSVEAAKTLAAKNIKARVVSLPDFFTFDKQPLEYRLSVLPDNVPIMSVEVLATTCWGKYAHQSFGIDRFGASGKA
PEVFKFFGFTPEGVAERAQKTIAFYKGDKLISPLKKAF
;
_entity_poly.pdbx_strand_id   A,B
#
loop_
_chem_comp.id
_chem_comp.type
_chem_comp.name
_chem_comp.formula
CA non-polymer 'CALCIUM ION' 'Ca 2'
N1T non-polymer '1'-DEAZO-THIAMIN DIPHOSPHATE' 'C13 H19 N3 O7 P2 S'
#
# COMPACT_ATOMS: atom_id res chain seq x y z
N GLN A 1 33.53 -29.48 -7.91
CA GLN A 1 34.45 -29.52 -9.03
C GLN A 1 33.48 -29.79 -10.17
N PHE A 2 33.38 -28.82 -11.06
CA PHE A 2 32.39 -28.79 -12.12
C PHE A 2 32.96 -29.32 -13.40
N THR A 3 32.36 -30.37 -13.93
CA THR A 3 32.79 -30.94 -15.17
C THR A 3 31.95 -30.56 -16.40
N ASP A 4 32.12 -31.25 -17.52
CA ASP A 4 31.41 -30.95 -18.75
C ASP A 4 29.94 -31.27 -18.71
N ILE A 5 29.56 -32.13 -17.75
CA ILE A 5 28.16 -32.45 -17.53
C ILE A 5 27.49 -31.27 -16.84
N ASP A 6 28.20 -30.54 -15.97
CA ASP A 6 27.69 -29.35 -15.31
C ASP A 6 27.46 -28.29 -16.38
N LYS A 7 28.39 -28.21 -17.31
CA LYS A 7 28.13 -27.34 -18.43
C LYS A 7 26.99 -27.98 -19.29
N LEU A 8 26.68 -29.30 -19.36
CA LEU A 8 25.52 -29.77 -20.14
C LEU A 8 24.16 -29.45 -19.47
N ALA A 9 24.14 -29.59 -18.15
CA ALA A 9 23.05 -29.24 -17.25
C ALA A 9 22.63 -27.78 -17.48
N VAL A 10 23.54 -26.80 -17.36
CA VAL A 10 23.30 -25.39 -17.59
C VAL A 10 22.75 -25.10 -18.99
N SER A 11 23.10 -25.75 -20.07
CA SER A 11 22.52 -25.47 -21.38
C SER A 11 21.15 -26.07 -21.49
N THR A 12 20.88 -27.14 -20.77
CA THR A 12 19.54 -27.71 -20.88
C THR A 12 18.63 -26.81 -20.06
N ILE A 13 18.97 -26.39 -18.83
CA ILE A 13 18.17 -25.41 -18.11
C ILE A 13 17.92 -24.18 -18.99
N ARG A 14 18.90 -23.61 -19.68
CA ARG A 14 18.65 -22.36 -20.40
C ARG A 14 17.75 -22.62 -21.57
N ILE A 15 18.02 -23.67 -22.34
CA ILE A 15 17.22 -23.85 -23.54
C ILE A 15 15.82 -24.35 -23.22
N LEU A 16 15.62 -25.08 -22.11
CA LEU A 16 14.31 -25.58 -21.76
C LEU A 16 13.42 -24.38 -21.47
N ALA A 17 13.93 -23.39 -20.70
CA ALA A 17 13.19 -22.21 -20.38
C ALA A 17 12.92 -21.37 -21.63
N VAL A 18 13.87 -21.38 -22.54
CA VAL A 18 13.70 -20.65 -23.79
C VAL A 18 12.54 -21.27 -24.50
N ASP A 19 12.50 -22.59 -24.54
CA ASP A 19 11.45 -23.29 -25.24
C ASP A 19 10.06 -23.06 -24.71
N THR A 20 9.99 -23.13 -23.38
CA THR A 20 8.81 -22.87 -22.58
C THR A 20 8.12 -21.57 -22.92
N VAL A 21 8.90 -20.48 -23.03
CA VAL A 21 8.43 -19.11 -23.30
C VAL A 21 8.01 -18.96 -24.76
N SER A 22 8.83 -19.46 -25.65
CA SER A 22 8.55 -19.42 -27.07
C SER A 22 7.27 -20.20 -27.49
N LYS A 23 7.01 -21.39 -26.93
CA LYS A 23 5.75 -22.06 -27.22
C LYS A 23 4.60 -21.24 -26.66
N ALA A 24 4.71 -20.72 -25.42
CA ALA A 24 3.64 -19.91 -24.82
C ALA A 24 3.35 -18.64 -25.61
N ASN A 25 4.38 -18.22 -26.36
CA ASN A 25 4.50 -16.99 -27.11
C ASN A 25 4.23 -15.78 -26.23
N SER A 26 4.82 -15.93 -25.05
CA SER A 26 4.58 -15.01 -23.97
C SER A 26 5.52 -15.35 -22.87
N GLY A 27 6.06 -14.37 -22.15
CA GLY A 27 6.80 -14.70 -20.95
C GLY A 27 8.12 -14.01 -21.01
N HIS A 28 8.92 -14.21 -19.96
CA HIS A 28 10.16 -13.48 -19.85
C HIS A 28 11.33 -14.42 -20.00
N PRO A 29 12.10 -14.33 -21.08
CA PRO A 29 13.30 -15.13 -21.33
C PRO A 29 14.61 -14.65 -20.73
N GLY A 30 14.76 -13.34 -20.57
CA GLY A 30 16.01 -12.73 -20.12
C GLY A 30 16.59 -13.15 -18.80
N ALA A 31 15.95 -13.01 -17.66
CA ALA A 31 16.56 -13.43 -16.40
C ALA A 31 16.80 -14.95 -16.37
N PRO A 32 15.87 -15.88 -16.72
CA PRO A 32 16.17 -17.31 -16.88
C PRO A 32 17.45 -17.60 -17.67
N LEU A 33 17.62 -17.17 -18.91
CA LEU A 33 18.92 -17.22 -19.59
C LEU A 33 20.07 -16.67 -18.77
N GLY A 34 20.08 -15.69 -17.86
CA GLY A 34 21.27 -15.24 -17.13
C GLY A 34 21.45 -15.92 -15.76
N MET A 35 20.34 -16.40 -15.20
CA MET A 35 20.33 -16.97 -13.87
C MET A 35 20.59 -18.49 -13.79
N ALA A 36 20.29 -19.21 -14.91
CA ALA A 36 20.55 -20.63 -15.13
C ALA A 36 21.89 -21.13 -14.52
N PRO A 37 23.11 -20.60 -14.66
CA PRO A 37 24.30 -21.10 -14.01
C PRO A 37 24.16 -21.09 -12.50
N ALA A 38 23.56 -20.04 -11.90
CA ALA A 38 23.40 -19.90 -10.45
C ALA A 38 22.34 -20.88 -9.92
N ALA A 39 21.31 -21.15 -10.74
CA ALA A 39 20.28 -22.08 -10.37
C ALA A 39 21.00 -23.45 -10.33
N HIS A 40 21.77 -23.81 -11.38
CA HIS A 40 22.43 -25.10 -11.36
C HIS A 40 23.35 -25.22 -10.15
N VAL A 41 24.25 -24.30 -9.90
CA VAL A 41 25.18 -24.45 -8.81
C VAL A 41 24.49 -24.53 -7.43
N LEU A 42 23.42 -23.73 -7.23
CA LEU A 42 22.72 -23.70 -5.95
C LEU A 42 21.91 -24.98 -5.66
N TRP A 43 21.04 -25.34 -6.62
CA TRP A 43 20.13 -26.46 -6.47
C TRP A 43 20.90 -27.71 -6.20
N SER A 44 22.05 -27.86 -6.91
CA SER A 44 22.90 -29.04 -6.81
C SER A 44 23.44 -29.30 -5.41
N GLN A 45 23.42 -28.26 -4.61
CA GLN A 45 24.00 -28.21 -3.30
C GLN A 45 22.90 -27.90 -2.27
N MET A 46 21.60 -27.93 -2.61
CA MET A 46 20.59 -27.74 -1.59
C MET A 46 20.09 -29.10 -1.16
N ARG A 47 19.86 -29.25 0.14
CA ARG A 47 19.32 -30.46 0.75
C ARG A 47 17.79 -30.46 0.82
N MET A 48 17.23 -31.24 -0.09
CA MET A 48 15.84 -31.24 -0.39
C MET A 48 15.42 -32.59 -0.97
N ASN A 49 14.22 -33.04 -0.66
CA ASN A 49 13.67 -34.24 -1.23
C ASN A 49 12.62 -33.89 -2.29
N PRO A 50 12.80 -33.97 -3.62
CA PRO A 50 11.74 -33.74 -4.59
C PRO A 50 10.50 -34.61 -4.37
N THR A 51 10.60 -35.78 -3.68
CA THR A 51 9.45 -36.62 -3.48
C THR A 51 8.71 -36.24 -2.22
N ASN A 52 9.29 -35.35 -1.43
CA ASN A 52 8.53 -34.88 -0.30
C ASN A 52 8.75 -33.40 -0.09
N PRO A 53 8.14 -32.54 -0.89
CA PRO A 53 8.29 -31.11 -0.83
C PRO A 53 7.89 -30.47 0.49
N ASP A 54 7.49 -31.21 1.51
CA ASP A 54 6.97 -30.67 2.73
C ASP A 54 7.78 -31.08 3.92
N TRP A 55 8.93 -31.75 3.72
CA TRP A 55 9.80 -32.11 4.85
C TRP A 55 10.14 -30.80 5.59
N ILE A 56 9.93 -30.66 6.90
CA ILE A 56 10.15 -29.37 7.55
C ILE A 56 11.59 -28.83 7.53
N ASN A 57 12.57 -29.71 7.37
CA ASN A 57 13.96 -29.29 7.47
C ASN A 57 14.62 -29.23 6.11
N ARG A 58 13.79 -29.03 5.12
CA ARG A 58 14.23 -28.86 3.76
C ARG A 58 14.90 -27.49 3.53
N ASP A 59 15.98 -27.36 2.75
CA ASP A 59 16.39 -26.03 2.32
C ASP A 59 15.27 -25.42 1.42
N ARG A 60 15.07 -24.13 1.62
CA ARG A 60 14.02 -23.41 0.92
C ARG A 60 14.71 -22.39 0.04
N PHE A 61 14.14 -22.21 -1.12
CA PHE A 61 14.60 -21.37 -2.18
C PHE A 61 13.36 -20.52 -2.53
N VAL A 62 13.43 -19.19 -2.70
CA VAL A 62 12.29 -18.37 -3.10
C VAL A 62 12.71 -17.64 -4.37
N LEU A 63 11.95 -17.58 -5.45
CA LEU A 63 12.39 -16.86 -6.64
C LEU A 63 11.76 -15.48 -6.43
N SER A 64 12.36 -14.49 -5.75
CA SER A 64 11.67 -13.20 -5.52
C SER A 64 11.26 -12.51 -6.82
N ASN A 65 12.10 -12.70 -7.81
CA ASN A 65 11.82 -12.12 -9.10
C ASN A 65 11.00 -13.11 -9.92
N GLY A 66 9.75 -13.17 -9.48
CA GLY A 66 8.80 -14.12 -10.00
C GLY A 66 8.65 -14.10 -11.50
N HIS A 67 9.04 -13.07 -12.25
CA HIS A 67 8.70 -13.02 -13.66
C HIS A 67 9.60 -13.99 -14.41
N ALA A 68 10.63 -14.48 -13.72
CA ALA A 68 11.58 -15.45 -14.26
C ALA A 68 11.10 -16.89 -14.04
N VAL A 69 9.76 -17.17 -13.93
CA VAL A 69 9.22 -18.51 -13.67
C VAL A 69 9.81 -19.66 -14.47
N ALA A 70 9.93 -19.56 -15.81
CA ALA A 70 10.47 -20.65 -16.60
C ALA A 70 11.79 -21.18 -16.06
N LEU A 71 12.61 -20.40 -15.33
CA LEU A 71 13.79 -20.95 -14.67
C LEU A 71 13.33 -21.86 -13.50
N LEU A 72 12.35 -21.47 -12.72
CA LEU A 72 11.87 -22.33 -11.63
C LEU A 72 11.17 -23.57 -12.19
N TYR A 73 10.43 -23.44 -13.30
CA TYR A 73 9.71 -24.56 -13.88
C TYR A 73 10.69 -25.53 -14.47
N SER A 74 11.71 -25.12 -15.22
CA SER A 74 12.73 -26.06 -15.66
C SER A 74 13.38 -26.75 -14.47
N MET A 75 13.86 -26.09 -13.43
CA MET A 75 14.51 -26.73 -12.29
C MET A 75 13.65 -27.75 -11.60
N LEU A 76 12.40 -27.39 -11.36
CA LEU A 76 11.42 -28.27 -10.78
C LEU A 76 11.24 -29.51 -11.60
N HIS A 77 11.23 -29.40 -12.91
CA HIS A 77 11.08 -30.58 -13.74
C HIS A 77 12.30 -31.48 -13.74
N LEU A 78 13.47 -30.86 -13.86
CA LEU A 78 14.73 -31.57 -14.04
C LEU A 78 15.23 -32.19 -12.76
N THR A 79 15.08 -31.57 -11.61
CA THR A 79 15.58 -32.18 -10.41
C THR A 79 14.58 -33.18 -9.82
N GLY A 80 13.46 -33.45 -10.54
CA GLY A 80 12.49 -34.49 -10.16
C GLY A 80 11.29 -34.18 -9.24
N TYR A 81 10.67 -32.99 -9.43
CA TYR A 81 9.43 -32.61 -8.79
C TYR A 81 8.28 -33.06 -9.70
N ASP A 82 7.04 -33.14 -9.19
CA ASP A 82 5.95 -33.54 -10.06
C ASP A 82 5.57 -32.36 -10.90
N LEU A 83 6.13 -32.33 -12.10
CA LEU A 83 5.85 -31.33 -13.10
C LEU A 83 6.46 -31.90 -14.36
N SER A 84 5.79 -31.89 -15.48
CA SER A 84 6.34 -32.57 -16.61
C SER A 84 6.54 -31.74 -17.86
N ILE A 85 7.14 -32.26 -18.93
CA ILE A 85 7.28 -31.55 -20.18
C ILE A 85 5.91 -31.13 -20.73
N GLU A 86 4.84 -31.82 -20.39
CA GLU A 86 3.55 -31.48 -20.95
C GLU A 86 2.99 -30.30 -20.20
N ASP A 87 3.30 -30.28 -18.89
CA ASP A 87 2.94 -29.17 -18.04
C ASP A 87 3.61 -27.92 -18.58
N LEU A 88 4.92 -28.01 -18.76
CA LEU A 88 5.73 -26.94 -19.30
C LEU A 88 5.27 -26.52 -20.67
N LYS A 89 4.84 -27.44 -21.54
CA LYS A 89 4.38 -27.11 -22.87
C LYS A 89 3.07 -26.36 -22.82
N GLN A 90 2.52 -26.26 -21.61
CA GLN A 90 1.38 -25.40 -21.37
C GLN A 90 1.68 -24.28 -20.37
N PHE A 91 2.84 -23.62 -20.45
CA PHE A 91 3.21 -22.47 -19.65
C PHE A 91 2.24 -21.37 -20.07
N ARG A 92 1.73 -20.61 -19.08
CA ARG A 92 0.86 -19.45 -19.25
C ARG A 92 -0.47 -19.69 -19.94
N GLN A 93 -1.11 -20.85 -19.80
CA GLN A 93 -2.32 -21.16 -20.56
C GLN A 93 -3.44 -21.49 -19.60
N LEU A 94 -4.72 -21.23 -19.95
CA LEU A 94 -5.86 -21.38 -19.03
C LEU A 94 -6.02 -22.76 -18.47
N GLY A 95 -5.93 -22.84 -17.16
CA GLY A 95 -6.08 -24.13 -16.50
C GLY A 95 -4.77 -24.87 -16.20
N SER A 96 -3.68 -24.61 -16.93
CA SER A 96 -2.46 -25.35 -16.72
C SER A 96 -1.79 -25.19 -15.34
N ARG A 97 -0.85 -26.04 -14.99
CA ARG A 97 -0.19 -25.99 -13.69
C ARG A 97 0.98 -25.02 -13.66
N THR A 98 1.20 -24.46 -14.84
CA THR A 98 2.32 -23.60 -15.11
C THR A 98 1.82 -22.20 -15.46
N PRO A 99 1.35 -21.37 -14.50
CA PRO A 99 0.90 -20.00 -14.79
C PRO A 99 2.09 -19.05 -14.94
N GLY A 100 1.82 -17.87 -15.46
CA GLY A 100 2.84 -16.87 -15.78
C GLY A 100 3.67 -16.31 -14.64
N HIS A 101 3.42 -16.61 -13.36
CA HIS A 101 4.26 -16.16 -12.24
C HIS A 101 4.05 -17.25 -11.22
N PRO A 102 5.00 -17.66 -10.40
CA PRO A 102 4.82 -18.77 -9.46
C PRO A 102 3.73 -18.60 -8.39
N GLU A 103 3.01 -19.68 -8.04
CA GLU A 103 1.92 -19.76 -7.08
C GLU A 103 2.13 -20.79 -6.01
N PHE A 104 1.97 -20.45 -4.75
CA PHE A 104 2.15 -21.29 -3.59
C PHE A 104 1.64 -22.72 -3.67
N GLU A 105 0.50 -22.78 -4.33
CA GLU A 105 -0.28 -23.98 -4.59
C GLU A 105 0.48 -25.11 -5.29
N LEU A 106 1.42 -24.83 -6.21
CA LEU A 106 2.16 -25.87 -6.89
C LEU A 106 3.18 -26.41 -5.91
N PRO A 107 3.62 -27.68 -6.04
CA PRO A 107 4.69 -28.23 -5.20
C PRO A 107 6.12 -27.75 -5.55
N GLY A 108 6.86 -27.32 -4.52
CA GLY A 108 8.20 -26.86 -4.76
C GLY A 108 8.24 -25.38 -5.13
N VAL A 109 7.08 -24.72 -5.12
CA VAL A 109 6.92 -23.29 -5.23
C VAL A 109 6.50 -22.90 -3.80
N GLU A 110 7.33 -22.15 -3.07
CA GLU A 110 7.12 -21.86 -1.64
C GLU A 110 6.22 -20.74 -1.19
N VAL A 111 5.89 -19.80 -2.06
CA VAL A 111 5.03 -18.65 -1.82
C VAL A 111 4.69 -18.14 -3.22
N THR A 112 3.68 -17.28 -3.50
CA THR A 112 3.47 -16.87 -4.88
C THR A 112 4.22 -15.55 -5.04
N THR A 113 4.88 -15.31 -6.17
CA THR A 113 5.62 -14.09 -6.35
C THR A 113 5.29 -13.57 -7.74
N GLY A 114 5.68 -12.37 -8.01
CA GLY A 114 5.32 -11.72 -9.25
C GLY A 114 5.36 -10.24 -8.93
N PRO A 115 4.58 -9.68 -7.95
CA PRO A 115 4.79 -8.39 -7.31
C PRO A 115 6.19 -8.32 -6.75
N LEU A 116 6.93 -7.28 -7.15
CA LEU A 116 8.29 -7.18 -6.69
C LEU A 116 8.38 -6.77 -5.24
N GLY A 117 9.35 -7.41 -4.62
CA GLY A 117 9.74 -7.09 -3.26
C GLY A 117 9.22 -8.12 -2.28
N GLN A 118 8.27 -8.93 -2.77
CA GLN A 118 7.57 -9.89 -1.94
C GLN A 118 8.38 -11.14 -1.57
N GLY A 119 9.00 -11.76 -2.57
CA GLY A 119 9.76 -12.95 -2.30
C GLY A 119 10.87 -12.78 -1.27
N ILE A 120 11.65 -11.71 -1.38
CA ILE A 120 12.78 -11.53 -0.45
C ILE A 120 12.29 -11.25 0.96
N SER A 121 11.14 -10.60 1.05
CA SER A 121 10.55 -10.27 2.31
C SER A 121 9.94 -11.51 2.97
N ASN A 122 9.38 -12.42 2.17
CA ASN A 122 8.81 -13.67 2.68
C ASN A 122 9.91 -14.54 3.28
N ALA A 123 11.04 -14.66 2.55
CA ALA A 123 12.23 -15.39 2.98
C ALA A 123 12.82 -15.04 4.35
N VAL A 124 12.56 -13.82 4.78
CA VAL A 124 12.97 -13.29 6.08
C VAL A 124 12.03 -13.87 7.14
N GLY A 125 10.77 -14.10 6.79
CA GLY A 125 9.84 -14.77 7.70
C GLY A 125 10.30 -16.21 7.86
N MET A 126 10.54 -16.88 6.70
CA MET A 126 11.04 -18.24 6.67
C MET A 126 12.27 -18.47 7.56
N ALA A 127 13.24 -17.55 7.52
CA ALA A 127 14.45 -17.64 8.36
C ALA A 127 14.22 -17.32 9.85
N MET A 128 13.29 -16.41 10.14
CA MET A 128 12.89 -16.12 11.52
C MET A 128 12.24 -17.37 12.11
N ALA A 129 11.28 -17.92 11.34
CA ALA A 129 10.56 -19.16 11.61
C ALA A 129 11.56 -20.29 11.81
N GLN A 130 12.59 -20.50 10.97
CA GLN A 130 13.54 -21.55 11.27
C GLN A 130 14.29 -21.20 12.56
N ALA A 131 14.72 -19.94 12.75
CA ALA A 131 15.45 -19.58 13.94
C ALA A 131 14.69 -19.93 15.20
N ASN A 132 13.38 -19.69 15.15
CA ASN A 132 12.49 -20.00 16.27
C ASN A 132 12.30 -21.50 16.54
N LEU A 133 11.94 -22.27 15.52
CA LEU A 133 11.85 -23.70 15.63
C LEU A 133 13.10 -24.37 16.20
N ALA A 134 14.25 -24.06 15.61
CA ALA A 134 15.53 -24.62 16.01
C ALA A 134 15.79 -24.34 17.49
N ALA A 135 15.47 -23.12 17.90
CA ALA A 135 15.63 -22.72 19.28
C ALA A 135 14.68 -23.41 20.25
N THR A 136 13.47 -23.68 19.78
CA THR A 136 12.45 -24.31 20.60
C THR A 136 12.60 -25.82 20.80
N TYR A 137 12.89 -26.54 19.72
CA TYR A 137 12.94 -27.97 19.83
C TYR A 137 14.32 -28.59 19.73
N ASN A 138 15.38 -27.99 19.16
CA ASN A 138 16.65 -28.68 19.06
C ASN A 138 17.19 -28.91 20.44
N LYS A 139 17.77 -30.09 20.63
CA LYS A 139 18.34 -30.51 21.91
C LYS A 139 19.71 -31.09 21.54
N PRO A 140 20.73 -31.11 22.42
CA PRO A 140 22.04 -31.64 22.07
C PRO A 140 21.89 -33.14 21.77
N GLY A 141 22.31 -33.46 20.56
CA GLY A 141 22.08 -34.76 20.01
C GLY A 141 21.00 -34.65 18.92
N PHE A 142 19.96 -33.82 19.02
CA PHE A 142 18.90 -33.78 18.03
C PHE A 142 18.72 -32.41 17.41
N THR A 143 19.44 -32.25 16.32
CA THR A 143 19.35 -31.02 15.59
C THR A 143 18.32 -31.28 14.55
N LEU A 144 17.08 -31.00 14.93
CA LEU A 144 16.00 -31.19 14.00
C LEU A 144 15.81 -30.06 13.00
N SER A 145 16.29 -28.84 13.30
CA SER A 145 16.18 -27.74 12.35
C SER A 145 17.49 -27.03 12.27
N ASP A 146 17.82 -26.88 10.99
CA ASP A 146 19.04 -26.21 10.62
C ASP A 146 19.04 -25.83 9.16
N ASN A 147 17.90 -25.74 8.47
CA ASN A 147 17.96 -25.43 7.04
C ASN A 147 18.31 -23.96 6.67
N TYR A 148 18.56 -23.72 5.39
CA TYR A 148 18.90 -22.42 4.80
C TYR A 148 17.67 -21.99 4.00
N THR A 149 17.71 -20.67 3.70
CA THR A 149 16.70 -19.98 2.90
C THR A 149 17.43 -19.20 1.82
N TYR A 150 17.38 -19.70 0.63
CA TYR A 150 18.04 -19.10 -0.49
C TYR A 150 17.03 -18.24 -1.22
N VAL A 151 17.41 -17.01 -1.60
CA VAL A 151 16.48 -16.15 -2.28
C VAL A 151 17.13 -15.76 -3.58
N PHE A 152 16.41 -15.66 -4.68
CA PHE A 152 16.90 -15.06 -5.91
C PHE A 152 16.26 -13.70 -6.13
N LEU A 153 16.95 -12.59 -6.38
CA LEU A 153 16.31 -11.29 -6.60
C LEU A 153 16.94 -10.43 -7.67
N GLY A 154 16.19 -9.42 -8.14
CA GLY A 154 16.58 -8.55 -9.24
C GLY A 154 16.79 -7.11 -8.76
N ASP A 155 16.85 -6.21 -9.76
CA ASP A 155 17.07 -4.81 -9.48
C ASP A 155 15.73 -4.25 -8.98
N GLY A 156 14.67 -4.73 -9.60
CA GLY A 156 13.31 -4.36 -9.24
C GLY A 156 13.11 -4.55 -7.75
N CYS A 157 13.37 -5.74 -7.19
CA CYS A 157 13.16 -5.98 -5.76
C CYS A 157 14.07 -5.10 -4.96
N LEU A 158 15.23 -4.63 -5.46
CA LEU A 158 16.04 -3.77 -4.65
C LEU A 158 15.53 -2.34 -4.69
N GLN A 159 14.76 -1.94 -5.70
CA GLN A 159 14.16 -0.63 -5.68
C GLN A 159 12.92 -0.45 -4.77
N GLU A 160 12.04 -1.48 -4.60
CA GLU A 160 10.84 -1.44 -3.74
C GLU A 160 11.14 -1.38 -2.25
N GLY A 161 10.47 -0.46 -1.57
CA GLY A 161 10.70 -0.20 -0.17
C GLY A 161 10.52 -1.34 0.78
N ILE A 162 9.68 -2.30 0.39
CA ILE A 162 9.37 -3.43 1.27
C ILE A 162 10.63 -4.24 1.56
N SER A 163 11.47 -4.47 0.54
CA SER A 163 12.67 -5.25 0.73
C SER A 163 13.68 -4.38 1.45
N SER A 164 13.59 -3.05 1.43
CA SER A 164 14.56 -2.34 2.28
C SER A 164 14.05 -2.46 3.73
N GLU A 165 12.73 -2.45 3.98
CA GLU A 165 12.21 -2.65 5.31
C GLU A 165 12.59 -3.99 5.91
N ALA A 166 12.27 -5.05 5.15
CA ALA A 166 12.67 -6.44 5.42
C ALA A 166 14.16 -6.62 5.68
N SER A 167 15.03 -6.15 4.73
CA SER A 167 16.50 -6.20 4.89
C SER A 167 17.06 -5.48 6.09
N SER A 168 16.46 -4.38 6.46
CA SER A 168 16.84 -3.66 7.65
C SER A 168 16.58 -4.51 8.90
N LEU A 169 15.40 -5.13 8.93
CA LEU A 169 15.06 -6.00 10.02
C LEU A 169 15.85 -7.31 9.97
N ALA A 170 16.11 -7.92 8.81
CA ALA A 170 16.87 -9.15 8.74
C ALA A 170 18.27 -8.95 9.31
N GLY A 171 18.86 -7.79 8.93
CA GLY A 171 20.15 -7.36 9.43
C GLY A 171 20.12 -7.23 10.96
N HIS A 172 19.06 -6.63 11.56
CA HIS A 172 18.98 -6.47 13.01
C HIS A 172 18.95 -7.79 13.74
N LEU A 173 18.11 -8.67 13.21
CA LEU A 173 17.99 -9.96 13.85
C LEU A 173 19.15 -10.92 13.60
N LYS A 174 20.20 -10.57 12.86
CA LYS A 174 21.36 -11.43 12.63
C LYS A 174 21.07 -12.76 11.96
N LEU A 175 20.20 -12.76 10.96
CA LEU A 175 19.72 -14.02 10.37
C LEU A 175 20.66 -14.65 9.36
N GLY A 176 21.69 -15.28 9.94
CA GLY A 176 22.82 -15.98 9.32
C GLY A 176 22.54 -16.99 8.22
N ASN A 177 21.38 -17.69 8.30
CA ASN A 177 21.03 -18.69 7.29
C ASN A 177 20.27 -18.18 6.06
N LEU A 178 20.16 -16.86 5.92
CA LEU A 178 19.43 -16.27 4.81
C LEU A 178 20.49 -15.83 3.83
N ILE A 179 20.44 -16.35 2.61
CA ILE A 179 21.44 -16.08 1.60
C ILE A 179 20.78 -15.57 0.34
N ALA A 180 20.96 -14.31 -0.05
CA ALA A 180 20.27 -13.83 -1.25
C ALA A 180 21.23 -13.74 -2.39
N ILE A 181 20.84 -14.14 -3.60
CA ILE A 181 21.75 -13.96 -4.73
C ILE A 181 21.11 -12.96 -5.66
N TYR A 182 21.76 -11.80 -5.77
CA TYR A 182 21.29 -10.69 -6.60
C TYR A 182 21.74 -10.79 -8.06
N ASP A 183 20.83 -10.85 -9.00
CA ASP A 183 21.17 -10.88 -10.40
C ASP A 183 21.42 -9.42 -10.79
N ASP A 184 22.70 -9.06 -10.70
CA ASP A 184 23.11 -7.73 -11.07
C ASP A 184 23.24 -7.63 -12.59
N ASN A 185 22.17 -7.47 -13.32
CA ASN A 185 22.31 -7.44 -14.76
C ASN A 185 22.32 -6.10 -15.44
N LYS A 186 22.29 -4.99 -14.67
CA LYS A 186 22.31 -3.62 -15.21
C LYS A 186 21.17 -3.21 -16.15
N ILE A 187 20.01 -3.84 -16.01
CA ILE A 187 18.86 -3.68 -16.89
C ILE A 187 17.65 -3.97 -16.05
N THR A 188 16.66 -3.16 -16.41
CA THR A 188 15.29 -3.41 -16.01
C THR A 188 14.44 -2.98 -17.24
N ILE A 189 13.10 -2.85 -17.12
CA ILE A 189 12.22 -2.60 -18.25
C ILE A 189 12.44 -1.33 -19.09
N ASP A 190 12.65 -0.15 -18.49
CA ASP A 190 12.74 1.08 -19.30
C ASP A 190 14.04 1.18 -20.04
N GLY A 191 15.04 0.52 -19.48
CA GLY A 191 16.36 0.49 -20.06
C GLY A 191 17.38 0.16 -19.00
N ALA A 192 18.52 0.85 -19.14
CA ALA A 192 19.67 0.71 -18.26
C ALA A 192 19.42 1.25 -16.84
N THR A 193 19.97 0.58 -15.83
CA THR A 193 19.72 1.01 -14.46
C THR A 193 20.17 2.43 -14.14
N SER A 194 21.26 2.88 -14.74
CA SER A 194 21.78 4.22 -14.52
C SER A 194 20.77 5.35 -14.79
N ILE A 195 19.70 5.09 -15.53
CA ILE A 195 18.66 6.09 -15.75
C ILE A 195 17.89 6.39 -14.47
N SER A 196 17.86 5.52 -13.49
CA SER A 196 17.11 5.73 -12.28
C SER A 196 17.57 5.05 -11.03
N PHE A 197 18.65 4.28 -11.08
CA PHE A 197 19.02 3.45 -9.95
C PHE A 197 20.53 3.26 -10.15
N ASP A 198 21.23 4.07 -9.38
CA ASP A 198 22.67 4.01 -9.47
C ASP A 198 23.33 4.05 -8.10
N GLU A 199 22.60 3.61 -7.09
CA GLU A 199 23.07 3.65 -5.72
C GLU A 199 24.06 2.55 -5.47
N ASP A 200 24.75 2.60 -4.36
CA ASP A 200 25.71 1.58 -4.10
C ASP A 200 25.06 0.69 -3.09
N VAL A 201 24.50 -0.36 -3.72
CA VAL A 201 23.80 -1.48 -3.10
C VAL A 201 24.61 -2.17 -2.01
N ALA A 202 25.86 -2.43 -2.30
CA ALA A 202 26.69 -3.21 -1.43
C ALA A 202 26.92 -2.48 -0.13
N LYS A 203 27.16 -1.19 -0.26
CA LYS A 203 27.38 -0.30 0.87
C LYS A 203 26.05 -0.09 1.60
N ARG A 204 24.96 0.03 0.84
CA ARG A 204 23.64 0.09 1.46
C ARG A 204 23.36 -1.16 2.32
N TYR A 205 23.64 -2.37 1.81
CA TYR A 205 23.38 -3.58 2.53
C TYR A 205 24.36 -3.85 3.66
N GLU A 206 25.63 -3.44 3.55
CA GLU A 206 26.57 -3.62 4.62
C GLU A 206 26.15 -2.75 5.78
N ALA A 207 25.60 -1.56 5.52
CA ALA A 207 25.01 -0.67 6.51
C ALA A 207 23.91 -1.30 7.36
N TYR A 208 23.03 -2.10 6.71
CA TYR A 208 22.01 -2.89 7.39
C TYR A 208 22.59 -3.96 8.33
N GLY A 209 23.84 -4.40 8.08
CA GLY A 209 24.45 -5.48 8.85
C GLY A 209 24.57 -6.75 8.01
N TRP A 210 24.32 -6.70 6.70
CA TRP A 210 24.46 -7.86 5.87
C TRP A 210 25.91 -7.95 5.38
N GLU A 211 26.39 -9.17 5.14
CA GLU A 211 27.67 -9.46 4.53
C GLU A 211 27.39 -9.44 3.03
N VAL A 212 28.27 -8.90 2.19
CA VAL A 212 28.07 -8.86 0.74
C VAL A 212 29.33 -9.45 0.11
N LEU A 213 29.11 -10.40 -0.78
CA LEU A 213 30.17 -11.05 -1.50
C LEU A 213 29.91 -10.74 -2.98
N TYR A 214 30.87 -10.98 -3.84
CA TYR A 214 30.70 -10.59 -5.23
C TYR A 214 31.08 -11.81 -6.05
N VAL A 215 30.63 -11.91 -7.30
CA VAL A 215 30.97 -12.95 -8.27
C VAL A 215 31.05 -12.07 -9.51
N GLU A 216 32.08 -11.80 -10.31
CA GLU A 216 31.90 -10.88 -11.43
C GLU A 216 31.52 -11.47 -12.78
N ASN A 217 31.90 -12.74 -12.92
CA ASN A 217 31.44 -13.44 -14.09
C ASN A 217 30.39 -14.44 -13.67
N GLY A 218 29.18 -13.97 -13.41
CA GLY A 218 28.14 -14.91 -13.12
C GLY A 218 27.70 -15.66 -14.39
N ASN A 219 28.07 -15.33 -15.62
CA ASN A 219 27.56 -16.02 -16.80
C ASN A 219 28.27 -17.33 -17.10
N GLU A 220 29.42 -17.55 -16.46
CA GLU A 220 30.18 -18.71 -16.82
C GLU A 220 30.94 -19.25 -15.64
N ASP A 221 30.96 -18.64 -14.48
CA ASP A 221 31.87 -19.14 -13.51
C ASP A 221 31.27 -19.91 -12.38
N LEU A 222 30.95 -21.14 -12.70
CA LEU A 222 30.34 -22.00 -11.68
C LEU A 222 31.18 -22.15 -10.40
N ALA A 223 32.50 -22.03 -10.45
CA ALA A 223 33.28 -22.18 -9.22
C ALA A 223 33.20 -20.97 -8.33
N GLY A 224 33.06 -19.86 -9.03
CA GLY A 224 32.98 -18.57 -8.37
C GLY A 224 31.72 -18.53 -7.56
N ILE A 225 30.62 -18.72 -8.30
CA ILE A 225 29.29 -18.83 -7.71
C ILE A 225 29.36 -19.87 -6.61
N ALA A 226 30.02 -21.00 -6.85
CA ALA A 226 30.10 -22.03 -5.84
C ALA A 226 30.83 -21.58 -4.59
N LYS A 227 31.92 -20.83 -4.69
CA LYS A 227 32.68 -20.51 -3.48
C LYS A 227 31.95 -19.43 -2.67
N ALA A 228 31.19 -18.58 -3.34
CA ALA A 228 30.45 -17.53 -2.68
C ALA A 228 29.33 -18.11 -1.82
N ILE A 229 28.62 -19.10 -2.40
CA ILE A 229 27.56 -19.74 -1.64
C ILE A 229 28.20 -20.37 -0.41
N ALA A 230 29.26 -21.16 -0.59
CA ALA A 230 29.97 -21.76 0.53
C ALA A 230 30.49 -20.77 1.58
N GLN A 231 30.97 -19.56 1.21
CA GLN A 231 31.50 -18.59 2.17
C GLN A 231 30.35 -17.99 2.95
N ALA A 232 29.26 -17.78 2.19
CA ALA A 232 28.00 -17.28 2.72
C ALA A 232 27.59 -18.24 3.79
N LYS A 233 27.69 -19.54 3.61
CA LYS A 233 27.25 -20.45 4.65
C LYS A 233 28.02 -20.41 5.95
N LEU A 234 29.16 -19.73 5.93
CA LEU A 234 29.99 -19.63 7.10
C LEU A 234 29.60 -18.39 7.92
N SER A 235 28.90 -17.38 7.30
CA SER A 235 28.33 -16.11 7.80
C SER A 235 27.31 -16.44 8.92
N LYS A 236 27.69 -17.08 10.01
CA LYS A 236 26.73 -17.56 10.99
C LYS A 236 25.88 -16.50 11.66
N ASP A 237 26.35 -15.25 11.76
CA ASP A 237 25.51 -14.24 12.38
C ASP A 237 25.32 -12.93 11.58
N LYS A 238 25.34 -13.02 10.25
CA LYS A 238 25.10 -11.90 9.34
C LYS A 238 24.32 -12.55 8.19
N PRO A 239 23.20 -12.05 7.69
CA PRO A 239 22.69 -12.51 6.40
C PRO A 239 23.66 -12.10 5.28
N THR A 240 23.67 -12.82 4.16
CA THR A 240 24.54 -12.52 3.06
C THR A 240 23.86 -12.10 1.78
N LEU A 241 24.30 -11.07 1.09
CA LEU A 241 23.85 -10.78 -0.25
C LEU A 241 25.10 -11.14 -1.04
N ILE A 242 24.95 -11.74 -2.21
CA ILE A 242 25.99 -12.12 -3.13
C ILE A 242 25.59 -11.33 -4.35
N LYS A 243 26.42 -10.43 -4.83
CA LYS A 243 26.00 -9.61 -5.92
C LYS A 243 26.64 -10.32 -7.10
N MET A 244 25.89 -10.97 -8.00
CA MET A 244 26.50 -11.69 -9.11
C MET A 244 26.11 -11.07 -10.45
N THR A 245 27.07 -10.49 -11.10
CA THR A 245 26.85 -9.79 -12.35
C THR A 245 26.59 -10.80 -13.46
N THR A 246 25.66 -10.50 -14.36
CA THR A 246 25.32 -11.44 -15.42
C THR A 246 24.89 -10.57 -16.59
N THR A 247 24.65 -11.18 -17.76
CA THR A 247 24.16 -10.46 -18.93
C THR A 247 22.76 -11.04 -19.16
N ILE A 248 21.78 -10.14 -19.29
CA ILE A 248 20.39 -10.50 -19.45
C ILE A 248 20.37 -11.16 -20.80
N GLY A 249 19.75 -12.32 -20.91
CA GLY A 249 19.58 -12.95 -22.20
C GLY A 249 20.83 -13.58 -22.78
N TYR A 250 21.85 -13.86 -21.94
CA TYR A 250 23.08 -14.53 -22.32
C TYR A 250 22.85 -15.60 -23.38
N GLY A 251 23.61 -15.53 -24.46
CA GLY A 251 23.49 -16.48 -25.56
C GLY A 251 22.61 -15.94 -26.69
N SER A 252 21.62 -15.13 -26.29
CA SER A 252 20.74 -14.53 -27.25
C SER A 252 21.50 -13.57 -28.13
N LEU A 253 21.00 -13.57 -29.34
CA LEU A 253 21.38 -12.60 -30.36
C LEU A 253 21.08 -11.13 -29.95
N HIS A 254 20.41 -10.86 -28.82
CA HIS A 254 20.17 -9.51 -28.31
C HIS A 254 20.38 -9.49 -26.80
N ALA A 255 21.29 -10.33 -26.32
CA ALA A 255 21.65 -10.34 -24.90
C ALA A 255 22.11 -8.94 -24.51
N GLY A 256 21.95 -8.60 -23.25
CA GLY A 256 22.31 -7.28 -22.78
C GLY A 256 21.27 -6.24 -23.20
N SER A 257 20.40 -6.48 -24.19
CA SER A 257 19.37 -5.53 -24.47
C SER A 257 18.25 -5.79 -23.48
N HIS A 258 17.47 -4.74 -23.37
CA HIS A 258 16.27 -4.75 -22.55
C HIS A 258 15.09 -5.37 -23.35
N SER A 259 15.26 -5.61 -24.66
CA SER A 259 14.25 -6.29 -25.48
C SER A 259 14.10 -7.77 -25.12
N VAL A 260 15.09 -8.31 -24.40
CA VAL A 260 15.08 -9.71 -24.01
C VAL A 260 14.58 -9.78 -22.57
N HIS A 261 13.82 -8.84 -22.03
CA HIS A 261 13.32 -9.06 -20.69
C HIS A 261 11.93 -9.70 -20.69
N GLY A 262 11.06 -9.47 -21.68
CA GLY A 262 9.71 -9.95 -21.51
C GLY A 262 8.92 -10.25 -22.74
N ALA A 263 9.63 -10.68 -23.75
CA ALA A 263 9.00 -11.08 -24.99
C ALA A 263 9.73 -12.35 -25.41
N PRO A 264 9.13 -13.34 -26.11
CA PRO A 264 9.81 -14.53 -26.62
C PRO A 264 10.92 -14.16 -27.55
N LEU A 265 12.10 -14.77 -27.49
CA LEU A 265 13.15 -14.53 -28.49
C LEU A 265 12.56 -15.02 -29.82
N LYS A 266 12.90 -14.36 -30.92
CA LYS A 266 12.38 -14.80 -32.20
C LYS A 266 13.05 -16.10 -32.67
N ALA A 267 12.32 -16.90 -33.45
CA ALA A 267 12.70 -18.19 -34.00
C ALA A 267 14.16 -18.38 -34.35
N ASP A 268 14.64 -17.51 -35.20
CA ASP A 268 16.02 -17.62 -35.64
C ASP A 268 17.01 -17.29 -34.57
N ASP A 269 16.64 -16.46 -33.62
CA ASP A 269 17.51 -16.19 -32.50
C ASP A 269 17.59 -17.47 -31.64
N VAL A 270 16.50 -18.21 -31.46
CA VAL A 270 16.49 -19.39 -30.62
C VAL A 270 17.32 -20.51 -31.28
N LYS A 271 17.29 -20.60 -32.63
CA LYS A 271 18.03 -21.61 -33.35
C LYS A 271 19.52 -21.41 -33.21
N GLN A 272 20.05 -20.21 -33.44
CA GLN A 272 21.48 -20.00 -33.25
C GLN A 272 21.82 -20.29 -31.78
N LEU A 273 20.93 -20.05 -30.83
CA LEU A 273 21.16 -20.36 -29.41
C LEU A 273 21.35 -21.86 -29.21
N LYS A 274 20.50 -22.66 -29.85
CA LYS A 274 20.59 -24.12 -29.75
C LYS A 274 21.91 -24.55 -30.39
N SER A 275 22.22 -24.26 -31.67
CA SER A 275 23.49 -24.62 -32.30
C SER A 275 24.67 -24.25 -31.43
N LYS A 276 24.84 -22.98 -31.06
CA LYS A 276 25.96 -22.52 -30.25
C LYS A 276 26.09 -23.29 -28.96
N PHE A 277 25.00 -23.75 -28.36
CA PHE A 277 25.08 -24.54 -27.13
C PHE A 277 25.21 -26.05 -27.30
N GLY A 278 25.29 -26.41 -28.58
CA GLY A 278 25.51 -27.77 -29.02
C GLY A 278 24.23 -28.57 -29.07
N PHE A 279 23.09 -27.88 -29.12
CA PHE A 279 21.80 -28.53 -29.22
C PHE A 279 21.25 -28.45 -30.64
N ASN A 280 20.23 -29.22 -30.97
CA ASN A 280 19.71 -29.22 -32.34
C ASN A 280 18.73 -28.08 -32.51
N PRO A 281 19.00 -27.13 -33.42
CA PRO A 281 18.11 -26.11 -33.91
C PRO A 281 16.67 -26.45 -34.18
N ASP A 282 16.32 -27.67 -34.58
CA ASP A 282 14.93 -28.00 -34.86
C ASP A 282 14.34 -29.01 -33.87
N LYS A 283 14.71 -28.99 -32.59
CA LYS A 283 14.08 -29.87 -31.63
C LYS A 283 13.80 -29.04 -30.40
N SER A 284 12.66 -29.26 -29.75
CA SER A 284 12.32 -28.51 -28.55
C SER A 284 11.92 -29.37 -27.36
N PHE A 285 12.10 -28.82 -26.14
CA PHE A 285 11.80 -29.48 -24.88
C PHE A 285 12.59 -30.79 -24.73
N VAL A 286 13.82 -30.80 -25.28
CA VAL A 286 14.79 -31.91 -25.26
C VAL A 286 15.60 -31.95 -23.99
N VAL A 287 15.57 -33.01 -23.19
CA VAL A 287 16.42 -33.09 -22.03
C VAL A 287 17.33 -34.31 -22.26
N PRO A 288 18.67 -34.16 -22.44
CA PRO A 288 19.63 -35.27 -22.46
C PRO A 288 19.47 -36.18 -21.26
N GLN A 289 19.57 -37.50 -21.50
CA GLN A 289 19.44 -38.45 -20.42
C GLN A 289 20.44 -38.21 -19.33
N GLU A 290 21.57 -37.62 -19.73
CA GLU A 290 22.68 -37.39 -18.81
C GLU A 290 22.35 -36.39 -17.73
N VAL A 291 21.35 -35.55 -18.02
CA VAL A 291 20.97 -34.48 -17.10
C VAL A 291 20.06 -35.10 -16.04
N TYR A 292 19.08 -35.94 -16.44
CA TYR A 292 18.20 -36.56 -15.46
C TYR A 292 19.04 -37.40 -14.48
N ASP A 293 19.92 -38.24 -15.04
CA ASP A 293 20.78 -39.11 -14.26
C ASP A 293 21.67 -38.31 -13.30
N HIS A 294 22.13 -37.14 -13.74
CA HIS A 294 23.01 -36.31 -12.93
C HIS A 294 22.32 -35.88 -11.66
N TYR A 295 21.16 -35.24 -11.84
CA TYR A 295 20.34 -34.75 -10.74
C TYR A 295 19.76 -35.86 -9.90
N GLN A 296 19.60 -37.02 -10.53
CA GLN A 296 19.21 -38.22 -9.83
C GLN A 296 20.31 -38.60 -8.84
N LYS A 297 21.62 -38.62 -9.19
CA LYS A 297 22.60 -38.95 -8.15
C LYS A 297 22.93 -37.75 -7.24
N THR A 298 23.05 -36.56 -7.82
CA THR A 298 23.35 -35.35 -7.10
C THR A 298 22.30 -34.88 -6.08
N ILE A 299 20.99 -34.86 -6.44
CA ILE A 299 19.96 -34.27 -5.56
C ILE A 299 18.91 -35.28 -5.07
N LEU A 300 18.16 -35.90 -5.98
CA LEU A 300 17.01 -36.68 -5.58
C LEU A 300 17.39 -37.76 -4.60
N LYS A 301 18.33 -38.65 -4.94
CA LYS A 301 18.65 -39.78 -4.07
C LYS A 301 19.36 -39.44 -2.77
N PRO A 302 20.25 -38.44 -2.59
CA PRO A 302 20.71 -37.99 -1.27
C PRO A 302 19.62 -37.27 -0.52
N GLY A 303 18.78 -36.53 -1.25
CA GLY A 303 17.70 -35.80 -0.62
C GLY A 303 16.81 -36.80 0.11
N VAL A 304 16.32 -37.83 -0.61
CA VAL A 304 15.49 -38.87 -0.01
C VAL A 304 16.28 -39.49 1.15
N GLU A 305 17.58 -39.73 0.95
CA GLU A 305 18.36 -40.34 1.99
C GLU A 305 18.50 -39.41 3.18
N ALA A 306 18.49 -38.09 2.96
CA ALA A 306 18.64 -37.17 4.06
C ALA A 306 17.33 -37.03 4.81
N ASN A 307 16.24 -37.03 4.04
CA ASN A 307 14.92 -36.91 4.58
C ASN A 307 14.69 -38.10 5.46
N ASN A 308 15.15 -39.25 4.98
CA ASN A 308 14.93 -40.49 5.70
C ASN A 308 15.70 -40.57 7.01
N LYS A 309 16.90 -40.03 7.10
CA LYS A 309 17.63 -39.99 8.34
C LYS A 309 16.84 -39.07 9.25
N TRP A 310 16.34 -37.93 8.75
CA TRP A 310 15.62 -37.00 9.61
C TRP A 310 14.51 -37.68 10.40
N ASN A 311 13.78 -38.56 9.71
CA ASN A 311 12.66 -39.29 10.27
C ASN A 311 13.10 -40.16 11.41
N LYS A 312 14.27 -40.82 11.33
CA LYS A 312 14.65 -41.70 12.40
C LYS A 312 15.11 -40.88 13.58
N LEU A 313 15.86 -39.83 13.38
CA LEU A 313 16.24 -39.00 14.50
C LEU A 313 14.98 -38.36 15.11
N PHE A 314 13.93 -38.05 14.33
CA PHE A 314 12.76 -37.44 14.94
C PHE A 314 12.04 -38.46 15.83
N SER A 315 12.04 -39.71 15.45
CA SER A 315 11.44 -40.74 16.29
C SER A 315 12.20 -41.07 17.58
N GLU A 316 13.55 -40.96 17.57
CA GLU A 316 14.31 -41.11 18.80
C GLU A 316 14.07 -39.93 19.72
N TYR A 317 13.84 -38.76 19.12
CA TYR A 317 13.49 -37.56 19.83
C TYR A 317 12.15 -37.81 20.51
N GLN A 318 11.10 -38.30 19.84
CA GLN A 318 9.82 -38.54 20.49
C GLN A 318 9.90 -39.57 21.63
N LYS A 319 10.96 -40.39 21.62
CA LYS A 319 11.23 -41.32 22.72
C LYS A 319 11.91 -40.50 23.81
N LYS A 320 12.99 -39.80 23.48
CA LYS A 320 13.79 -39.07 24.43
C LYS A 320 13.09 -37.93 25.17
N PHE A 321 12.33 -37.12 24.44
CA PHE A 321 11.66 -35.95 25.01
C PHE A 321 10.19 -36.07 24.63
N PRO A 322 9.41 -36.91 25.30
CA PRO A 322 8.09 -37.32 24.89
C PRO A 322 7.11 -36.19 24.69
N GLU A 323 7.07 -35.20 25.58
CA GLU A 323 6.11 -34.12 25.44
C GLU A 323 6.46 -33.05 24.42
N LEU A 324 7.76 -32.66 24.26
CA LEU A 324 8.16 -31.76 23.17
C LEU A 324 8.00 -32.41 21.79
N GLY A 325 8.34 -33.69 21.79
CA GLY A 325 8.12 -34.54 20.66
C GLY A 325 6.64 -34.57 20.34
N ALA A 326 5.77 -34.74 21.34
CA ALA A 326 4.34 -34.76 21.10
C ALA A 326 3.84 -33.45 20.47
N GLU A 327 4.29 -32.32 21.03
CA GLU A 327 4.07 -30.97 20.51
C GLU A 327 4.45 -30.78 19.03
N LEU A 328 5.74 -30.97 18.68
CA LEU A 328 6.18 -30.82 17.31
C LEU A 328 5.45 -31.79 16.37
N ALA A 329 5.22 -33.01 16.80
CA ALA A 329 4.45 -33.97 16.01
C ALA A 329 3.04 -33.42 15.65
N ARG A 330 2.37 -32.76 16.60
CA ARG A 330 1.06 -32.18 16.34
C ARG A 330 1.10 -31.05 15.32
N ARG A 331 2.08 -30.12 15.54
CA ARG A 331 2.25 -28.94 14.69
C ARG A 331 2.55 -29.41 13.27
N LEU A 332 3.34 -30.45 13.19
CA LEU A 332 3.69 -30.98 11.88
C LEU A 332 2.46 -31.61 11.25
N SER A 333 1.47 -32.12 12.02
CA SER A 333 0.28 -32.68 11.36
C SER A 333 -0.66 -31.55 11.08
N GLY A 334 -0.40 -30.41 11.69
CA GLY A 334 -1.14 -29.21 11.40
C GLY A 334 -2.46 -29.09 12.16
N GLN A 335 -2.56 -29.84 13.23
CA GLN A 335 -3.76 -29.70 14.03
C GLN A 335 -3.28 -28.80 15.17
N LEU A 336 -4.28 -28.09 15.67
CA LEU A 336 -4.19 -27.19 16.81
C LEU A 336 -4.43 -28.07 18.04
N PRO A 337 -4.00 -27.77 19.26
CA PRO A 337 -4.27 -28.55 20.45
C PRO A 337 -5.74 -28.90 20.58
N ALA A 338 -6.08 -30.12 20.99
CA ALA A 338 -7.51 -30.45 21.11
C ALA A 338 -8.16 -29.60 22.18
N ASN A 339 -9.31 -29.15 21.69
CA ASN A 339 -10.24 -28.32 22.45
C ASN A 339 -9.62 -27.04 23.06
N TRP A 340 -8.59 -26.48 22.40
CA TRP A 340 -8.03 -25.17 22.76
C TRP A 340 -9.12 -24.10 23.05
N GLU A 341 -10.25 -24.17 22.29
CA GLU A 341 -11.35 -23.22 22.37
C GLU A 341 -11.85 -23.00 23.77
N SER A 342 -11.77 -23.97 24.66
CA SER A 342 -12.13 -23.79 26.04
C SER A 342 -11.28 -22.74 26.73
N LYS A 343 -10.17 -22.21 26.21
CA LYS A 343 -9.48 -21.16 26.95
C LYS A 343 -9.88 -19.74 26.52
N LEU A 344 -10.76 -19.67 25.51
CA LEU A 344 -11.28 -18.42 25.01
C LEU A 344 -12.29 -17.91 26.02
N PRO A 345 -12.18 -16.64 26.41
CA PRO A 345 -13.13 -15.89 27.25
C PRO A 345 -14.62 -15.79 26.89
N THR A 346 -15.58 -15.82 27.81
CA THR A 346 -16.95 -15.48 27.51
C THR A 346 -17.37 -14.45 28.57
N TYR A 347 -18.31 -13.60 28.20
CA TYR A 347 -18.81 -12.52 29.03
C TYR A 347 -20.33 -12.49 28.86
N THR A 348 -20.99 -11.80 29.77
CA THR A 348 -22.43 -11.56 29.84
C THR A 348 -22.62 -10.07 29.74
N ALA A 349 -23.80 -9.53 29.50
CA ALA A 349 -23.96 -8.08 29.56
C ALA A 349 -23.82 -7.57 31.00
N LYS A 350 -23.29 -8.30 31.99
CA LYS A 350 -23.15 -7.87 33.36
C LYS A 350 -21.77 -7.30 33.64
N ASP A 351 -20.79 -7.70 32.82
CA ASP A 351 -19.41 -7.32 33.06
C ASP A 351 -19.21 -5.98 32.39
N SER A 352 -18.09 -5.35 32.75
CA SER A 352 -17.83 -3.98 32.34
C SER A 352 -17.67 -3.78 30.85
N ALA A 353 -17.79 -2.51 30.47
CA ALA A 353 -17.52 -2.09 29.11
C ALA A 353 -15.99 -2.04 29.02
N VAL A 354 -15.46 -2.43 27.88
CA VAL A 354 -14.03 -2.58 27.69
C VAL A 354 -13.90 -2.36 26.21
N ALA A 355 -12.84 -1.67 25.78
CA ALA A 355 -12.57 -1.53 24.36
C ALA A 355 -12.28 -2.90 23.82
N THR A 356 -12.64 -3.13 22.58
CA THR A 356 -12.45 -4.43 21.95
C THR A 356 -10.95 -4.75 21.90
N ARG A 357 -10.16 -3.69 21.86
CA ARG A 357 -8.73 -3.74 21.96
C ARG A 357 -8.28 -4.30 23.30
N LYS A 358 -8.81 -3.95 24.49
CA LYS A 358 -8.28 -4.60 25.69
C LYS A 358 -8.83 -6.01 25.78
N LEU A 359 -10.01 -6.30 25.20
CA LEU A 359 -10.46 -7.71 25.15
C LEU A 359 -9.54 -8.60 24.27
N SER A 360 -9.02 -8.02 23.19
CA SER A 360 -8.13 -8.67 22.24
C SER A 360 -6.91 -9.15 23.03
N GLU A 361 -6.46 -8.28 23.94
CA GLU A 361 -5.27 -8.56 24.75
C GLU A 361 -5.47 -9.70 25.74
N THR A 362 -6.69 -9.79 26.23
CA THR A 362 -7.05 -10.85 27.14
C THR A 362 -7.13 -12.21 26.46
N VAL A 363 -7.51 -12.28 25.18
CA VAL A 363 -7.50 -13.52 24.42
C VAL A 363 -6.05 -13.92 24.41
N LEU A 364 -5.13 -13.04 23.96
CA LEU A 364 -3.72 -13.38 23.81
C LEU A 364 -3.18 -13.81 25.15
N GLU A 365 -3.52 -13.16 26.24
CA GLU A 365 -3.18 -13.63 27.57
C GLU A 365 -3.60 -15.05 27.88
N ASP A 366 -4.77 -15.42 27.42
CA ASP A 366 -5.33 -16.69 27.75
C ASP A 366 -4.93 -17.78 26.81
N VAL A 367 -4.63 -17.49 25.56
CA VAL A 367 -4.29 -18.56 24.65
C VAL A 367 -2.81 -18.83 24.42
N TYR A 368 -1.84 -17.93 24.64
CA TYR A 368 -0.44 -18.20 24.29
C TYR A 368 0.12 -19.43 24.99
N ASN A 369 -0.35 -19.75 26.17
CA ASN A 369 0.16 -20.88 26.95
C ASN A 369 -0.26 -22.24 26.39
N GLN A 370 -1.22 -22.19 25.48
CA GLN A 370 -1.87 -23.31 24.87
C GLN A 370 -1.40 -23.49 23.46
N LEU A 371 -0.91 -22.43 22.82
CA LEU A 371 -0.58 -22.57 21.43
C LEU A 371 0.85 -22.12 21.23
N PRO A 372 1.88 -22.97 21.44
CA PRO A 372 3.29 -22.57 21.29
C PRO A 372 3.56 -22.03 19.90
N GLU A 373 2.77 -22.30 18.88
CA GLU A 373 3.08 -21.90 17.53
C GLU A 373 2.56 -20.53 17.15
N LEU A 374 2.01 -19.80 18.13
CA LEU A 374 1.44 -18.47 18.00
C LEU A 374 2.60 -17.47 18.20
N ILE A 375 3.05 -16.75 17.18
CA ILE A 375 4.16 -15.81 17.32
C ILE A 375 3.63 -14.43 16.87
N GLY A 376 3.73 -13.45 17.78
CA GLY A 376 3.13 -12.17 17.50
C GLY A 376 4.05 -10.99 17.53
N GLY A 377 3.53 -9.80 17.25
CA GLY A 377 4.30 -8.60 17.23
C GLY A 377 3.44 -7.40 16.87
N SER A 378 4.19 -6.34 16.59
CA SER A 378 3.58 -5.08 16.32
C SER A 378 4.56 -4.25 15.54
N ALA A 379 4.07 -3.44 14.59
CA ALA A 379 4.90 -2.49 13.85
C ALA A 379 4.91 -1.18 14.66
N ASP A 380 5.77 -1.23 15.69
CA ASP A 380 6.01 -0.23 16.72
C ASP A 380 4.79 0.22 17.50
N LEU A 381 3.61 -0.38 17.48
CA LEU A 381 2.50 0.13 18.26
C LEU A 381 2.18 -0.70 19.49
N THR A 382 3.10 -1.47 20.08
CA THR A 382 2.78 -2.44 21.15
C THR A 382 1.87 -1.94 22.28
N PRO A 383 2.07 -0.77 22.89
CA PRO A 383 1.19 -0.28 23.92
C PRO A 383 -0.13 0.30 23.40
N SER A 384 -0.32 0.52 22.11
CA SER A 384 -1.58 0.98 21.55
C SER A 384 -2.47 -0.17 21.06
N ASN A 385 -1.77 -1.19 20.53
CA ASN A 385 -2.44 -2.36 20.01
C ASN A 385 -2.71 -3.35 21.11
N LEU A 386 -2.04 -3.29 22.27
CA LEU A 386 -2.21 -4.26 23.35
C LEU A 386 -2.16 -5.72 22.82
N THR A 387 -0.95 -5.99 22.32
CA THR A 387 -0.65 -7.12 21.46
C THR A 387 0.44 -8.04 22.04
N ARG A 388 0.88 -7.86 23.27
CA ARG A 388 1.93 -8.65 23.82
C ARG A 388 1.47 -9.10 25.17
N TRP A 389 1.58 -10.37 25.45
CA TRP A 389 1.22 -10.87 26.75
C TRP A 389 2.36 -10.60 27.74
N LYS A 390 2.02 -10.68 29.00
CA LYS A 390 2.86 -10.26 30.09
C LYS A 390 4.10 -11.08 30.30
N GLU A 391 4.01 -12.41 30.13
CA GLU A 391 5.13 -13.32 30.38
C GLU A 391 5.97 -13.57 29.10
N ALA A 392 5.79 -12.76 28.03
CA ALA A 392 6.47 -12.98 26.77
C ALA A 392 7.94 -12.63 26.85
N LEU A 393 8.65 -13.13 25.86
CA LEU A 393 10.06 -12.96 25.71
C LEU A 393 10.15 -12.61 24.25
N ASP A 394 10.86 -11.53 23.97
CA ASP A 394 11.02 -11.09 22.61
C ASP A 394 11.81 -11.98 21.66
N PHE A 395 11.48 -12.05 20.38
CA PHE A 395 12.28 -12.83 19.45
C PHE A 395 13.43 -11.88 19.13
N GLN A 396 14.68 -12.13 19.55
CA GLN A 396 15.85 -11.28 19.35
C GLN A 396 17.09 -12.13 19.11
N PRO A 397 18.25 -11.66 18.64
CA PRO A 397 19.49 -12.43 18.60
C PRO A 397 20.02 -12.60 20.01
N PRO A 398 20.56 -13.69 20.54
CA PRO A 398 20.93 -13.82 21.94
C PRO A 398 21.91 -12.77 22.45
N SER A 399 22.75 -12.23 21.59
CA SER A 399 23.68 -11.18 21.98
C SER A 399 23.04 -9.90 22.51
N SER A 400 21.81 -9.66 22.04
CA SER A 400 21.06 -8.46 22.35
C SER A 400 20.86 -8.26 23.83
N GLY A 401 20.76 -9.36 24.57
CA GLY A 401 20.49 -9.29 25.99
C GLY A 401 19.06 -8.83 26.29
N SER A 402 18.18 -8.68 25.30
CA SER A 402 16.82 -8.29 25.56
C SER A 402 15.94 -9.49 25.30
N GLY A 403 16.40 -10.48 24.52
CA GLY A 403 15.60 -11.65 24.20
C GLY A 403 16.43 -12.65 23.42
N ASN A 404 15.81 -13.63 22.77
CA ASN A 404 16.58 -14.61 22.04
C ASN A 404 15.72 -15.25 20.99
N TYR A 405 16.20 -16.21 20.21
CA TYR A 405 15.41 -16.75 19.13
C TYR A 405 14.27 -17.69 19.52
N SER A 406 14.15 -18.07 20.79
CA SER A 406 13.04 -18.92 21.18
C SER A 406 11.86 -17.98 21.42
N GLY A 407 12.12 -16.69 21.67
CA GLY A 407 11.09 -15.72 21.94
C GLY A 407 10.01 -15.69 20.87
N ARG A 408 8.83 -15.29 21.34
CA ARG A 408 7.66 -15.24 20.50
C ARG A 408 7.04 -13.86 20.27
N TYR A 409 7.75 -12.77 20.64
CA TYR A 409 7.28 -11.43 20.39
C TYR A 409 8.26 -10.64 19.51
N ILE A 410 7.93 -10.58 18.24
CA ILE A 410 8.68 -9.85 17.27
C ILE A 410 8.43 -8.34 17.35
N ARG A 411 9.47 -7.52 17.47
CA ARG A 411 9.34 -6.08 17.43
C ARG A 411 9.52 -5.64 15.98
N TYR A 412 8.54 -5.24 15.15
CA TYR A 412 8.84 -4.94 13.75
C TYR A 412 9.28 -3.54 13.36
N GLY A 413 9.29 -2.57 14.30
CA GLY A 413 9.69 -1.23 13.91
C GLY A 413 8.60 -0.65 13.03
N ILE A 414 8.80 0.43 12.33
CA ILE A 414 7.70 1.02 11.61
C ILE A 414 7.76 0.50 10.18
N ARG A 415 7.39 -0.78 10.09
CA ARG A 415 7.54 -1.52 8.84
C ARG A 415 6.28 -2.33 8.56
N GLU A 416 5.20 -1.69 8.14
CA GLU A 416 3.97 -2.44 7.95
C GLU A 416 4.02 -3.40 6.81
N HIS A 417 4.47 -2.90 5.65
CA HIS A 417 4.39 -3.75 4.47
C HIS A 417 5.29 -4.91 4.63
N ALA A 418 6.42 -4.68 5.30
CA ALA A 418 7.36 -5.74 5.61
C ALA A 418 6.72 -6.78 6.52
N MET A 419 6.06 -6.38 7.60
CA MET A 419 5.40 -7.27 8.54
C MET A 419 4.32 -8.07 7.84
N GLY A 420 3.66 -7.52 6.84
CA GLY A 420 2.65 -8.28 6.10
C GLY A 420 3.22 -9.52 5.40
N ALA A 421 4.34 -9.29 4.69
CA ALA A 421 5.08 -10.28 3.96
C ALA A 421 5.91 -11.17 4.85
N ILE A 422 6.48 -10.71 5.94
CA ILE A 422 7.26 -11.54 6.84
C ILE A 422 6.25 -12.49 7.46
N MET A 423 5.03 -12.00 7.81
CA MET A 423 3.95 -12.86 8.33
C MET A 423 3.58 -13.94 7.35
N ASN A 424 3.39 -13.65 6.07
CA ASN A 424 3.21 -14.65 5.04
C ASN A 424 4.38 -15.62 5.01
N GLY A 425 5.63 -15.20 5.11
CA GLY A 425 6.72 -16.15 5.10
C GLY A 425 6.70 -17.03 6.36
N ILE A 426 6.35 -16.54 7.55
CA ILE A 426 6.37 -17.40 8.73
C ILE A 426 5.27 -18.47 8.59
N SER A 427 4.17 -18.07 7.93
CA SER A 427 3.09 -18.99 7.81
C SER A 427 3.50 -19.96 6.72
N ALA A 428 4.16 -19.57 5.62
CA ALA A 428 4.49 -20.53 4.58
C ALA A 428 5.60 -21.53 4.95
N PHE A 429 6.23 -21.35 6.11
CA PHE A 429 7.29 -22.22 6.60
C PHE A 429 6.71 -23.59 6.96
N GLY A 430 5.58 -23.61 7.64
CA GLY A 430 5.00 -24.84 8.13
C GLY A 430 5.11 -24.92 9.64
N ALA A 431 5.06 -26.14 10.19
CA ALA A 431 5.02 -26.44 11.62
C ALA A 431 3.98 -25.65 12.38
N ASN A 432 2.90 -25.38 11.66
CA ASN A 432 1.70 -24.72 12.18
C ASN A 432 1.78 -23.32 12.79
N TYR A 433 2.77 -22.55 12.31
CA TYR A 433 3.03 -21.20 12.76
C TYR A 433 1.80 -20.38 12.51
N LYS A 434 1.33 -19.88 13.61
CA LYS A 434 0.24 -18.93 13.58
C LYS A 434 0.85 -17.53 13.82
N PRO A 435 1.20 -16.79 12.75
CA PRO A 435 1.64 -15.42 12.83
C PRO A 435 0.56 -14.31 13.02
N TYR A 436 0.77 -13.36 13.94
CA TYR A 436 -0.05 -12.15 13.93
C TYR A 436 0.84 -10.92 14.11
N GLY A 437 0.27 -9.80 13.66
CA GLY A 437 0.94 -8.52 13.72
C GLY A 437 -0.07 -7.41 13.88
N GLY A 438 0.20 -6.51 14.81
CA GLY A 438 -0.70 -5.37 15.03
C GLY A 438 -0.20 -4.06 14.43
N THR A 439 -1.18 -3.23 14.22
CA THR A 439 -0.96 -1.87 13.84
C THR A 439 -2.34 -1.19 14.00
N PHE A 440 -2.47 0.03 13.49
CA PHE A 440 -3.71 0.79 13.46
C PHE A 440 -4.36 0.40 12.13
N LEU A 441 -5.64 0.07 12.08
CA LEU A 441 -6.32 -0.26 10.84
C LEU A 441 -6.00 0.74 9.73
N ASN A 442 -5.76 2.02 10.01
CA ASN A 442 -5.50 2.89 8.86
C ASN A 442 -4.20 2.59 8.05
N PHE A 443 -3.23 1.96 8.70
CA PHE A 443 -1.92 1.76 8.12
C PHE A 443 -1.71 0.35 7.59
N VAL A 444 -2.72 -0.52 7.75
CA VAL A 444 -2.73 -1.81 7.12
C VAL A 444 -2.82 -1.59 5.60
N SER A 445 -3.29 -0.45 5.15
CA SER A 445 -3.33 -0.06 3.75
C SER A 445 -1.95 0.15 3.12
N TYR A 446 -0.99 0.46 3.98
CA TYR A 446 0.40 0.51 3.58
C TYR A 446 0.88 -0.88 3.10
N ALA A 447 0.42 -1.91 3.83
CA ALA A 447 0.75 -3.30 3.63
C ALA A 447 0.05 -4.03 2.49
N ALA A 448 -0.77 -3.31 1.72
CA ALA A 448 -1.73 -3.88 0.78
C ALA A 448 -1.19 -4.83 -0.31
N GLY A 449 0.07 -4.70 -0.67
CA GLY A 449 0.64 -5.63 -1.64
C GLY A 449 0.80 -6.99 -0.98
N ALA A 450 1.20 -6.94 0.30
CA ALA A 450 1.46 -8.15 1.03
C ALA A 450 0.14 -8.80 1.39
N VAL A 451 -0.85 -7.98 1.85
CA VAL A 451 -2.14 -8.52 2.23
C VAL A 451 -2.86 -9.10 1.01
N ARG A 452 -2.89 -8.54 -0.19
CA ARG A 452 -3.51 -9.21 -1.34
C ARG A 452 -2.89 -10.56 -1.59
N LEU A 453 -1.59 -10.70 -1.36
CA LEU A 453 -0.98 -11.99 -1.54
C LEU A 453 -1.32 -12.92 -0.37
N SER A 454 -1.59 -12.53 0.90
CA SER A 454 -2.08 -13.50 1.90
C SER A 454 -3.41 -14.08 1.44
N ALA A 455 -4.19 -13.29 0.70
CA ALA A 455 -5.44 -13.71 0.15
C ALA A 455 -5.28 -14.56 -1.08
N LEU A 456 -4.47 -14.20 -2.08
CA LEU A 456 -4.27 -15.03 -3.28
C LEU A 456 -3.72 -16.44 -2.98
N SER A 457 -2.75 -16.53 -2.08
CA SER A 457 -2.17 -17.81 -1.73
C SER A 457 -2.99 -18.48 -0.66
N GLY A 458 -3.79 -17.75 0.11
CA GLY A 458 -4.48 -18.37 1.21
C GLY A 458 -3.49 -18.55 2.33
N HIS A 459 -2.88 -17.55 2.92
CA HIS A 459 -1.94 -17.79 4.00
C HIS A 459 -2.75 -17.32 5.19
N PRO A 460 -3.14 -18.13 6.20
CA PRO A 460 -3.91 -17.66 7.34
C PRO A 460 -3.16 -16.77 8.34
N VAL A 461 -2.61 -15.63 7.86
CA VAL A 461 -2.04 -14.64 8.81
C VAL A 461 -3.13 -13.79 9.47
N ILE A 462 -2.87 -13.32 10.69
CA ILE A 462 -3.81 -12.46 11.41
C ILE A 462 -3.23 -11.08 11.70
N TRP A 463 -4.00 -10.12 11.20
CA TRP A 463 -3.80 -8.71 11.43
C TRP A 463 -4.69 -8.28 12.58
N VAL A 464 -4.13 -7.69 13.63
CA VAL A 464 -4.84 -7.19 14.80
C VAL A 464 -4.90 -5.69 14.51
N ALA A 465 -5.87 -5.19 13.75
CA ALA A 465 -5.86 -3.80 13.36
C ALA A 465 -6.57 -2.86 14.37
N THR A 466 -5.97 -2.30 15.41
CA THR A 466 -6.76 -1.51 16.33
C THR A 466 -7.03 -0.11 15.82
N HIS A 467 -7.82 0.74 16.53
CA HIS A 467 -8.12 2.14 16.17
C HIS A 467 -8.84 2.17 14.83
N ASP A 468 -10.07 1.64 14.87
CA ASP A 468 -10.80 1.34 13.66
C ASP A 468 -11.73 2.37 13.03
N SER A 469 -11.83 3.58 13.63
CA SER A 469 -12.68 4.69 13.17
C SER A 469 -12.33 6.00 13.89
N ILE A 470 -13.17 7.01 13.57
CA ILE A 470 -13.22 8.29 14.24
C ILE A 470 -13.27 8.23 15.75
N GLY A 471 -13.50 7.08 16.42
CA GLY A 471 -13.46 7.00 17.86
C GLY A 471 -12.04 7.10 18.32
N VAL A 472 -11.05 7.04 17.40
CA VAL A 472 -9.64 7.47 17.64
C VAL A 472 -9.61 8.92 18.16
N GLY A 473 -10.34 9.79 17.44
CA GLY A 473 -10.64 11.11 17.90
C GLY A 473 -9.70 12.15 17.39
N GLU A 474 -8.97 12.66 18.39
CA GLU A 474 -8.06 13.81 18.23
C GLU A 474 -6.90 13.58 17.29
N ASP A 475 -6.41 12.38 16.98
CA ASP A 475 -5.39 12.26 15.96
C ASP A 475 -5.80 12.70 14.57
N GLY A 476 -7.10 12.67 14.35
CA GLY A 476 -7.66 13.25 13.17
C GLY A 476 -7.69 12.38 11.95
N PRO A 477 -8.00 12.94 10.78
CA PRO A 477 -8.29 12.22 9.56
C PRO A 477 -7.16 11.45 8.94
N THR A 478 -5.92 11.84 9.18
CA THR A 478 -4.80 11.06 8.70
C THR A 478 -4.80 9.70 9.44
N HIS A 479 -5.39 9.55 10.61
CA HIS A 479 -5.36 8.30 11.36
C HIS A 479 -6.76 7.68 11.50
N GLN A 480 -7.76 7.99 10.65
CA GLN A 480 -9.14 7.53 10.81
C GLN A 480 -9.58 6.80 9.58
N PRO A 481 -9.73 5.47 9.63
CA PRO A 481 -10.12 4.61 8.49
C PRO A 481 -11.46 5.05 7.99
N ILE A 482 -11.68 5.17 6.67
CA ILE A 482 -13.00 5.50 6.09
C ILE A 482 -13.39 4.37 5.11
N GLU A 483 -12.45 4.14 4.17
CA GLU A 483 -12.53 3.20 3.02
C GLU A 483 -11.91 1.82 3.32
N THR A 484 -11.17 1.70 4.42
CA THR A 484 -10.36 0.54 4.72
C THR A 484 -11.02 -0.82 4.66
N LEU A 485 -12.10 -0.99 5.41
CA LEU A 485 -12.84 -2.23 5.43
C LEU A 485 -13.52 -2.49 4.10
N ALA A 486 -14.08 -1.48 3.48
CA ALA A 486 -14.81 -1.58 2.25
C ALA A 486 -13.97 -2.17 1.14
N HIS A 487 -12.74 -1.67 1.14
CA HIS A 487 -11.66 -2.15 0.29
C HIS A 487 -11.47 -3.63 0.53
N PHE A 488 -11.12 -3.97 1.77
CA PHE A 488 -10.67 -5.30 2.03
C PHE A 488 -11.85 -6.26 1.95
N ARG A 489 -13.09 -5.79 2.02
CA ARG A 489 -14.27 -6.67 1.85
C ARG A 489 -14.56 -6.88 0.36
N SER A 490 -13.92 -6.16 -0.55
CA SER A 490 -14.06 -6.38 -1.97
C SER A 490 -12.97 -7.34 -2.41
N LEU A 491 -12.05 -7.78 -1.51
CA LEU A 491 -10.93 -8.65 -1.87
C LEU A 491 -11.33 -10.11 -1.58
N PRO A 492 -11.29 -11.03 -2.57
CA PRO A 492 -11.69 -12.41 -2.39
C PRO A 492 -10.82 -13.08 -1.33
N ASN A 493 -11.43 -13.88 -0.50
CA ASN A 493 -10.73 -14.70 0.48
C ASN A 493 -9.95 -14.01 1.54
N ILE A 494 -10.63 -13.21 2.34
CA ILE A 494 -10.04 -12.63 3.53
C ILE A 494 -11.23 -12.31 4.43
N GLN A 495 -11.03 -12.65 5.72
CA GLN A 495 -11.99 -12.39 6.80
C GLN A 495 -11.68 -11.02 7.40
N VAL A 496 -12.69 -10.20 7.61
CA VAL A 496 -12.54 -8.85 8.10
C VAL A 496 -13.49 -8.80 9.27
N TRP A 497 -13.06 -9.21 10.46
CA TRP A 497 -13.91 -9.24 11.63
C TRP A 497 -14.05 -7.86 12.19
N ARG A 498 -15.18 -7.34 12.62
CA ARG A 498 -15.17 -6.07 13.29
C ARG A 498 -15.99 -6.32 14.56
N PRO A 499 -15.54 -7.03 15.60
CA PRO A 499 -16.29 -7.33 16.82
C PRO A 499 -16.96 -6.23 17.56
N ALA A 500 -18.10 -6.55 18.17
CA ALA A 500 -18.80 -5.57 18.99
C ALA A 500 -18.58 -5.68 20.50
N ASP A 501 -18.12 -6.80 21.00
CA ASP A 501 -17.96 -6.95 22.44
C ASP A 501 -17.14 -8.23 22.65
N GLY A 502 -16.93 -8.56 23.93
CA GLY A 502 -16.19 -9.72 24.42
C GLY A 502 -16.51 -11.02 23.76
N ASN A 503 -17.77 -11.45 23.68
CA ASN A 503 -18.05 -12.73 23.02
C ASN A 503 -17.71 -12.67 21.54
N GLU A 504 -18.02 -11.57 20.86
CA GLU A 504 -17.70 -11.45 19.45
C GLU A 504 -16.20 -11.37 19.21
N VAL A 505 -15.36 -10.85 20.14
CA VAL A 505 -13.92 -10.85 19.95
C VAL A 505 -13.48 -12.33 20.01
N SER A 506 -13.90 -13.14 21.02
CA SER A 506 -13.57 -14.56 21.09
C SER A 506 -13.98 -15.33 19.85
N ALA A 507 -15.01 -14.94 19.16
CA ALA A 507 -15.40 -15.66 17.97
C ALA A 507 -14.51 -15.28 16.81
N ALA A 508 -14.02 -14.05 16.79
CA ALA A 508 -13.12 -13.59 15.73
C ALA A 508 -11.79 -14.29 15.92
N TYR A 509 -11.23 -14.39 17.13
CA TYR A 509 -10.05 -15.18 17.38
C TYR A 509 -10.15 -16.67 17.06
N LYS A 510 -11.17 -17.35 17.55
CA LYS A 510 -11.51 -18.72 17.19
C LYS A 510 -11.53 -18.98 15.69
N ASN A 511 -12.40 -18.35 14.90
CA ASN A 511 -12.45 -18.56 13.46
C ASN A 511 -11.17 -18.19 12.71
N SER A 512 -10.46 -17.16 13.14
CA SER A 512 -9.20 -16.76 12.51
C SER A 512 -8.16 -17.82 12.77
N LEU A 513 -7.98 -18.19 14.05
CA LEU A 513 -6.97 -19.16 14.41
C LEU A 513 -7.27 -20.54 13.88
N GLU A 514 -8.53 -20.95 13.74
CA GLU A 514 -8.84 -22.25 13.18
C GLU A 514 -8.75 -22.26 11.64
N SER A 515 -8.51 -21.14 10.99
CA SER A 515 -8.45 -21.11 9.55
C SER A 515 -7.17 -21.66 9.00
N LYS A 516 -7.34 -22.42 7.93
CA LYS A 516 -6.20 -22.93 7.21
C LYS A 516 -6.00 -22.21 5.90
N HIS A 517 -6.89 -21.40 5.31
CA HIS A 517 -6.67 -20.91 3.94
C HIS A 517 -7.11 -19.48 3.69
N THR A 518 -7.55 -18.79 4.75
CA THR A 518 -8.03 -17.45 4.67
C THR A 518 -7.30 -16.65 5.74
N PRO A 519 -6.70 -15.53 5.37
CA PRO A 519 -6.12 -14.55 6.30
C PRO A 519 -7.19 -13.80 7.08
N SER A 520 -6.92 -13.01 8.10
CA SER A 520 -7.95 -12.27 8.82
C SER A 520 -7.44 -10.93 9.27
N ILE A 521 -8.38 -9.99 9.35
CA ILE A 521 -8.15 -8.65 9.86
C ILE A 521 -9.07 -8.53 11.05
N ILE A 522 -8.69 -8.32 12.31
CA ILE A 522 -9.66 -8.09 13.37
C ILE A 522 -9.58 -6.57 13.65
N ALA A 523 -10.63 -5.84 13.25
CA ALA A 523 -10.68 -4.38 13.34
C ALA A 523 -11.13 -4.03 14.74
N LEU A 524 -10.42 -3.25 15.57
CA LEU A 524 -10.78 -3.19 17.00
C LEU A 524 -10.89 -1.81 17.53
N SER A 525 -11.66 -1.56 18.56
CA SER A 525 -11.92 -0.19 18.97
C SER A 525 -10.86 0.33 19.95
N ARG A 526 -10.60 1.66 19.90
CA ARG A 526 -9.77 2.31 20.89
C ARG A 526 -10.60 2.43 22.18
N GLN A 527 -11.87 2.75 22.01
CA GLN A 527 -12.77 3.08 23.09
C GLN A 527 -13.66 1.95 23.57
N ASN A 528 -13.99 2.10 24.85
CA ASN A 528 -14.89 1.25 25.59
C ASN A 528 -16.22 0.99 24.95
N LEU A 529 -16.58 -0.27 24.92
CA LEU A 529 -17.82 -0.69 24.34
C LEU A 529 -18.37 -1.67 25.37
N PRO A 530 -19.68 -1.55 25.70
CA PRO A 530 -20.44 -2.43 26.61
C PRO A 530 -20.68 -3.84 26.09
N GLN A 531 -20.86 -4.71 27.08
CA GLN A 531 -21.15 -6.11 26.81
C GLN A 531 -22.62 -6.16 26.41
N LEU A 532 -22.86 -6.94 25.35
CA LEU A 532 -24.19 -7.04 24.77
C LEU A 532 -25.00 -8.21 25.28
N GLU A 533 -26.27 -7.87 25.46
CA GLU A 533 -27.26 -8.83 25.90
C GLU A 533 -27.58 -9.64 24.68
N GLY A 534 -26.93 -10.79 24.77
CA GLY A 534 -27.17 -11.85 23.81
C GLY A 534 -26.10 -12.05 22.74
N SER A 535 -24.86 -11.70 22.99
CA SER A 535 -23.86 -12.00 21.98
C SER A 535 -23.39 -13.39 22.36
N SER A 536 -22.78 -14.20 21.50
CA SER A 536 -22.29 -15.49 21.94
C SER A 536 -21.26 -15.95 20.96
N ILE A 537 -20.22 -16.67 21.42
CA ILE A 537 -19.16 -17.16 20.52
C ILE A 537 -19.78 -17.97 19.39
N GLU A 538 -20.65 -18.87 19.79
CA GLU A 538 -21.42 -19.71 18.92
C GLU A 538 -22.14 -18.92 17.81
N SER A 539 -22.97 -17.94 18.16
CA SER A 539 -23.65 -17.12 17.18
C SER A 539 -22.78 -16.23 16.34
N ALA A 540 -21.78 -15.59 16.96
CA ALA A 540 -20.94 -14.64 16.21
C ALA A 540 -20.01 -15.37 15.23
N SER A 541 -19.75 -16.65 15.50
CA SER A 541 -19.00 -17.54 14.61
C SER A 541 -19.69 -17.75 13.30
N LYS A 542 -20.96 -17.39 13.12
CA LYS A 542 -21.61 -17.55 11.83
C LYS A 542 -21.40 -16.29 11.04
N GLY A 543 -20.74 -15.27 11.65
CA GLY A 543 -20.43 -14.01 11.00
C GLY A 543 -21.56 -13.02 10.90
N GLY A 544 -22.80 -13.40 11.20
CA GLY A 544 -23.97 -12.57 11.11
C GLY A 544 -25.08 -13.34 11.80
N TYR A 545 -25.76 -12.69 12.71
CA TYR A 545 -26.83 -13.31 13.44
C TYR A 545 -27.84 -12.30 14.02
N VAL A 546 -29.09 -12.70 14.29
CA VAL A 546 -30.08 -11.80 14.87
C VAL A 546 -29.64 -11.57 16.30
N LEU A 547 -29.30 -10.35 16.75
CA LEU A 547 -28.91 -10.10 18.14
C LEU A 547 -30.14 -9.88 18.98
N GLN A 548 -31.12 -9.10 18.44
CA GLN A 548 -32.39 -8.75 19.14
C GLN A 548 -33.52 -8.85 18.15
N ASP A 549 -34.46 -9.75 18.47
CA ASP A 549 -35.60 -10.08 17.62
C ASP A 549 -36.88 -9.53 18.25
N VAL A 550 -37.88 -9.39 17.39
CA VAL A 550 -39.23 -8.95 17.75
C VAL A 550 -40.13 -9.68 16.80
N ALA A 551 -41.41 -9.76 17.12
CA ALA A 551 -42.29 -10.31 16.14
C ALA A 551 -42.81 -9.12 15.36
N ASN A 552 -42.85 -9.44 14.06
CA ASN A 552 -43.33 -8.64 12.96
C ASN A 552 -42.73 -7.25 13.01
N PRO A 553 -41.40 -7.14 12.73
CA PRO A 553 -40.64 -5.91 12.84
C PRO A 553 -40.89 -5.00 11.65
N ASP A 554 -40.75 -3.75 12.06
CA ASP A 554 -40.94 -2.61 11.20
C ASP A 554 -39.69 -2.32 10.41
N ILE A 555 -38.55 -2.46 11.07
CA ILE A 555 -37.28 -2.22 10.43
C ILE A 555 -36.32 -3.32 10.90
N ILE A 556 -35.31 -3.67 10.10
CA ILE A 556 -34.18 -4.45 10.64
C ILE A 556 -33.02 -3.47 10.51
N LEU A 557 -32.32 -3.27 11.63
CA LEU A 557 -31.10 -2.49 11.71
C LEU A 557 -29.94 -3.49 11.70
N VAL A 558 -28.88 -3.33 10.89
CA VAL A 558 -27.71 -4.22 10.83
C VAL A 558 -26.46 -3.34 11.14
N ALA A 559 -25.72 -3.70 12.19
CA ALA A 559 -24.56 -2.94 12.58
C ALA A 559 -23.34 -3.84 12.77
N THR A 560 -22.14 -3.27 12.63
CA THR A 560 -20.91 -4.02 12.89
C THR A 560 -20.14 -3.29 14.01
N GLY A 561 -19.28 -3.89 14.82
CA GLY A 561 -18.40 -3.21 15.78
C GLY A 561 -19.15 -2.30 16.72
N SER A 562 -18.58 -1.15 17.13
CA SER A 562 -19.20 -0.13 18.00
C SER A 562 -20.61 0.33 17.63
N GLU A 563 -21.11 0.09 16.40
CA GLU A 563 -22.43 0.52 16.04
C GLU A 563 -23.50 -0.45 16.45
N VAL A 564 -23.20 -1.63 16.98
CA VAL A 564 -24.21 -2.62 17.37
C VAL A 564 -24.82 -2.04 18.62
N SER A 565 -24.02 -1.60 19.61
CA SER A 565 -24.58 -1.03 20.83
C SER A 565 -25.38 0.22 20.53
N LEU A 566 -24.89 1.04 19.60
CA LEU A 566 -25.55 2.29 19.29
C LEU A 566 -26.89 1.96 18.68
N SER A 567 -26.91 0.87 17.88
CA SER A 567 -28.15 0.41 17.30
C SER A 567 -29.07 -0.19 18.34
N VAL A 568 -28.62 -0.79 19.42
CA VAL A 568 -29.49 -1.36 20.44
C VAL A 568 -30.20 -0.25 21.19
N GLU A 569 -29.47 0.84 21.39
CA GLU A 569 -29.95 2.00 22.07
C GLU A 569 -30.97 2.72 21.19
N ALA A 570 -30.70 2.88 19.91
CA ALA A 570 -31.62 3.50 19.00
C ALA A 570 -32.87 2.68 18.89
N ALA A 571 -32.71 1.36 19.08
CA ALA A 571 -33.79 0.40 19.10
C ALA A 571 -34.69 0.63 20.30
N LYS A 572 -34.19 0.87 21.53
CA LYS A 572 -35.05 1.28 22.64
C LYS A 572 -35.88 2.50 22.28
N THR A 573 -35.23 3.55 21.79
CA THR A 573 -35.87 4.76 21.34
C THR A 573 -36.93 4.43 20.33
N LEU A 574 -36.68 3.58 19.32
CA LEU A 574 -37.75 3.38 18.36
C LEU A 574 -38.95 2.70 19.01
N ALA A 575 -38.71 1.90 20.04
CA ALA A 575 -39.74 1.13 20.71
C ALA A 575 -40.72 1.95 21.50
N ALA A 576 -40.20 2.92 22.19
CA ALA A 576 -41.03 3.84 22.93
C ALA A 576 -41.93 4.63 21.97
N LYS A 577 -41.70 4.74 20.66
CA LYS A 577 -42.68 5.39 19.78
C LYS A 577 -43.41 4.26 19.09
N ASN A 578 -43.44 3.11 19.76
CA ASN A 578 -44.03 1.88 19.26
C ASN A 578 -43.55 1.33 17.93
N ILE A 579 -42.23 1.30 17.67
CA ILE A 579 -41.71 0.71 16.45
C ILE A 579 -40.87 -0.50 16.86
N LYS A 580 -41.16 -1.67 16.27
CA LYS A 580 -40.43 -2.91 16.54
C LYS A 580 -39.27 -3.01 15.55
N ALA A 581 -38.07 -3.07 16.08
CA ALA A 581 -36.90 -3.04 15.26
C ALA A 581 -36.09 -4.26 15.63
N ARG A 582 -35.68 -5.03 14.66
CA ARG A 582 -34.79 -6.13 14.95
C ARG A 582 -33.33 -5.65 14.79
N VAL A 583 -32.42 -5.99 15.72
CA VAL A 583 -31.01 -5.56 15.62
C VAL A 583 -30.17 -6.76 15.18
N VAL A 584 -29.51 -6.72 14.03
CA VAL A 584 -28.60 -7.78 13.56
C VAL A 584 -27.14 -7.34 13.68
N SER A 585 -26.31 -8.28 14.11
CA SER A 585 -24.89 -8.02 14.29
C SER A 585 -24.16 -8.79 13.23
N LEU A 586 -23.49 -8.12 12.31
CA LEU A 586 -22.81 -8.81 11.23
C LEU A 586 -21.29 -8.78 11.48
N PRO A 587 -20.61 -9.42 12.46
CA PRO A 587 -19.17 -9.32 12.65
C PRO A 587 -18.27 -9.61 11.49
N ASP A 588 -18.67 -10.37 10.47
CA ASP A 588 -17.77 -10.58 9.33
C ASP A 588 -18.52 -10.90 8.08
N PHE A 589 -18.40 -10.12 7.02
CA PHE A 589 -19.08 -10.38 5.76
C PHE A 589 -18.77 -11.76 5.24
N PHE A 590 -17.47 -12.08 5.14
CA PHE A 590 -16.95 -13.35 4.61
C PHE A 590 -17.55 -14.62 5.24
N THR A 591 -17.36 -14.76 6.56
CA THR A 591 -17.93 -15.85 7.32
C THR A 591 -19.44 -15.98 7.22
N PHE A 592 -20.18 -14.87 7.19
CA PHE A 592 -21.63 -14.90 7.12
C PHE A 592 -21.97 -15.34 5.70
N ASP A 593 -21.32 -14.84 4.66
CA ASP A 593 -21.59 -15.31 3.32
C ASP A 593 -21.21 -16.78 3.20
N LYS A 594 -20.41 -17.36 4.09
CA LYS A 594 -20.13 -18.80 3.98
C LYS A 594 -21.25 -19.70 4.51
N GLN A 595 -22.26 -19.05 5.07
CA GLN A 595 -23.43 -19.70 5.58
C GLN A 595 -24.32 -20.13 4.44
N PRO A 596 -25.14 -21.18 4.68
CA PRO A 596 -26.16 -21.58 3.74
C PRO A 596 -27.24 -20.52 3.64
N LEU A 597 -27.69 -20.31 2.41
CA LEU A 597 -28.65 -19.30 2.07
C LEU A 597 -29.81 -19.20 3.02
N GLU A 598 -30.51 -20.29 3.25
CA GLU A 598 -31.61 -20.37 4.20
C GLU A 598 -31.21 -19.85 5.60
N TYR A 599 -29.97 -19.90 6.03
CA TYR A 599 -29.58 -19.20 7.24
C TYR A 599 -29.59 -17.69 6.97
N ARG A 600 -28.92 -17.30 5.91
CA ARG A 600 -28.74 -15.91 5.61
C ARG A 600 -30.07 -15.21 5.46
N LEU A 601 -31.00 -15.83 4.76
CA LEU A 601 -32.33 -15.28 4.59
C LEU A 601 -33.18 -15.34 5.86
N SER A 602 -32.79 -15.95 6.97
CA SER A 602 -33.56 -15.86 8.17
C SER A 602 -33.04 -14.65 8.91
N VAL A 603 -31.75 -14.34 8.72
CA VAL A 603 -31.18 -13.17 9.35
C VAL A 603 -31.62 -11.93 8.55
N LEU A 604 -31.60 -11.93 7.22
CA LEU A 604 -32.04 -10.77 6.44
C LEU A 604 -33.20 -11.11 5.52
N PRO A 605 -34.43 -11.17 6.07
CA PRO A 605 -35.57 -11.58 5.35
C PRO A 605 -36.14 -10.57 4.36
N ASP A 606 -37.07 -11.10 3.55
CA ASP A 606 -37.84 -10.34 2.59
C ASP A 606 -38.87 -9.57 3.37
N ASN A 607 -39.43 -8.66 2.58
CA ASN A 607 -40.51 -7.78 2.99
C ASN A 607 -40.28 -7.04 4.31
N VAL A 608 -39.09 -6.54 4.68
CA VAL A 608 -38.91 -5.73 5.87
C VAL A 608 -37.88 -4.78 5.34
N PRO A 609 -37.96 -3.44 5.37
CA PRO A 609 -36.82 -2.58 5.14
C PRO A 609 -35.68 -2.91 6.12
N ILE A 610 -34.49 -2.85 5.51
CA ILE A 610 -33.26 -3.19 6.25
C ILE A 610 -32.33 -1.98 6.14
N MET A 611 -31.80 -1.46 7.24
CA MET A 611 -30.92 -0.28 7.24
C MET A 611 -29.62 -0.63 7.93
N SER A 612 -28.45 -0.27 7.37
CA SER A 612 -27.17 -0.56 8.00
C SER A 612 -26.64 0.67 8.74
N VAL A 613 -25.91 0.48 9.85
CA VAL A 613 -25.38 1.57 10.65
C VAL A 613 -23.88 1.25 10.80
N GLU A 614 -22.92 2.00 10.26
CA GLU A 614 -21.46 1.74 10.47
C GLU A 614 -20.74 3.01 10.07
N VAL A 615 -19.90 3.51 10.99
CA VAL A 615 -19.28 4.81 10.79
C VAL A 615 -18.13 4.82 9.80
N LEU A 616 -18.19 4.06 8.70
CA LEU A 616 -17.13 4.02 7.70
C LEU A 616 -17.86 4.13 6.37
N ALA A 617 -17.29 3.90 5.18
CA ALA A 617 -17.98 4.12 3.93
C ALA A 617 -19.21 3.25 3.69
N THR A 618 -20.25 3.78 3.07
CA THR A 618 -21.42 2.97 2.76
C THR A 618 -21.25 2.14 1.50
N THR A 619 -20.24 2.30 0.68
CA THR A 619 -20.10 1.56 -0.55
C THR A 619 -20.16 0.00 -0.49
N CYS A 620 -19.71 -0.75 0.55
CA CYS A 620 -19.84 -2.21 0.51
C CYS A 620 -21.28 -2.76 0.94
N TRP A 621 -22.17 -1.90 1.50
CA TRP A 621 -23.43 -2.30 2.13
C TRP A 621 -24.70 -2.62 1.39
N GLY A 622 -24.72 -2.28 0.11
CA GLY A 622 -25.84 -2.54 -0.76
C GLY A 622 -26.20 -4.00 -0.84
N LYS A 623 -25.27 -4.91 -0.54
CA LYS A 623 -25.56 -6.34 -0.60
C LYS A 623 -26.32 -6.85 0.59
N TYR A 624 -26.37 -6.11 1.70
CA TYR A 624 -27.18 -6.52 2.83
C TYR A 624 -28.34 -5.59 3.19
N ALA A 625 -28.36 -4.33 2.75
CA ALA A 625 -29.38 -3.42 3.18
C ALA A 625 -29.90 -2.57 2.03
N HIS A 626 -31.04 -1.93 2.30
CA HIS A 626 -31.78 -1.10 1.35
C HIS A 626 -31.32 0.40 1.41
N GLN A 627 -31.01 0.90 2.62
CA GLN A 627 -30.63 2.24 2.89
C GLN A 627 -29.53 2.12 3.94
N SER A 628 -28.50 2.99 3.94
CA SER A 628 -27.32 2.88 4.80
C SER A 628 -26.96 4.18 5.48
N PHE A 629 -26.61 4.14 6.76
CA PHE A 629 -26.19 5.32 7.47
C PHE A 629 -24.77 4.95 7.80
N GLY A 630 -23.83 5.69 7.15
CA GLY A 630 -22.39 5.57 7.24
C GLY A 630 -21.73 6.93 6.96
N ILE A 631 -20.40 7.03 6.77
CA ILE A 631 -19.67 8.28 6.59
C ILE A 631 -18.96 8.25 5.22
N ASP A 632 -19.34 9.01 4.20
CA ASP A 632 -18.56 8.97 2.96
C ASP A 632 -17.66 10.19 2.73
N ARG A 633 -17.01 10.65 3.82
CA ARG A 633 -16.13 11.81 3.78
C ARG A 633 -15.10 11.58 4.87
N PHE A 634 -13.94 12.25 4.86
CA PHE A 634 -12.91 12.01 5.86
C PHE A 634 -13.34 12.55 7.22
N GLY A 635 -12.66 12.11 8.28
CA GLY A 635 -13.16 12.40 9.61
C GLY A 635 -12.74 13.74 10.07
N ALA A 636 -12.30 13.80 11.31
CA ALA A 636 -12.00 15.10 11.90
C ALA A 636 -11.32 14.86 13.22
N SER A 637 -10.65 15.92 13.61
CA SER A 637 -9.89 15.94 14.85
C SER A 637 -10.71 16.50 16.00
N GLY A 638 -11.05 15.74 17.04
CA GLY A 638 -11.70 16.33 18.19
C GLY A 638 -11.92 15.27 19.23
N LYS A 639 -12.54 15.54 20.37
CA LYS A 639 -12.84 14.47 21.30
C LYS A 639 -13.82 13.55 20.55
N ALA A 640 -13.61 12.25 20.78
CA ALA A 640 -14.27 11.19 20.04
C ALA A 640 -15.78 11.24 20.18
N PRO A 641 -16.42 11.49 21.34
CA PRO A 641 -17.88 11.61 21.45
C PRO A 641 -18.47 12.68 20.56
N GLU A 642 -17.69 13.73 20.36
CA GLU A 642 -18.03 14.89 19.56
C GLU A 642 -17.95 14.64 18.05
N VAL A 643 -17.06 13.77 17.65
CA VAL A 643 -16.95 13.44 16.25
C VAL A 643 -18.12 12.51 15.88
N PHE A 644 -18.45 11.54 16.75
CA PHE A 644 -19.65 10.71 16.59
C PHE A 644 -20.89 11.57 16.52
N LYS A 645 -21.07 12.46 17.53
CA LYS A 645 -22.14 13.45 17.51
C LYS A 645 -22.21 14.35 16.28
N PHE A 646 -21.05 14.81 15.78
CA PHE A 646 -20.95 15.69 14.63
C PHE A 646 -21.37 14.98 13.37
N PHE A 647 -21.30 13.66 13.29
CA PHE A 647 -21.72 13.02 12.06
C PHE A 647 -23.13 12.39 12.19
N GLY A 648 -23.76 12.40 13.36
CA GLY A 648 -25.11 11.87 13.46
C GLY A 648 -25.21 10.61 14.27
N PHE A 649 -24.12 9.93 14.55
CA PHE A 649 -24.21 8.66 15.22
C PHE A 649 -24.39 8.87 16.72
N THR A 650 -25.68 8.98 16.97
CA THR A 650 -26.34 9.14 18.26
C THR A 650 -27.57 8.17 18.25
N PRO A 651 -28.16 7.66 19.37
CA PRO A 651 -29.33 6.82 19.34
C PRO A 651 -30.46 7.58 18.69
N GLU A 652 -30.61 8.88 18.94
CA GLU A 652 -31.75 9.45 18.29
C GLU A 652 -31.47 9.79 16.82
N GLY A 653 -30.22 9.90 16.39
CA GLY A 653 -29.87 10.09 14.98
C GLY A 653 -30.16 8.83 14.12
N VAL A 654 -29.90 7.63 14.67
CA VAL A 654 -30.18 6.38 13.99
C VAL A 654 -31.71 6.18 13.96
N ALA A 655 -32.37 6.36 15.11
CA ALA A 655 -33.81 6.20 15.19
C ALA A 655 -34.54 7.09 14.16
N GLU A 656 -34.20 8.39 14.08
CA GLU A 656 -34.72 9.29 13.06
C GLU A 656 -34.65 8.75 11.63
N ARG A 657 -33.49 8.12 11.33
CA ARG A 657 -33.16 7.57 10.04
C ARG A 657 -33.86 6.27 9.81
N ALA A 658 -34.02 5.41 10.81
CA ALA A 658 -34.93 4.24 10.74
C ALA A 658 -36.38 4.73 10.48
N GLN A 659 -36.93 5.66 11.26
CA GLN A 659 -38.22 6.22 10.93
C GLN A 659 -38.33 6.78 9.53
N LYS A 660 -37.37 7.49 9.01
CA LYS A 660 -37.53 8.00 7.66
C LYS A 660 -37.47 6.88 6.63
N THR A 661 -36.85 5.76 6.99
CA THR A 661 -36.77 4.60 6.11
C THR A 661 -38.09 3.83 6.20
N ILE A 662 -38.70 3.63 7.35
CA ILE A 662 -40.00 2.95 7.40
C ILE A 662 -41.02 3.73 6.54
N ALA A 663 -40.99 5.06 6.69
CA ALA A 663 -41.90 5.94 5.99
C ALA A 663 -41.73 5.91 4.47
N PHE A 664 -40.48 5.89 3.99
CA PHE A 664 -40.17 5.92 2.57
C PHE A 664 -40.74 4.70 1.85
N TYR A 665 -40.78 3.58 2.58
CA TYR A 665 -41.18 2.28 2.04
C TYR A 665 -42.56 1.75 2.35
N LYS A 666 -43.34 2.31 3.28
CA LYS A 666 -44.70 1.81 3.56
C LYS A 666 -45.50 1.65 2.27
N GLY A 667 -46.02 0.46 2.08
CA GLY A 667 -46.84 0.20 0.89
C GLY A 667 -46.13 -0.60 -0.21
N ASP A 668 -44.82 -0.41 -0.38
CA ASP A 668 -44.02 -1.12 -1.37
C ASP A 668 -43.77 -2.54 -0.90
N LYS A 669 -43.48 -3.47 -1.81
CA LYS A 669 -43.09 -4.79 -1.32
C LYS A 669 -41.57 -4.75 -1.32
N LEU A 670 -40.86 -5.36 -0.37
CA LEU A 670 -39.42 -5.29 -0.44
C LEU A 670 -38.83 -6.72 -0.56
N ILE A 671 -37.84 -6.88 -1.47
CA ILE A 671 -37.07 -8.11 -1.72
C ILE A 671 -35.82 -7.99 -0.86
N SER A 672 -35.27 -9.07 -0.36
CA SER A 672 -34.04 -9.02 0.42
C SER A 672 -32.94 -8.73 -0.56
N PRO A 673 -31.86 -8.00 -0.25
CA PRO A 673 -30.77 -7.74 -1.19
C PRO A 673 -29.93 -8.99 -1.51
N LEU A 674 -29.90 -9.97 -0.55
CA LEU A 674 -29.21 -11.27 -0.72
C LEU A 674 -29.69 -12.00 -1.96
N LYS A 675 -30.97 -11.83 -2.33
CA LYS A 675 -31.46 -12.53 -3.48
C LYS A 675 -30.97 -12.05 -4.85
N LYS A 676 -30.39 -12.98 -5.62
CA LYS A 676 -29.97 -12.66 -6.95
C LYS A 676 -30.68 -13.45 -8.02
N ALA A 677 -30.85 -12.80 -9.16
CA ALA A 677 -31.54 -13.31 -10.32
C ALA A 677 -30.87 -14.48 -11.06
N PHE A 678 -29.55 -14.41 -11.11
CA PHE A 678 -28.66 -15.31 -11.84
C PHE A 678 -27.43 -15.56 -10.98
N GLN B 1 25.86 33.40 14.55
CA GLN B 1 26.24 34.09 15.77
C GLN B 1 24.92 34.23 16.52
N PHE B 2 24.75 33.73 17.74
CA PHE B 2 23.46 33.75 18.45
C PHE B 2 23.79 34.33 19.79
N THR B 3 22.73 34.95 20.33
CA THR B 3 22.81 35.77 21.52
C THR B 3 21.69 35.32 22.43
N ASP B 4 21.58 35.99 23.58
CA ASP B 4 20.59 35.68 24.61
C ASP B 4 19.15 35.62 24.13
N ILE B 5 18.79 36.45 23.18
CA ILE B 5 17.44 36.46 22.67
C ILE B 5 17.11 35.21 21.86
N ASP B 6 18.16 34.64 21.25
CA ASP B 6 18.04 33.43 20.51
C ASP B 6 17.81 32.37 21.55
N LYS B 7 18.39 32.41 22.75
CA LYS B 7 18.10 31.38 23.73
C LYS B 7 16.77 31.66 24.39
N LEU B 8 16.29 32.91 24.52
CA LEU B 8 14.96 33.12 25.06
C LEU B 8 13.99 32.60 24.00
N ALA B 9 14.16 32.85 22.69
CA ALA B 9 13.21 32.33 21.70
C ALA B 9 13.13 30.81 21.71
N VAL B 10 14.24 30.09 21.94
CA VAL B 10 14.19 28.64 21.94
C VAL B 10 13.38 28.23 23.18
N SER B 11 13.52 28.78 24.40
CA SER B 11 12.68 28.40 25.54
C SER B 11 11.21 28.71 25.36
N THR B 12 10.92 29.87 24.77
CA THR B 12 9.54 30.22 24.41
C THR B 12 8.90 29.16 23.49
N ILE B 13 9.59 28.53 22.52
CA ILE B 13 9.00 27.52 21.65
C ILE B 13 8.79 26.24 22.43
N ARG B 14 9.75 25.92 23.28
CA ARG B 14 9.67 24.73 24.06
C ARG B 14 8.44 24.73 24.92
N ILE B 15 8.32 25.76 25.76
CA ILE B 15 7.17 25.90 26.64
C ILE B 15 5.86 26.25 25.94
N LEU B 16 5.80 27.10 24.93
CA LEU B 16 4.58 27.26 24.20
C LEU B 16 4.11 25.94 23.61
N ALA B 17 4.94 25.12 22.96
CA ALA B 17 4.50 23.80 22.44
C ALA B 17 4.05 22.80 23.54
N VAL B 18 4.59 22.90 24.77
CA VAL B 18 4.16 22.10 25.93
C VAL B 18 2.79 22.53 26.42
N ASP B 19 2.58 23.85 26.61
CA ASP B 19 1.28 24.38 27.01
C ASP B 19 0.18 24.08 26.00
N THR B 20 0.47 24.07 24.68
CA THR B 20 -0.46 23.59 23.67
C THR B 20 -0.81 22.11 23.87
N VAL B 21 0.15 21.19 24.12
CA VAL B 21 -0.25 19.81 24.29
C VAL B 21 -1.08 19.68 25.58
N SER B 22 -0.54 20.13 26.73
CA SER B 22 -1.21 19.98 28.02
C SER B 22 -2.66 20.54 28.06
N LYS B 23 -2.91 21.65 27.38
CA LYS B 23 -4.23 22.26 27.19
C LYS B 23 -5.16 21.21 26.55
N ALA B 24 -4.75 20.58 25.44
CA ALA B 24 -5.56 19.59 24.75
C ALA B 24 -5.70 18.29 25.52
N ASN B 25 -4.78 18.08 26.45
CA ASN B 25 -4.59 16.90 27.24
C ASN B 25 -4.53 15.67 26.36
N SER B 26 -3.83 15.92 25.27
CA SER B 26 -3.68 14.99 24.19
C SER B 26 -2.52 15.53 23.37
N GLY B 27 -1.61 14.69 22.87
CA GLY B 27 -0.59 15.14 21.96
C GLY B 27 0.78 14.60 22.32
N HIS B 28 1.76 15.04 21.54
CA HIS B 28 3.12 14.54 21.65
C HIS B 28 4.04 15.69 21.99
N PRO B 29 4.59 15.74 23.20
CA PRO B 29 5.42 16.86 23.67
C PRO B 29 6.91 16.77 23.36
N GLY B 30 7.38 15.54 23.39
CA GLY B 30 8.78 15.15 23.26
C GLY B 30 9.59 15.64 22.08
N ALA B 31 9.09 15.51 20.86
CA ALA B 31 9.88 15.93 19.73
C ALA B 31 9.83 17.44 19.61
N PRO B 32 8.76 18.23 19.69
CA PRO B 32 8.82 19.63 20.13
C PRO B 32 9.95 20.02 21.10
N LEU B 33 10.07 19.46 22.31
CA LEU B 33 11.12 19.89 23.22
C LEU B 33 12.52 19.67 22.74
N GLY B 34 12.81 18.44 22.32
CA GLY B 34 14.13 18.12 21.83
C GLY B 34 14.50 18.88 20.56
N MET B 35 13.52 19.11 19.66
CA MET B 35 13.76 19.78 18.38
C MET B 35 13.65 21.31 18.28
N ALA B 36 13.51 21.99 19.41
CA ALA B 36 13.24 23.43 19.41
C ALA B 36 14.37 24.28 18.88
N PRO B 37 15.67 24.01 19.24
CA PRO B 37 16.84 24.68 18.69
C PRO B 37 16.93 24.56 17.18
N ALA B 38 16.89 23.38 16.52
CA ALA B 38 17.01 23.36 15.06
C ALA B 38 15.90 24.16 14.41
N ALA B 39 14.69 24.24 14.98
CA ALA B 39 13.58 25.02 14.44
C ALA B 39 13.90 26.50 14.48
N HIS B 40 14.35 26.95 15.65
CA HIS B 40 14.73 28.34 15.79
C HIS B 40 15.74 28.74 14.73
N VAL B 41 16.85 27.98 14.71
CA VAL B 41 17.98 28.26 13.84
C VAL B 41 17.61 28.10 12.38
N LEU B 42 17.00 27.03 11.96
CA LEU B 42 16.60 26.87 10.56
C LEU B 42 15.63 27.95 10.08
N TRP B 43 14.54 28.24 10.83
CA TRP B 43 13.52 29.15 10.36
C TRP B 43 14.07 30.54 10.29
N SER B 44 14.99 30.88 11.22
CA SER B 44 15.57 32.21 11.20
C SER B 44 16.35 32.48 9.95
N GLN B 45 16.82 31.46 9.24
CA GLN B 45 17.54 31.69 7.99
C GLN B 45 16.72 31.31 6.72
N MET B 46 15.44 30.98 6.87
CA MET B 46 14.63 30.68 5.71
C MET B 46 14.15 32.02 5.14
N ARG B 47 13.85 32.03 3.88
CA ARG B 47 13.44 33.22 3.22
C ARG B 47 12.00 32.91 2.92
N MET B 48 11.13 33.72 3.51
CA MET B 48 9.74 33.38 3.49
C MET B 48 9.01 34.65 3.87
N ASN B 49 7.79 34.77 3.41
CA ASN B 49 6.99 35.87 3.86
C ASN B 49 5.70 35.42 4.58
N PRO B 50 5.60 35.56 5.90
CA PRO B 50 4.44 35.18 6.70
C PRO B 50 3.09 35.75 6.22
N THR B 51 3.19 36.96 5.71
CA THR B 51 2.20 37.77 5.01
C THR B 51 1.74 37.16 3.67
N ASN B 52 2.64 36.43 2.97
CA ASN B 52 2.30 35.85 1.70
C ASN B 52 2.93 34.47 1.68
N PRO B 53 2.12 33.48 2.10
CA PRO B 53 2.54 32.09 2.26
C PRO B 53 2.50 31.35 0.96
N ASP B 54 2.19 32.02 -0.15
CA ASP B 54 2.14 31.36 -1.41
C ASP B 54 3.15 31.92 -2.31
N TRP B 55 4.12 32.63 -1.78
CA TRP B 55 5.14 33.22 -2.63
C TRP B 55 5.89 32.08 -3.30
N ILE B 56 5.89 32.02 -4.63
CA ILE B 56 6.47 30.88 -5.32
C ILE B 56 7.93 30.58 -4.95
N ASN B 57 8.74 31.59 -4.55
CA ASN B 57 10.16 31.41 -4.29
C ASN B 57 10.55 31.39 -2.83
N ARG B 58 9.61 31.00 -2.04
CA ARG B 58 9.84 30.87 -0.61
C ARG B 58 10.64 29.63 -0.33
N ASP B 59 11.51 29.64 0.67
CA ASP B 59 12.09 28.40 1.16
C ASP B 59 10.93 27.57 1.72
N ARG B 60 10.82 26.30 1.35
CA ARG B 60 9.75 25.40 1.82
C ARG B 60 10.14 24.52 3.01
N PHE B 61 9.36 24.40 4.07
CA PHE B 61 9.64 23.56 5.24
C PHE B 61 8.56 22.46 5.28
N VAL B 62 9.00 21.19 5.32
CA VAL B 62 8.11 20.08 5.57
C VAL B 62 8.39 19.45 6.95
N LEU B 63 7.47 19.22 7.90
CA LEU B 63 7.74 18.45 9.13
C LEU B 63 7.25 17.02 8.80
N SER B 64 8.14 16.06 8.42
CA SER B 64 7.75 14.72 8.03
C SER B 64 7.39 13.94 9.26
N ASN B 65 8.05 14.05 10.39
CA ASN B 65 7.49 13.44 11.59
C ASN B 65 6.29 14.33 12.03
N GLY B 66 5.19 14.36 11.25
CA GLY B 66 3.98 15.21 11.42
C GLY B 66 3.36 15.20 12.80
N HIS B 67 3.62 14.21 13.66
CA HIS B 67 3.04 14.18 14.99
C HIS B 67 3.64 15.23 15.86
N ALA B 68 4.77 15.81 15.45
CA ALA B 68 5.46 16.85 16.19
C ALA B 68 4.84 18.21 15.94
N VAL B 69 3.72 18.30 15.19
CA VAL B 69 2.91 19.49 14.88
C VAL B 69 2.69 20.54 15.99
N ALA B 70 2.68 20.25 17.31
CA ALA B 70 2.57 21.32 18.31
C ALA B 70 3.65 22.36 18.00
N LEU B 71 4.88 21.93 17.69
CA LEU B 71 6.01 22.75 17.31
C LEU B 71 5.71 23.49 16.04
N LEU B 72 5.14 22.91 14.98
CA LEU B 72 4.95 23.68 13.77
C LEU B 72 3.93 24.76 14.06
N TYR B 73 2.91 24.52 14.88
CA TYR B 73 1.98 25.59 15.22
C TYR B 73 2.70 26.66 16.09
N SER B 74 3.57 26.36 17.08
CA SER B 74 4.32 27.39 17.77
C SER B 74 5.13 28.28 16.84
N MET B 75 5.84 27.77 15.84
CA MET B 75 6.66 28.59 14.97
C MET B 75 5.79 29.39 14.04
N LEU B 76 4.72 28.86 13.41
CA LEU B 76 3.83 29.67 12.55
C LEU B 76 3.18 30.89 13.28
N HIS B 77 2.93 30.71 14.58
CA HIS B 77 2.41 31.77 15.43
C HIS B 77 3.47 32.83 15.58
N LEU B 78 4.58 32.38 16.15
CA LEU B 78 5.69 33.26 16.47
C LEU B 78 6.25 34.03 15.31
N THR B 79 6.30 33.49 14.09
CA THR B 79 6.82 34.18 12.94
C THR B 79 5.86 35.05 12.14
N GLY B 80 4.59 35.16 12.54
CA GLY B 80 3.66 36.05 11.87
C GLY B 80 2.73 35.40 10.87
N TYR B 81 2.55 34.09 10.98
CA TYR B 81 1.58 33.51 10.12
C TYR B 81 0.23 33.75 10.81
N ASP B 82 -0.85 33.64 10.06
CA ASP B 82 -2.22 33.77 10.58
C ASP B 82 -2.60 32.69 11.60
N LEU B 83 -2.17 32.64 12.85
CA LEU B 83 -2.62 31.62 13.78
C LEU B 83 -2.37 32.29 15.09
N SER B 84 -3.34 32.30 15.99
CA SER B 84 -3.21 33.06 17.20
C SER B 84 -3.05 32.14 18.41
N ILE B 85 -2.77 32.61 19.61
CA ILE B 85 -2.72 31.86 20.86
C ILE B 85 -4.09 31.18 21.02
N GLU B 86 -5.15 31.88 20.58
CA GLU B 86 -6.48 31.33 20.71
C GLU B 86 -6.58 30.03 19.93
N ASP B 87 -6.24 30.07 18.62
CA ASP B 87 -6.18 28.88 17.80
C ASP B 87 -5.30 27.84 18.51
N LEU B 88 -4.17 28.21 19.08
CA LEU B 88 -3.31 27.26 19.80
C LEU B 88 -4.09 26.67 20.99
N LYS B 89 -4.97 27.42 21.62
CA LYS B 89 -5.74 26.97 22.77
C LYS B 89 -6.94 26.05 22.45
N GLN B 90 -7.12 25.66 21.20
CA GLN B 90 -8.13 24.70 20.78
C GLN B 90 -7.51 23.65 19.82
N PHE B 91 -6.24 23.36 20.04
CA PHE B 91 -5.48 22.33 19.37
C PHE B 91 -6.22 21.05 19.67
N ARG B 92 -6.37 20.18 18.66
CA ARG B 92 -7.00 18.87 18.71
C ARG B 92 -8.51 18.80 18.96
N GLN B 93 -9.19 19.92 18.94
CA GLN B 93 -10.60 20.05 19.30
C GLN B 93 -11.35 20.17 18.03
N LEU B 94 -12.63 19.77 18.13
CA LEU B 94 -13.46 19.68 16.96
C LEU B 94 -13.69 21.02 16.27
N GLY B 95 -13.27 21.07 15.03
CA GLY B 95 -13.44 22.26 14.20
C GLY B 95 -12.39 23.37 14.36
N SER B 96 -11.29 23.22 15.10
CA SER B 96 -10.36 24.30 15.23
C SER B 96 -9.40 24.33 14.06
N ARG B 97 -8.60 25.40 13.98
CA ARG B 97 -7.59 25.50 12.94
C ARG B 97 -6.35 24.68 13.32
N THR B 98 -6.33 24.06 14.49
CA THR B 98 -5.23 23.23 14.97
C THR B 98 -5.53 21.71 15.08
N PRO B 99 -5.73 20.96 13.99
CA PRO B 99 -5.70 19.51 13.99
C PRO B 99 -4.47 18.88 14.65
N GLY B 100 -4.69 17.65 15.17
CA GLY B 100 -3.64 16.92 15.87
C GLY B 100 -2.50 16.52 14.94
N HIS B 101 -2.60 16.73 13.61
CA HIS B 101 -1.53 16.44 12.65
C HIS B 101 -1.76 17.45 11.55
N PRO B 102 -0.71 17.99 10.96
CA PRO B 102 -0.88 19.11 10.07
C PRO B 102 -1.68 18.79 8.80
N GLU B 103 -2.53 19.69 8.34
CA GLU B 103 -3.27 19.51 7.11
C GLU B 103 -2.87 20.60 6.14
N PHE B 104 -2.64 20.18 4.89
CA PHE B 104 -2.21 21.03 3.79
C PHE B 104 -2.83 22.42 3.71
N GLU B 105 -4.13 22.37 3.99
CA GLU B 105 -5.06 23.48 3.85
C GLU B 105 -4.77 24.64 4.79
N LEU B 106 -3.94 24.53 5.81
CA LEU B 106 -3.62 25.66 6.66
C LEU B 106 -2.50 26.49 6.03
N PRO B 107 -2.59 27.81 6.03
CA PRO B 107 -1.46 28.71 5.77
C PRO B 107 -0.18 28.37 6.53
N GLY B 108 0.87 28.14 5.73
CA GLY B 108 2.17 27.89 6.26
C GLY B 108 2.42 26.40 6.36
N VAL B 109 1.42 25.54 6.10
CA VAL B 109 1.52 24.10 6.14
C VAL B 109 1.42 23.78 4.66
N GLU B 110 2.51 23.09 4.27
CA GLU B 110 2.89 22.77 2.88
C GLU B 110 2.28 21.57 2.20
N VAL B 111 2.12 20.56 3.06
CA VAL B 111 1.57 19.24 2.74
C VAL B 111 0.93 18.73 4.03
N THR B 112 -0.06 17.81 3.90
CA THR B 112 -0.64 17.05 5.02
C THR B 112 0.35 15.93 5.37
N THR B 113 0.74 15.78 6.63
CA THR B 113 1.68 14.74 6.98
C THR B 113 1.21 14.17 8.27
N GLY B 114 1.85 13.07 8.65
CA GLY B 114 1.53 12.38 9.88
C GLY B 114 1.65 10.89 9.74
N PRO B 115 1.13 10.32 8.65
CA PRO B 115 1.63 9.05 8.08
C PRO B 115 3.14 9.14 7.88
N LEU B 116 3.90 8.18 8.39
CA LEU B 116 5.36 8.26 8.34
C LEU B 116 5.88 7.99 6.95
N GLY B 117 6.97 8.68 6.65
CA GLY B 117 7.62 8.53 5.38
C GLY B 117 6.97 9.34 4.28
N GLN B 118 5.85 9.98 4.55
CA GLN B 118 5.17 10.75 3.53
C GLN B 118 5.75 12.14 3.30
N GLY B 119 6.27 12.78 4.36
CA GLY B 119 6.78 14.13 4.27
C GLY B 119 8.00 14.30 3.40
N ILE B 120 9.01 13.54 3.80
CA ILE B 120 10.28 13.45 3.08
C ILE B 120 10.12 13.17 1.59
N SER B 121 9.34 12.16 1.17
CA SER B 121 9.07 11.83 -0.21
C SER B 121 8.35 12.97 -0.87
N ASN B 122 7.48 13.75 -0.19
CA ASN B 122 6.83 14.95 -0.79
C ASN B 122 7.85 16.10 -0.94
N ALA B 123 8.72 16.25 0.03
CA ALA B 123 9.76 17.22 -0.09
C ALA B 123 10.61 16.86 -1.32
N VAL B 124 10.84 15.59 -1.73
CA VAL B 124 11.63 15.28 -2.91
C VAL B 124 10.89 15.78 -4.12
N GLY B 125 9.58 15.72 -4.17
CA GLY B 125 8.82 16.20 -5.32
C GLY B 125 8.92 17.69 -5.45
N MET B 126 8.78 18.39 -4.33
CA MET B 126 8.88 19.85 -4.27
C MET B 126 10.27 20.29 -4.77
N ALA B 127 11.39 19.64 -4.39
CA ALA B 127 12.69 19.96 -4.97
C ALA B 127 12.76 19.62 -6.46
N MET B 128 12.09 18.57 -6.96
CA MET B 128 12.08 18.25 -8.37
C MET B 128 11.33 19.35 -9.12
N ALA B 129 10.10 19.75 -8.72
CA ALA B 129 9.43 20.89 -9.35
C ALA B 129 10.23 22.20 -9.25
N GLN B 130 10.95 22.53 -8.16
CA GLN B 130 11.81 23.72 -8.15
C GLN B 130 12.91 23.70 -9.23
N ALA B 131 13.58 22.57 -9.35
CA ALA B 131 14.62 22.38 -10.35
C ALA B 131 14.07 22.47 -11.76
N ASN B 132 12.84 22.02 -11.92
CA ASN B 132 12.23 22.12 -13.22
C ASN B 132 11.80 23.57 -13.44
N LEU B 133 11.27 24.34 -12.45
CA LEU B 133 10.86 25.73 -12.70
C LEU B 133 12.12 26.51 -13.08
N ALA B 134 13.17 26.38 -12.27
CA ALA B 134 14.42 27.10 -12.50
C ALA B 134 15.01 26.88 -13.89
N ALA B 135 15.02 25.65 -14.41
CA ALA B 135 15.61 25.40 -15.70
C ALA B 135 14.73 25.77 -16.87
N THR B 136 13.44 25.91 -16.61
CA THR B 136 12.49 26.34 -17.63
C THR B 136 12.34 27.87 -17.71
N TYR B 137 12.38 28.62 -16.59
CA TYR B 137 12.08 30.04 -16.65
C TYR B 137 13.25 30.93 -16.32
N ASN B 138 14.20 30.47 -15.50
CA ASN B 138 15.33 31.30 -15.12
C ASN B 138 16.07 31.73 -16.35
N LYS B 139 16.45 33.00 -16.31
CA LYS B 139 17.14 33.66 -17.40
C LYS B 139 18.42 34.32 -16.88
N PRO B 140 19.32 34.86 -17.71
CA PRO B 140 20.45 35.67 -17.26
C PRO B 140 19.96 36.90 -16.55
N GLY B 141 20.28 37.12 -15.28
CA GLY B 141 19.84 38.34 -14.58
C GLY B 141 18.41 38.25 -13.99
N PHE B 142 17.72 37.16 -14.34
CA PHE B 142 16.39 36.94 -13.86
C PHE B 142 16.32 35.56 -13.18
N THR B 143 16.83 35.44 -11.95
CA THR B 143 16.70 34.22 -11.15
C THR B 143 15.38 34.33 -10.37
N LEU B 144 14.32 33.95 -11.09
CA LEU B 144 13.00 33.93 -10.51
C LEU B 144 12.91 32.72 -9.61
N SER B 145 13.79 31.74 -9.78
CA SER B 145 13.61 30.50 -9.07
C SER B 145 14.89 30.04 -8.48
N ASP B 146 14.86 29.86 -7.16
CA ASP B 146 16.03 29.30 -6.52
C ASP B 146 15.80 28.87 -5.08
N ASN B 147 14.62 28.46 -4.65
CA ASN B 147 14.48 28.14 -3.22
C ASN B 147 15.07 26.81 -2.68
N TYR B 148 15.22 26.70 -1.35
CA TYR B 148 15.63 25.46 -0.69
C TYR B 148 14.41 24.70 -0.19
N THR B 149 14.47 23.35 -0.12
CA THR B 149 13.42 22.59 0.53
C THR B 149 13.96 22.03 1.84
N TYR B 150 13.37 22.27 3.03
CA TYR B 150 13.90 21.74 4.28
C TYR B 150 12.92 20.74 4.84
N VAL B 151 13.32 19.74 5.60
CA VAL B 151 12.42 18.69 6.04
C VAL B 151 12.89 18.37 7.42
N PHE B 152 12.00 18.30 8.38
CA PHE B 152 12.35 17.70 9.66
C PHE B 152 11.91 16.24 9.56
N LEU B 153 12.57 15.27 10.18
CA LEU B 153 12.17 13.86 10.15
C LEU B 153 12.77 13.09 11.35
N GLY B 154 12.29 11.86 11.57
CA GLY B 154 12.66 11.04 12.73
C GLY B 154 12.85 9.59 12.30
N ASP B 155 13.18 8.77 13.31
CA ASP B 155 13.41 7.34 13.17
C ASP B 155 12.29 6.66 12.42
N GLY B 156 11.02 6.97 12.73
CA GLY B 156 9.88 6.39 12.05
C GLY B 156 9.89 6.57 10.54
N CYS B 157 10.35 7.73 10.10
CA CYS B 157 10.31 8.04 8.69
C CYS B 157 11.41 7.28 8.01
N LEU B 158 12.51 7.05 8.71
CA LEU B 158 13.57 6.31 8.09
C LEU B 158 13.24 4.82 7.94
N GLN B 159 12.36 4.24 8.80
CA GLN B 159 12.03 2.81 8.74
C GLN B 159 10.94 2.51 7.69
N GLU B 160 10.12 3.49 7.30
CA GLU B 160 9.19 3.28 6.21
C GLU B 160 9.86 3.18 4.84
N GLY B 161 9.75 2.08 4.14
CA GLY B 161 10.31 1.91 2.78
C GLY B 161 10.04 3.01 1.76
N ILE B 162 8.98 3.78 1.84
CA ILE B 162 8.72 4.87 0.90
C ILE B 162 9.79 5.98 1.05
N SER B 163 10.30 6.29 2.24
CA SER B 163 11.36 7.26 2.27
C SER B 163 12.68 6.67 1.71
N SER B 164 12.95 5.34 1.79
CA SER B 164 14.08 4.73 1.13
C SER B 164 13.85 4.73 -0.37
N GLU B 165 12.67 4.58 -0.92
CA GLU B 165 12.54 4.69 -2.38
C GLU B 165 12.82 6.13 -2.81
N ALA B 166 12.29 7.10 -2.04
CA ALA B 166 12.41 8.52 -2.26
C ALA B 166 13.84 9.02 -2.19
N SER B 167 14.58 8.73 -1.12
CA SER B 167 16.00 9.01 -0.98
C SER B 167 16.90 8.43 -2.08
N SER B 168 16.53 7.27 -2.62
CA SER B 168 17.31 6.66 -3.67
C SER B 168 17.14 7.51 -4.92
N LEU B 169 15.89 7.76 -5.35
CA LEU B 169 15.66 8.57 -6.53
C LEU B 169 16.24 9.98 -6.34
N ALA B 170 16.25 10.50 -5.12
CA ALA B 170 16.73 11.85 -4.89
C ALA B 170 18.25 11.89 -5.11
N GLY B 171 18.96 10.97 -4.48
CA GLY B 171 20.39 10.76 -4.70
C GLY B 171 20.68 10.56 -6.17
N HIS B 172 19.94 9.74 -6.90
CA HIS B 172 20.19 9.64 -8.31
C HIS B 172 20.00 10.99 -8.97
N LEU B 173 18.99 11.75 -8.65
CA LEU B 173 18.73 13.01 -9.35
C LEU B 173 19.60 14.16 -8.90
N LYS B 174 20.38 13.99 -7.86
CA LYS B 174 21.32 14.97 -7.39
C LYS B 174 20.72 16.32 -7.05
N LEU B 175 19.70 16.18 -6.22
CA LEU B 175 18.92 17.32 -5.78
C LEU B 175 19.58 17.99 -4.60
N GLY B 176 20.51 18.93 -4.90
CA GLY B 176 21.36 19.68 -3.97
C GLY B 176 20.69 20.57 -2.93
N ASN B 177 19.61 21.23 -3.36
CA ASN B 177 18.77 22.10 -2.55
C ASN B 177 17.76 21.44 -1.60
N LEU B 178 17.83 20.14 -1.33
CA LEU B 178 16.87 19.46 -0.52
C LEU B 178 17.64 19.24 0.75
N ILE B 179 17.31 19.68 1.95
CA ILE B 179 18.20 19.50 3.09
C ILE B 179 17.27 18.94 4.14
N ALA B 180 17.68 17.77 4.58
CA ALA B 180 16.95 17.03 5.57
C ALA B 180 17.62 17.08 6.93
N ILE B 181 16.98 17.47 8.05
CA ILE B 181 17.57 17.33 9.39
C ILE B 181 16.78 16.19 10.06
N TYR B 182 17.49 15.21 10.61
CA TYR B 182 16.90 14.07 11.23
C TYR B 182 17.17 14.12 12.73
N ASP B 183 16.06 13.91 13.43
CA ASP B 183 15.98 13.91 14.88
C ASP B 183 16.45 12.56 15.39
N ASP B 184 17.69 12.49 15.72
CA ASP B 184 18.24 11.23 16.14
C ASP B 184 18.08 11.20 17.64
N ASN B 185 16.86 10.88 18.02
CA ASN B 185 16.60 10.88 19.43
C ASN B 185 16.73 9.57 20.16
N LYS B 186 16.94 8.45 19.43
CA LYS B 186 17.05 7.06 19.96
C LYS B 186 15.82 6.40 20.65
N ILE B 187 14.63 6.91 20.30
CA ILE B 187 13.35 6.52 20.85
C ILE B 187 12.30 6.63 19.72
N THR B 188 11.43 5.64 19.82
CA THR B 188 10.21 5.57 19.05
C THR B 188 9.15 5.08 20.05
N ILE B 189 7.91 4.66 19.67
CA ILE B 189 6.89 4.23 20.65
C ILE B 189 7.29 3.02 21.52
N ASP B 190 7.68 1.89 20.92
CA ASP B 190 7.99 0.73 21.70
C ASP B 190 9.13 0.84 22.69
N GLY B 191 9.99 1.80 22.56
CA GLY B 191 11.09 1.87 23.47
C GLY B 191 12.25 2.32 22.65
N ALA B 192 13.43 1.81 23.01
CA ALA B 192 14.69 2.18 22.38
C ALA B 192 14.76 1.71 20.94
N THR B 193 15.50 2.46 20.12
CA THR B 193 15.66 2.12 18.74
C THR B 193 16.38 0.79 18.59
N SER B 194 17.34 0.51 19.46
CA SER B 194 18.06 -0.75 19.39
C SER B 194 17.18 -1.99 19.48
N ILE B 195 16.00 -1.94 20.08
CA ILE B 195 15.12 -3.08 20.12
C ILE B 195 14.72 -3.55 18.72
N SER B 196 14.90 -2.69 17.71
CA SER B 196 14.71 -3.11 16.36
C SER B 196 15.28 -2.20 15.30
N PHE B 197 16.20 -1.24 15.46
CA PHE B 197 16.61 -0.38 14.36
C PHE B 197 18.01 0.03 14.73
N ASP B 198 19.01 -0.63 14.15
CA ASP B 198 20.35 -0.26 14.50
C ASP B 198 21.32 -0.31 13.35
N GLU B 199 20.65 -0.21 12.21
CA GLU B 199 21.36 -0.01 10.99
C GLU B 199 22.19 1.32 11.06
N ASP B 200 23.13 1.48 10.13
CA ASP B 200 23.96 2.66 9.97
C ASP B 200 23.31 3.49 8.85
N VAL B 201 22.44 4.38 9.33
CA VAL B 201 21.66 5.32 8.55
C VAL B 201 22.56 6.16 7.66
N ALA B 202 23.55 6.82 8.27
CA ALA B 202 24.59 7.60 7.59
C ALA B 202 25.24 6.86 6.42
N LYS B 203 25.70 5.59 6.60
CA LYS B 203 26.39 4.87 5.55
C LYS B 203 25.42 4.48 4.40
N ARG B 204 24.18 4.23 4.85
CA ARG B 204 23.08 3.94 3.95
C ARG B 204 22.74 5.16 3.07
N TYR B 205 22.83 6.33 3.70
CA TYR B 205 22.53 7.55 3.01
C TYR B 205 23.60 7.93 2.00
N GLU B 206 24.88 7.73 2.38
CA GLU B 206 26.04 7.93 1.50
C GLU B 206 25.96 6.97 0.33
N ALA B 207 25.53 5.71 0.56
CA ALA B 207 25.20 4.78 -0.52
C ALA B 207 24.22 5.31 -1.58
N TYR B 208 23.23 6.15 -1.20
CA TYR B 208 22.35 6.75 -2.19
C TYR B 208 22.97 7.95 -2.91
N GLY B 209 24.07 8.57 -2.45
CA GLY B 209 24.69 9.75 -3.08
C GLY B 209 24.35 11.08 -2.39
N TRP B 210 23.98 10.94 -1.12
CA TRP B 210 23.60 12.02 -0.25
C TRP B 210 24.83 12.35 0.58
N GLU B 211 24.97 13.62 0.94
CA GLU B 211 26.03 14.07 1.84
C GLU B 211 25.45 13.95 3.23
N VAL B 212 26.15 13.51 4.27
CA VAL B 212 25.60 13.34 5.61
C VAL B 212 26.39 14.21 6.59
N LEU B 213 25.85 15.22 7.27
CA LEU B 213 26.65 15.97 8.24
C LEU B 213 26.23 15.50 9.63
N TYR B 214 26.87 15.77 10.75
CA TYR B 214 26.54 15.18 12.03
C TYR B 214 26.51 16.32 13.03
N VAL B 215 25.51 16.56 13.87
CA VAL B 215 25.55 17.64 14.85
C VAL B 215 25.51 16.85 16.17
N GLU B 216 26.62 16.60 16.84
CA GLU B 216 26.54 15.77 18.03
C GLU B 216 25.66 16.35 19.13
N ASN B 217 25.50 17.69 19.18
CA ASN B 217 24.66 18.31 20.22
C ASN B 217 23.52 19.18 19.73
N GLY B 218 22.43 18.53 19.37
CA GLY B 218 21.28 19.23 18.87
C GLY B 218 20.57 19.94 20.01
N ASN B 219 20.82 19.49 21.22
CA ASN B 219 20.15 20.03 22.39
C ASN B 219 20.49 21.44 22.69
N GLU B 220 21.72 21.84 22.43
CA GLU B 220 22.11 23.22 22.64
C GLU B 220 23.12 23.78 21.67
N ASP B 221 23.59 23.16 20.60
CA ASP B 221 24.63 23.78 19.82
C ASP B 221 24.09 24.55 18.62
N LEU B 222 23.61 25.78 18.91
CA LEU B 222 22.99 26.65 17.89
C LEU B 222 23.93 26.92 16.70
N ALA B 223 25.17 27.28 17.09
CA ALA B 223 26.34 27.45 16.24
C ALA B 223 26.67 26.21 15.35
N GLY B 224 26.64 25.01 15.94
CA GLY B 224 26.86 23.81 15.15
C GLY B 224 25.74 23.57 14.14
N ILE B 225 24.50 23.74 14.58
CA ILE B 225 23.39 23.46 13.70
C ILE B 225 23.44 24.45 12.55
N ALA B 226 23.69 25.74 12.83
CA ALA B 226 23.78 26.72 11.76
C ALA B 226 24.89 26.42 10.74
N LYS B 227 26.06 25.96 11.28
CA LYS B 227 27.21 25.52 10.48
C LYS B 227 26.80 24.45 9.49
N ALA B 228 26.05 23.45 10.04
CA ALA B 228 25.56 22.32 9.27
C ALA B 228 24.62 22.74 8.12
N ILE B 229 23.59 23.57 8.41
CA ILE B 229 22.77 24.09 7.32
C ILE B 229 23.64 24.94 6.39
N ALA B 230 24.63 25.70 6.83
CA ALA B 230 25.42 26.51 5.88
C ALA B 230 26.22 25.66 4.88
N GLN B 231 26.82 24.60 5.43
CA GLN B 231 27.65 23.62 4.74
C GLN B 231 26.85 22.82 3.71
N ALA B 232 25.68 22.43 4.20
CA ALA B 232 24.67 21.77 3.42
C ALA B 232 24.34 22.58 2.17
N LYS B 233 24.28 23.92 2.25
CA LYS B 233 23.87 24.72 1.10
C LYS B 233 24.97 24.86 0.08
N LEU B 234 26.20 24.47 0.44
CA LEU B 234 27.28 24.55 -0.51
C LEU B 234 27.28 23.38 -1.49
N SER B 235 26.93 22.17 -1.08
CA SER B 235 26.97 21.03 -1.97
C SER B 235 25.89 21.06 -3.06
N LYS B 236 25.94 21.76 -4.19
CA LYS B 236 24.84 21.76 -5.18
C LYS B 236 24.45 20.44 -5.85
N ASP B 237 25.20 19.35 -5.67
CA ASP B 237 24.92 18.11 -6.36
C ASP B 237 24.66 16.84 -5.52
N LYS B 238 24.56 17.01 -4.21
CA LYS B 238 24.23 15.94 -3.31
C LYS B 238 23.08 16.50 -2.52
N PRO B 239 21.94 15.83 -2.33
CA PRO B 239 21.03 16.21 -1.27
C PRO B 239 21.72 16.07 0.09
N THR B 240 21.37 16.75 1.17
CA THR B 240 22.12 16.57 2.41
C THR B 240 21.24 16.04 3.55
N LEU B 241 21.79 15.21 4.41
CA LEU B 241 21.10 14.69 5.54
C LEU B 241 21.91 15.09 6.75
N ILE B 242 21.32 15.70 7.76
CA ILE B 242 22.05 16.11 8.94
C ILE B 242 21.58 15.18 10.04
N LYS B 243 22.43 14.32 10.53
CA LYS B 243 22.10 13.45 11.65
C LYS B 243 22.34 14.31 12.90
N MET B 244 21.30 14.82 13.53
CA MET B 244 21.45 15.73 14.66
C MET B 244 21.03 15.00 15.90
N THR B 245 21.83 14.80 16.94
CA THR B 245 21.38 14.03 18.11
C THR B 245 20.71 14.89 19.18
N THR B 246 19.52 14.49 19.65
CA THR B 246 18.77 15.20 20.67
C THR B 246 18.30 14.23 21.75
N THR B 247 17.79 14.75 22.87
CA THR B 247 17.17 13.96 23.92
C THR B 247 15.67 14.21 23.66
N ILE B 248 14.79 13.21 23.45
CA ILE B 248 13.34 13.41 23.32
C ILE B 248 12.89 14.03 24.65
N GLY B 249 12.14 15.11 24.59
CA GLY B 249 11.61 15.69 25.79
C GLY B 249 12.63 16.40 26.64
N TYR B 250 13.65 17.01 26.04
CA TYR B 250 14.66 17.79 26.75
C TYR B 250 14.03 18.81 27.71
N GLY B 251 14.52 18.77 28.94
CA GLY B 251 14.08 19.65 30.00
C GLY B 251 13.00 19.00 30.85
N SER B 252 12.43 17.88 30.43
CA SER B 252 11.41 17.19 31.21
C SER B 252 12.14 16.28 32.20
N LEU B 253 11.49 16.08 33.33
CA LEU B 253 11.91 15.14 34.34
C LEU B 253 11.99 13.71 33.79
N HIS B 254 11.28 13.37 32.71
CA HIS B 254 11.34 12.03 32.13
C HIS B 254 11.79 12.14 30.67
N ALA B 255 12.82 12.96 30.45
CA ALA B 255 13.36 13.26 29.12
C ALA B 255 14.18 12.08 28.70
N GLY B 256 13.99 11.64 27.47
CA GLY B 256 14.76 10.52 26.99
C GLY B 256 14.01 9.22 27.04
N SER B 257 12.78 9.22 27.54
CA SER B 257 11.98 8.01 27.53
C SER B 257 10.91 8.07 26.44
N HIS B 258 10.45 6.90 26.05
CA HIS B 258 9.24 6.78 25.23
C HIS B 258 7.99 7.26 25.98
N SER B 259 7.98 7.43 27.33
CA SER B 259 6.84 8.01 28.05
C SER B 259 6.51 9.41 27.52
N VAL B 260 7.53 10.23 27.24
CA VAL B 260 7.28 11.56 26.78
C VAL B 260 7.03 11.58 25.30
N HIS B 261 6.97 10.44 24.59
CA HIS B 261 6.69 10.49 23.17
C HIS B 261 5.32 11.06 22.92
N GLY B 262 4.24 10.48 23.48
CA GLY B 262 2.91 10.94 23.08
C GLY B 262 1.94 11.16 24.20
N ALA B 263 2.40 11.62 25.34
CA ALA B 263 1.48 11.84 26.41
C ALA B 263 1.76 13.28 26.80
N PRO B 264 0.79 14.18 27.07
CA PRO B 264 1.00 15.38 27.84
C PRO B 264 1.88 15.20 29.09
N LEU B 265 2.81 16.12 29.31
CA LEU B 265 3.60 16.08 30.51
C LEU B 265 2.76 16.32 31.75
N LYS B 266 3.25 15.77 32.86
CA LYS B 266 2.60 15.87 34.14
C LYS B 266 2.75 17.29 34.63
N ALA B 267 1.66 17.90 35.10
CA ALA B 267 1.64 19.27 35.58
C ALA B 267 2.80 19.76 36.43
N ASP B 268 3.18 18.99 37.41
CA ASP B 268 4.33 19.25 38.25
C ASP B 268 5.66 19.30 37.47
N ASP B 269 5.71 18.51 36.40
CA ASP B 269 6.85 18.41 35.53
C ASP B 269 6.78 19.57 34.56
N VAL B 270 5.59 20.08 34.27
CA VAL B 270 5.50 21.23 33.39
C VAL B 270 5.90 22.40 34.21
N LYS B 271 5.56 22.45 35.51
CA LYS B 271 5.95 23.58 36.33
C LYS B 271 7.44 23.68 36.39
N GLN B 272 8.14 22.62 36.80
CA GLN B 272 9.57 22.69 36.89
C GLN B 272 10.26 23.03 35.58
N LEU B 273 9.71 22.61 34.44
CA LEU B 273 10.28 22.87 33.14
C LEU B 273 10.29 24.38 32.93
N LYS B 274 9.14 25.01 33.14
CA LYS B 274 8.96 26.46 33.09
C LYS B 274 9.88 27.19 34.03
N SER B 275 10.03 26.80 35.30
CA SER B 275 10.99 27.48 36.18
C SER B 275 12.38 27.29 35.63
N LYS B 276 12.67 26.06 35.17
CA LYS B 276 13.99 25.66 34.69
C LYS B 276 14.32 26.62 33.60
N PHE B 277 13.35 27.03 32.79
CA PHE B 277 13.71 27.95 31.76
C PHE B 277 13.48 29.42 32.05
N GLY B 278 13.25 29.79 33.29
CA GLY B 278 13.06 31.19 33.63
C GLY B 278 11.63 31.69 33.37
N PHE B 279 10.66 30.83 33.07
CA PHE B 279 9.30 31.26 32.90
C PHE B 279 8.49 31.02 34.19
N ASN B 280 7.27 31.57 34.31
CA ASN B 280 6.50 31.48 35.56
C ASN B 280 5.72 30.18 35.58
N PRO B 281 5.86 29.24 36.55
CA PRO B 281 5.22 27.94 36.49
C PRO B 281 3.70 28.02 36.52
N ASP B 282 3.18 29.17 36.95
CA ASP B 282 1.75 29.39 37.06
C ASP B 282 1.19 30.18 35.88
N LYS B 283 1.85 30.36 34.74
CA LYS B 283 1.20 31.05 33.65
C LYS B 283 1.31 30.23 32.40
N SER B 284 0.42 30.45 31.45
CA SER B 284 0.32 29.66 30.25
C SER B 284 0.31 30.54 29.01
N PHE B 285 0.79 29.99 27.90
CA PHE B 285 0.88 30.68 26.62
C PHE B 285 1.42 32.12 26.74
N VAL B 286 2.62 32.18 27.38
CA VAL B 286 3.29 33.44 27.61
C VAL B 286 4.30 33.54 26.49
N VAL B 287 4.36 34.70 25.84
CA VAL B 287 5.26 34.92 24.73
C VAL B 287 5.95 36.24 25.00
N PRO B 288 7.15 36.32 25.58
CA PRO B 288 7.91 37.55 25.72
C PRO B 288 7.86 38.43 24.50
N GLN B 289 7.61 39.72 24.72
CA GLN B 289 7.52 40.65 23.60
C GLN B 289 8.85 40.63 22.84
N GLU B 290 10.01 40.39 23.48
CA GLU B 290 11.32 40.42 22.82
C GLU B 290 11.39 39.36 21.75
N VAL B 291 10.71 38.27 21.97
CA VAL B 291 10.63 37.18 21.04
C VAL B 291 9.86 37.64 19.81
N TYR B 292 8.67 38.24 19.97
CA TYR B 292 7.89 38.78 18.87
C TYR B 292 8.64 39.79 18.05
N ASP B 293 9.37 40.66 18.77
CA ASP B 293 10.19 41.71 18.17
C ASP B 293 11.31 41.09 17.33
N HIS B 294 11.86 40.02 17.91
CA HIS B 294 12.97 39.38 17.32
C HIS B 294 12.54 38.81 15.99
N TYR B 295 11.46 38.02 15.90
CA TYR B 295 11.08 37.45 14.61
C TYR B 295 10.49 38.40 13.57
N GLN B 296 9.96 39.50 14.04
CA GLN B 296 9.42 40.50 13.14
C GLN B 296 10.59 41.05 12.36
N LYS B 297 11.71 41.23 13.07
CA LYS B 297 12.94 41.77 12.51
C LYS B 297 13.75 40.83 11.62
N THR B 298 14.06 39.64 12.17
CA THR B 298 14.90 38.68 11.49
C THR B 298 14.23 37.89 10.40
N ILE B 299 12.89 37.77 10.37
CA ILE B 299 12.17 36.87 9.47
C ILE B 299 11.08 37.61 8.70
N LEU B 300 10.14 38.30 9.36
CA LEU B 300 9.03 38.88 8.63
C LEU B 300 9.42 40.09 7.77
N LYS B 301 10.08 41.12 8.32
CA LYS B 301 10.45 42.29 7.52
C LYS B 301 11.43 42.00 6.39
N PRO B 302 12.55 41.26 6.55
CA PRO B 302 13.36 40.71 5.46
C PRO B 302 12.60 39.99 4.37
N GLY B 303 11.74 39.05 4.86
CA GLY B 303 10.85 38.25 4.05
C GLY B 303 9.96 39.09 3.17
N VAL B 304 9.37 40.12 3.77
CA VAL B 304 8.49 40.95 3.01
C VAL B 304 9.36 41.74 2.05
N GLU B 305 10.59 42.19 2.40
CA GLU B 305 11.43 42.87 1.40
C GLU B 305 11.73 41.91 0.23
N ALA B 306 12.11 40.62 0.47
CA ALA B 306 12.47 39.70 -0.61
C ALA B 306 11.41 39.41 -1.68
N ASN B 307 10.19 39.32 -1.13
CA ASN B 307 8.99 39.09 -1.89
C ASN B 307 8.73 40.30 -2.82
N ASN B 308 9.06 41.50 -2.30
CA ASN B 308 8.91 42.74 -3.03
C ASN B 308 9.95 42.87 -4.14
N LYS B 309 11.25 42.63 -3.88
CA LYS B 309 12.23 42.64 -4.97
C LYS B 309 11.85 41.56 -5.99
N TRP B 310 11.36 40.37 -5.56
CA TRP B 310 11.00 39.27 -6.47
C TRP B 310 9.93 39.75 -7.48
N ASN B 311 8.91 40.39 -6.94
CA ASN B 311 7.89 40.97 -7.75
C ASN B 311 8.40 41.96 -8.77
N LYS B 312 9.26 42.90 -8.35
CA LYS B 312 9.79 43.92 -9.26
C LYS B 312 10.47 43.29 -10.46
N LEU B 313 11.24 42.26 -10.11
CA LEU B 313 12.01 41.46 -11.06
C LEU B 313 11.10 40.66 -11.96
N PHE B 314 10.06 40.00 -11.43
CA PHE B 314 9.20 39.25 -12.30
C PHE B 314 8.51 40.26 -13.26
N SER B 315 8.12 41.49 -12.85
CA SER B 315 7.58 42.49 -13.78
C SER B 315 8.59 42.86 -14.85
N GLU B 316 9.87 43.11 -14.55
CA GLU B 316 10.83 43.34 -15.62
C GLU B 316 10.92 42.18 -16.61
N TYR B 317 10.90 40.98 -16.03
CA TYR B 317 11.00 39.73 -16.76
C TYR B 317 9.89 39.65 -17.79
N GLN B 318 8.65 40.04 -17.50
CA GLN B 318 7.60 39.89 -18.49
C GLN B 318 7.64 40.96 -19.58
N LYS B 319 8.48 41.97 -19.36
CA LYS B 319 8.80 42.96 -20.36
C LYS B 319 9.84 42.33 -21.26
N LYS B 320 10.88 41.78 -20.64
CA LYS B 320 11.96 41.16 -21.40
C LYS B 320 11.60 39.86 -22.15
N PHE B 321 10.81 38.98 -21.58
CA PHE B 321 10.50 37.72 -22.20
C PHE B 321 8.99 37.70 -22.13
N PRO B 322 8.24 38.15 -23.15
CA PRO B 322 6.78 38.24 -23.11
C PRO B 322 6.12 36.88 -22.87
N GLU B 323 6.15 35.99 -23.89
CA GLU B 323 5.61 34.62 -23.89
C GLU B 323 5.86 33.89 -22.60
N LEU B 324 7.13 33.70 -22.31
CA LEU B 324 7.54 33.09 -21.09
C LEU B 324 6.96 33.84 -19.88
N GLY B 325 6.88 35.16 -19.83
CA GLY B 325 6.34 35.88 -18.69
C GLY B 325 4.84 35.71 -18.62
N ALA B 326 4.14 35.66 -19.74
CA ALA B 326 2.69 35.43 -19.79
C ALA B 326 2.30 33.99 -19.36
N GLU B 327 3.09 33.02 -19.80
CA GLU B 327 2.98 31.62 -19.44
C GLU B 327 3.21 31.48 -17.96
N LEU B 328 4.29 31.92 -17.39
CA LEU B 328 4.50 31.74 -15.98
C LEU B 328 3.43 32.52 -15.22
N ALA B 329 2.93 33.70 -15.62
CA ALA B 329 1.86 34.38 -14.89
C ALA B 329 0.55 33.55 -14.91
N ARG B 330 0.21 32.94 -16.05
CA ARG B 330 -0.93 32.04 -16.20
C ARG B 330 -0.81 30.84 -15.26
N ARG B 331 0.23 30.07 -15.35
CA ARG B 331 0.54 29.01 -14.43
C ARG B 331 0.50 29.51 -13.02
N LEU B 332 1.05 30.67 -12.71
CA LEU B 332 0.94 31.22 -11.36
C LEU B 332 -0.48 31.59 -10.94
N SER B 333 -1.40 31.96 -11.85
CA SER B 333 -2.80 32.25 -11.44
C SER B 333 -3.64 30.98 -11.49
N GLY B 334 -3.00 29.84 -11.80
CA GLY B 334 -3.64 28.55 -11.81
C GLY B 334 -4.56 28.37 -12.98
N GLN B 335 -4.48 29.11 -14.08
CA GLN B 335 -5.39 28.82 -15.18
C GLN B 335 -4.77 27.91 -16.23
N LEU B 336 -5.52 27.03 -16.86
CA LEU B 336 -4.94 26.27 -17.95
C LEU B 336 -4.91 27.18 -19.19
N PRO B 337 -4.16 26.88 -20.25
CA PRO B 337 -4.27 27.59 -21.50
C PRO B 337 -5.70 27.66 -21.97
N ALA B 338 -6.03 28.70 -22.73
CA ALA B 338 -7.40 28.86 -23.19
C ALA B 338 -7.54 28.09 -24.48
N ASN B 339 -8.68 27.38 -24.34
CA ASN B 339 -9.15 26.45 -25.34
C ASN B 339 -8.17 25.28 -25.49
N TRP B 340 -7.45 24.86 -24.41
CA TRP B 340 -6.56 23.74 -24.57
C TRP B 340 -7.36 22.53 -25.01
N GLU B 341 -8.54 22.38 -24.41
CA GLU B 341 -9.53 21.37 -24.71
C GLU B 341 -9.74 21.11 -26.20
N SER B 342 -9.52 22.06 -27.10
CA SER B 342 -9.77 21.83 -28.51
C SER B 342 -8.70 21.02 -29.20
N LYS B 343 -7.58 20.78 -28.50
CA LYS B 343 -6.50 19.96 -29.03
C LYS B 343 -6.70 18.46 -28.73
N LEU B 344 -7.78 18.14 -27.99
CA LEU B 344 -8.13 16.78 -27.66
C LEU B 344 -8.79 15.99 -28.78
N PRO B 345 -8.45 14.71 -28.98
CA PRO B 345 -8.90 13.95 -30.16
C PRO B 345 -10.33 13.49 -30.05
N THR B 346 -11.10 13.58 -31.13
CA THR B 346 -12.43 12.99 -31.15
C THR B 346 -12.38 11.87 -32.20
N TYR B 347 -13.29 10.89 -32.13
CA TYR B 347 -13.30 9.76 -33.06
C TYR B 347 -14.75 9.44 -33.40
N THR B 348 -14.99 8.70 -34.49
CA THR B 348 -16.34 8.24 -34.75
C THR B 348 -16.28 6.71 -34.71
N ALA B 349 -17.43 6.06 -34.79
CA ALA B 349 -17.53 4.59 -34.80
C ALA B 349 -16.94 4.01 -36.06
N LYS B 350 -16.75 4.83 -37.12
CA LYS B 350 -16.10 4.33 -38.33
C LYS B 350 -14.59 4.31 -38.17
N ASP B 351 -14.08 4.73 -37.02
CA ASP B 351 -12.65 4.69 -36.76
C ASP B 351 -12.38 3.31 -36.24
N SER B 352 -11.09 2.99 -36.16
CA SER B 352 -10.58 1.67 -35.79
C SER B 352 -10.41 1.31 -34.30
N ALA B 353 -10.54 0.02 -33.98
CA ALA B 353 -10.34 -0.51 -32.63
C ALA B 353 -8.93 -0.25 -32.10
N VAL B 354 -8.83 0.33 -30.91
CA VAL B 354 -7.54 0.73 -30.37
C VAL B 354 -7.69 0.41 -28.91
N ALA B 355 -6.65 0.02 -28.19
CA ALA B 355 -6.75 -0.16 -26.75
C ALA B 355 -6.81 1.26 -26.13
N THR B 356 -7.57 1.49 -25.04
CA THR B 356 -7.61 2.85 -24.49
C THR B 356 -6.25 3.33 -23.96
N ARG B 357 -5.35 2.37 -23.72
CA ARG B 357 -3.94 2.59 -23.47
C ARG B 357 -3.24 3.33 -24.63
N LYS B 358 -3.45 2.96 -25.89
CA LYS B 358 -2.79 3.65 -26.99
C LYS B 358 -3.38 5.03 -27.15
N LEU B 359 -4.69 5.07 -27.01
CA LEU B 359 -5.48 6.28 -27.05
C LEU B 359 -5.09 7.28 -25.98
N SER B 360 -4.58 6.84 -24.83
CA SER B 360 -4.10 7.72 -23.80
C SER B 360 -2.88 8.41 -24.39
N GLU B 361 -1.99 7.64 -25.00
CA GLU B 361 -0.71 8.09 -25.53
C GLU B 361 -0.92 9.17 -26.59
N THR B 362 -1.83 8.97 -27.52
CA THR B 362 -2.20 10.04 -28.44
C THR B 362 -2.82 11.26 -27.76
N VAL B 363 -3.48 11.22 -26.60
CA VAL B 363 -3.93 12.46 -25.96
C VAL B 363 -2.65 13.14 -25.54
N LEU B 364 -1.77 12.48 -24.78
CA LEU B 364 -0.49 13.03 -24.32
C LEU B 364 0.34 13.62 -25.44
N GLU B 365 0.59 12.90 -26.51
CA GLU B 365 1.19 13.51 -27.66
C GLU B 365 0.43 14.72 -28.23
N ASP B 366 -0.89 14.80 -28.22
CA ASP B 366 -1.55 15.97 -28.76
C ASP B 366 -1.65 17.15 -27.82
N VAL B 367 -1.38 17.03 -26.54
CA VAL B 367 -1.55 18.18 -25.67
C VAL B 367 -0.29 18.55 -24.97
N TYR B 368 0.85 17.84 -25.04
CA TYR B 368 1.98 18.20 -24.17
C TYR B 368 2.53 19.54 -24.51
N ASN B 369 2.43 19.96 -25.76
CA ASN B 369 3.02 21.24 -26.08
C ASN B 369 2.09 22.41 -25.76
N GLN B 370 0.80 22.13 -25.69
CA GLN B 370 -0.19 23.10 -25.29
C GLN B 370 0.01 23.31 -23.81
N LEU B 371 0.44 22.32 -23.01
CA LEU B 371 0.49 22.46 -21.56
C LEU B 371 1.87 22.25 -20.98
N PRO B 372 2.71 23.27 -20.94
CA PRO B 372 4.08 23.18 -20.45
C PRO B 372 4.18 22.79 -18.97
N GLU B 373 3.06 22.81 -18.24
CA GLU B 373 3.09 22.42 -16.84
C GLU B 373 2.87 20.92 -16.66
N LEU B 374 2.60 20.20 -17.76
CA LEU B 374 2.47 18.76 -17.76
C LEU B 374 3.84 18.08 -17.64
N ILE B 375 4.06 17.36 -16.53
CA ILE B 375 5.29 16.65 -16.32
C ILE B 375 4.91 15.16 -16.09
N GLY B 376 5.31 14.26 -17.01
CA GLY B 376 4.91 12.87 -16.99
C GLY B 376 5.89 11.85 -16.43
N GLY B 377 5.54 10.58 -16.24
CA GLY B 377 6.51 9.62 -15.75
C GLY B 377 5.95 8.23 -15.53
N SER B 378 6.80 7.22 -15.42
CA SER B 378 6.34 5.92 -15.11
C SER B 378 7.22 5.21 -14.08
N ALA B 379 6.66 4.16 -13.42
CA ALA B 379 7.45 3.44 -12.43
C ALA B 379 8.04 2.17 -13.03
N ASP B 380 8.84 2.43 -14.06
CA ASP B 380 9.54 1.43 -14.90
C ASP B 380 8.58 0.65 -15.83
N LEU B 381 7.47 1.22 -16.25
CA LEU B 381 6.70 0.54 -17.25
C LEU B 381 6.43 1.48 -18.41
N THR B 382 7.36 2.37 -18.75
CA THR B 382 7.15 3.32 -19.85
C THR B 382 6.66 2.65 -21.13
N PRO B 383 7.26 1.59 -21.66
CA PRO B 383 6.81 1.00 -22.91
C PRO B 383 5.52 0.22 -22.77
N SER B 384 5.06 -0.14 -21.56
CA SER B 384 3.77 -0.80 -21.34
C SER B 384 2.70 0.29 -21.21
N ASN B 385 2.83 1.18 -20.22
CA ASN B 385 1.89 2.26 -19.93
C ASN B 385 1.80 3.25 -21.06
N LEU B 386 2.76 3.26 -21.98
CA LEU B 386 2.79 4.17 -23.09
C LEU B 386 2.74 5.63 -22.65
N THR B 387 3.35 5.94 -21.49
CA THR B 387 3.37 7.29 -20.93
C THR B 387 4.27 8.37 -21.53
N ARG B 388 5.04 8.25 -22.64
CA ARG B 388 6.00 9.27 -23.08
C ARG B 388 5.72 9.80 -24.47
N TRP B 389 5.57 11.11 -24.62
CA TRP B 389 5.43 11.68 -25.95
C TRP B 389 6.78 11.50 -26.65
N LYS B 390 6.82 11.69 -27.95
CA LYS B 390 8.03 11.40 -28.69
C LYS B 390 9.21 12.31 -28.52
N GLU B 391 8.95 13.60 -28.70
CA GLU B 391 9.94 14.65 -28.55
C GLU B 391 10.33 14.82 -27.06
N ALA B 392 10.01 13.94 -26.11
CA ALA B 392 10.28 14.22 -24.72
C ALA B 392 11.79 14.20 -24.37
N LEU B 393 12.15 14.99 -23.36
CA LEU B 393 13.49 15.03 -22.83
C LEU B 393 13.31 14.56 -21.41
N ASP B 394 14.20 13.83 -20.80
CA ASP B 394 13.96 13.37 -19.45
C ASP B 394 14.58 14.29 -18.45
N PHE B 395 13.96 14.21 -17.30
CA PHE B 395 14.26 15.04 -16.18
C PHE B 395 15.42 14.29 -15.60
N GLN B 396 16.63 14.82 -15.72
CA GLN B 396 17.81 14.16 -15.20
C GLN B 396 18.75 15.25 -14.77
N PRO B 397 19.76 15.00 -13.92
CA PRO B 397 20.87 15.93 -13.69
C PRO B 397 21.52 16.25 -15.02
N PRO B 398 21.94 17.47 -15.42
CA PRO B 398 22.68 17.76 -16.65
C PRO B 398 23.91 16.88 -16.90
N SER B 399 24.56 16.55 -15.78
CA SER B 399 25.67 15.62 -15.68
C SER B 399 25.33 14.27 -16.30
N SER B 400 24.09 13.83 -16.42
CA SER B 400 23.81 12.50 -16.92
C SER B 400 24.12 12.23 -18.40
N GLY B 401 23.93 13.22 -19.31
CA GLY B 401 24.06 12.92 -20.72
C GLY B 401 22.77 12.32 -21.30
N SER B 402 21.77 12.10 -20.43
CA SER B 402 20.46 11.62 -20.82
C SER B 402 19.32 12.60 -20.62
N GLY B 403 19.56 13.83 -20.21
CA GLY B 403 18.51 14.81 -20.01
C GLY B 403 19.10 15.93 -19.20
N ASN B 404 18.22 16.76 -18.68
CA ASN B 404 18.66 17.84 -17.80
C ASN B 404 17.41 18.17 -17.00
N TYR B 405 17.43 19.08 -16.03
CA TYR B 405 16.24 19.38 -15.28
C TYR B 405 15.16 20.11 -16.06
N SER B 406 15.28 20.50 -17.33
CA SER B 406 14.19 21.12 -18.05
C SER B 406 13.29 20.00 -18.59
N GLY B 407 13.77 18.74 -18.51
CA GLY B 407 12.97 17.62 -18.90
C GLY B 407 11.70 17.52 -18.08
N ARG B 408 10.72 16.97 -18.78
CA ARG B 408 9.36 16.82 -18.29
C ARG B 408 8.95 15.36 -18.22
N TYR B 409 9.82 14.34 -18.37
CA TYR B 409 9.43 12.95 -18.29
C TYR B 409 10.30 12.34 -17.23
N ILE B 410 9.82 11.71 -16.18
CA ILE B 410 10.65 11.19 -15.12
C ILE B 410 10.57 9.66 -15.12
N ARG B 411 11.72 9.08 -14.81
CA ARG B 411 11.88 7.62 -14.79
C ARG B 411 12.02 7.35 -13.30
N TYR B 412 10.86 7.01 -12.75
CA TYR B 412 10.78 6.80 -11.31
C TYR B 412 11.39 5.52 -10.76
N GLY B 413 11.63 4.52 -11.62
CA GLY B 413 12.14 3.24 -11.21
C GLY B 413 10.95 2.46 -10.66
N ILE B 414 11.20 1.37 -9.96
CA ILE B 414 10.17 0.49 -9.43
C ILE B 414 10.09 0.93 -8.00
N ARG B 415 9.45 2.12 -7.96
CA ARG B 415 9.18 2.91 -6.75
C ARG B 415 7.74 3.46 -6.81
N GLU B 416 6.65 2.69 -6.65
CA GLU B 416 5.31 3.25 -6.83
C GLU B 416 4.78 4.14 -5.70
N HIS B 417 4.93 3.78 -4.44
CA HIS B 417 4.49 4.62 -3.35
C HIS B 417 5.21 5.96 -3.39
N ALA B 418 6.54 5.91 -3.59
CA ALA B 418 7.36 7.11 -3.70
C ALA B 418 6.93 7.93 -4.92
N MET B 419 6.63 7.34 -6.09
CA MET B 419 6.07 8.13 -7.17
C MET B 419 4.83 8.84 -6.66
N GLY B 420 4.05 8.19 -5.77
CA GLY B 420 2.81 8.77 -5.27
C GLY B 420 3.04 10.04 -4.44
N ALA B 421 3.90 9.96 -3.43
CA ALA B 421 4.20 11.08 -2.57
C ALA B 421 4.97 12.13 -3.34
N ILE B 422 5.77 11.79 -4.33
CA ILE B 422 6.51 12.75 -5.10
C ILE B 422 5.50 13.42 -5.99
N MET B 423 4.55 12.83 -6.70
CA MET B 423 3.62 13.62 -7.52
C MET B 423 2.76 14.55 -6.65
N ASN B 424 2.64 14.22 -5.37
CA ASN B 424 1.91 15.07 -4.43
C ASN B 424 2.75 16.24 -4.03
N GLY B 425 4.07 16.05 -4.05
CA GLY B 425 5.02 17.12 -3.73
C GLY B 425 5.15 18.09 -4.90
N ILE B 426 5.18 17.61 -6.14
CA ILE B 426 5.25 18.45 -7.31
C ILE B 426 4.01 19.33 -7.41
N SER B 427 2.82 18.73 -7.27
CA SER B 427 1.55 19.44 -7.32
C SER B 427 1.55 20.47 -6.21
N ALA B 428 1.91 20.10 -4.96
CA ALA B 428 1.96 21.01 -3.83
C ALA B 428 2.95 22.17 -4.00
N PHE B 429 3.80 22.16 -5.02
CA PHE B 429 4.79 23.20 -5.20
C PHE B 429 4.15 24.47 -5.77
N GLY B 430 3.23 24.30 -6.70
CA GLY B 430 2.62 25.45 -7.32
C GLY B 430 2.82 25.41 -8.81
N ALA B 431 2.79 26.60 -9.37
CA ALA B 431 2.94 26.96 -10.77
C ALA B 431 2.13 26.09 -11.70
N ASN B 432 1.03 25.59 -11.18
CA ASN B 432 0.03 24.78 -11.90
C ASN B 432 0.57 23.45 -12.46
N TYR B 433 1.54 22.91 -11.71
CA TYR B 433 2.13 21.64 -11.99
C TYR B 433 0.99 20.62 -11.99
N LYS B 434 1.09 19.81 -13.04
CA LYS B 434 0.19 18.73 -13.41
C LYS B 434 0.91 17.38 -13.55
N PRO B 435 1.36 16.76 -12.44
CA PRO B 435 2.17 15.57 -12.48
C PRO B 435 1.36 14.37 -12.86
N TYR B 436 1.79 13.37 -13.64
CA TYR B 436 0.99 12.17 -13.81
C TYR B 436 1.95 11.05 -13.74
N GLY B 437 1.56 9.90 -13.21
CA GLY B 437 2.49 8.77 -13.20
C GLY B 437 1.86 7.47 -13.70
N GLY B 438 2.60 6.66 -14.45
CA GLY B 438 2.07 5.39 -14.93
C GLY B 438 2.60 4.18 -14.15
N THR B 439 1.72 3.20 -14.07
CA THR B 439 2.00 1.93 -13.49
C THR B 439 0.89 1.00 -13.91
N PHE B 440 0.88 -0.20 -13.35
CA PHE B 440 -0.17 -1.15 -13.63
C PHE B 440 -1.30 -0.87 -12.66
N LEU B 441 -2.60 -0.85 -13.06
CA LEU B 441 -3.72 -0.69 -12.11
C LEU B 441 -3.58 -1.59 -10.89
N ASN B 442 -3.17 -2.86 -11.00
CA ASN B 442 -2.99 -3.70 -9.81
C ASN B 442 -1.92 -3.25 -8.81
N PHE B 443 -0.95 -2.43 -9.24
CA PHE B 443 0.08 -1.99 -8.33
C PHE B 443 -0.03 -0.54 -7.81
N VAL B 444 -1.06 0.24 -8.21
CA VAL B 444 -1.38 1.53 -7.58
C VAL B 444 -1.55 1.26 -6.07
N SER B 445 -2.05 0.04 -5.73
CA SER B 445 -2.21 -0.46 -4.37
C SER B 445 -0.97 -0.39 -3.52
N TYR B 446 0.17 -0.53 -4.20
CA TYR B 446 1.45 -0.39 -3.54
C TYR B 446 1.60 1.00 -2.93
N ALA B 447 0.92 1.99 -3.56
CA ALA B 447 0.97 3.41 -3.33
C ALA B 447 -0.22 4.00 -2.59
N ALA B 448 -0.96 3.13 -1.90
CA ALA B 448 -2.16 3.58 -1.22
C ALA B 448 -1.88 4.59 -0.14
N GLY B 449 -0.81 4.54 0.69
CA GLY B 449 -0.51 5.56 1.70
C GLY B 449 -0.50 6.99 1.09
N ALA B 450 0.04 7.09 -0.12
CA ALA B 450 0.14 8.35 -0.82
C ALA B 450 -1.18 8.62 -1.52
N VAL B 451 -1.85 7.64 -2.16
CA VAL B 451 -3.06 8.00 -2.91
C VAL B 451 -4.13 8.51 -1.97
N ARG B 452 -4.21 8.00 -0.74
CA ARG B 452 -5.17 8.51 0.22
C ARG B 452 -4.95 9.98 0.51
N LEU B 453 -3.68 10.41 0.65
CA LEU B 453 -3.38 11.79 1.01
C LEU B 453 -3.57 12.67 -0.19
N SER B 454 -3.46 12.17 -1.41
CA SER B 454 -3.76 12.95 -2.58
C SER B 454 -5.20 13.43 -2.46
N ALA B 455 -6.10 12.57 -1.97
CA ALA B 455 -7.52 12.82 -1.86
C ALA B 455 -7.89 13.65 -0.62
N LEU B 456 -7.30 13.36 0.55
CA LEU B 456 -7.53 14.11 1.78
C LEU B 456 -7.11 15.58 1.64
N SER B 457 -5.92 15.81 1.12
CA SER B 457 -5.45 17.15 0.91
C SER B 457 -6.05 17.70 -0.38
N GLY B 458 -6.37 16.89 -1.37
CA GLY B 458 -6.91 17.43 -2.60
C GLY B 458 -5.82 17.87 -3.59
N HIS B 459 -4.79 17.04 -3.81
CA HIS B 459 -3.77 17.43 -4.75
C HIS B 459 -4.25 16.79 -6.04
N PRO B 460 -4.65 17.45 -7.12
CA PRO B 460 -5.14 16.81 -8.32
C PRO B 460 -4.19 16.10 -9.27
N VAL B 461 -3.42 15.14 -8.71
CA VAL B 461 -2.44 14.26 -9.39
C VAL B 461 -3.15 13.26 -10.26
N ILE B 462 -2.57 12.80 -11.37
CA ILE B 462 -3.19 11.83 -12.23
C ILE B 462 -2.41 10.51 -12.18
N TRP B 463 -3.02 9.34 -11.93
CA TRP B 463 -2.35 8.05 -12.11
C TRP B 463 -2.82 7.41 -13.40
N VAL B 464 -1.95 7.07 -14.35
CA VAL B 464 -2.34 6.47 -15.61
C VAL B 464 -2.10 4.98 -15.33
N ALA B 465 -3.20 4.29 -15.03
CA ALA B 465 -3.18 2.91 -14.66
C ALA B 465 -3.70 2.00 -15.79
N THR B 466 -2.75 1.60 -16.60
CA THR B 466 -3.06 0.70 -17.67
C THR B 466 -3.26 -0.71 -17.08
N HIS B 467 -3.75 -1.58 -17.98
CA HIS B 467 -3.94 -3.00 -17.72
C HIS B 467 -4.94 -3.30 -16.61
N ASP B 468 -6.13 -2.73 -16.77
CA ASP B 468 -7.21 -2.80 -15.78
C ASP B 468 -7.90 -4.10 -15.35
N SER B 469 -7.90 -5.21 -16.11
CA SER B 469 -8.68 -6.44 -15.85
C SER B 469 -7.97 -7.75 -16.26
N ILE B 470 -8.66 -8.90 -16.14
CA ILE B 470 -8.30 -10.15 -16.74
C ILE B 470 -7.95 -9.97 -18.20
N GLY B 471 -8.22 -8.89 -18.94
CA GLY B 471 -7.67 -8.66 -20.28
C GLY B 471 -6.13 -8.57 -20.25
N VAL B 472 -5.50 -8.32 -19.10
CA VAL B 472 -4.07 -8.54 -18.90
C VAL B 472 -3.66 -9.96 -19.32
N GLY B 473 -4.48 -11.00 -19.18
CA GLY B 473 -4.16 -12.33 -19.68
C GLY B 473 -3.06 -13.15 -18.98
N GLU B 474 -2.08 -13.55 -19.80
CA GLU B 474 -1.15 -14.58 -19.38
C GLU B 474 -0.35 -14.35 -18.13
N ASP B 475 -0.21 -13.15 -17.55
CA ASP B 475 0.52 -13.04 -16.28
C ASP B 475 -0.29 -13.46 -15.07
N GLY B 476 -1.61 -13.44 -15.33
CA GLY B 476 -2.61 -13.97 -14.42
C GLY B 476 -2.77 -13.28 -13.07
N PRO B 477 -3.37 -14.01 -12.09
CA PRO B 477 -3.94 -13.49 -10.87
C PRO B 477 -3.14 -12.47 -10.13
N THR B 478 -1.79 -12.49 -10.12
CA THR B 478 -1.01 -11.56 -9.31
C THR B 478 -1.02 -10.14 -9.91
N HIS B 479 -1.36 -10.07 -11.19
CA HIS B 479 -1.35 -8.90 -12.01
C HIS B 479 -2.70 -8.48 -12.50
N GLN B 480 -3.77 -9.23 -12.22
CA GLN B 480 -5.08 -8.85 -12.64
C GLN B 480 -5.77 -8.22 -11.45
N PRO B 481 -6.25 -6.97 -11.55
CA PRO B 481 -6.94 -6.26 -10.50
C PRO B 481 -8.30 -6.90 -10.37
N ILE B 482 -8.64 -7.12 -9.08
CA ILE B 482 -10.00 -7.57 -8.81
C ILE B 482 -10.72 -6.51 -8.02
N GLU B 483 -10.12 -6.04 -6.96
CA GLU B 483 -10.77 -5.19 -5.98
C GLU B 483 -10.39 -3.71 -6.04
N THR B 484 -9.30 -3.38 -6.72
CA THR B 484 -8.73 -2.03 -6.87
C THR B 484 -9.70 -0.84 -7.10
N LEU B 485 -10.57 -0.94 -8.11
CA LEU B 485 -11.53 0.15 -8.36
C LEU B 485 -12.52 0.29 -7.20
N ALA B 486 -13.13 -0.76 -6.67
CA ALA B 486 -14.03 -0.73 -5.51
C ALA B 486 -13.33 -0.18 -4.24
N HIS B 487 -12.02 -0.32 -4.14
CA HIS B 487 -11.18 0.36 -3.14
C HIS B 487 -11.18 1.88 -3.45
N PHE B 488 -10.74 2.36 -4.61
CA PHE B 488 -10.64 3.79 -4.75
C PHE B 488 -12.00 4.44 -4.95
N ARG B 489 -13.04 3.70 -5.29
CA ARG B 489 -14.37 4.27 -5.38
C ARG B 489 -14.87 4.37 -3.93
N SER B 490 -14.21 3.91 -2.86
CA SER B 490 -14.73 4.04 -1.51
C SER B 490 -13.90 5.06 -0.77
N LEU B 491 -13.05 5.72 -1.53
CA LEU B 491 -12.20 6.76 -1.01
C LEU B 491 -12.90 8.07 -1.36
N PRO B 492 -13.06 8.94 -0.38
CA PRO B 492 -13.66 10.21 -0.65
C PRO B 492 -12.72 11.03 -1.51
N ASN B 493 -13.29 11.63 -2.53
CA ASN B 493 -12.65 12.66 -3.31
C ASN B 493 -11.58 12.16 -4.24
N ILE B 494 -11.89 11.23 -5.14
CA ILE B 494 -10.93 10.86 -6.17
C ILE B 494 -11.67 10.38 -7.42
N GLN B 495 -11.39 10.89 -8.60
CA GLN B 495 -12.02 10.36 -9.81
C GLN B 495 -11.42 8.98 -10.09
N VAL B 496 -12.20 7.97 -10.46
CA VAL B 496 -11.59 6.73 -10.87
C VAL B 496 -12.10 6.51 -12.28
N TRP B 497 -11.58 7.11 -13.34
CA TRP B 497 -12.20 7.03 -14.66
C TRP B 497 -11.85 5.74 -15.36
N ARG B 498 -12.81 5.00 -15.95
CA ARG B 498 -12.55 3.77 -16.67
C ARG B 498 -13.16 3.85 -18.10
N PRO B 499 -12.63 4.71 -18.97
CA PRO B 499 -13.12 4.97 -20.32
C PRO B 499 -13.16 3.82 -21.29
N ALA B 500 -14.21 3.79 -22.07
CA ALA B 500 -14.44 2.72 -23.04
C ALA B 500 -13.95 2.93 -24.43
N ASP B 501 -13.62 4.15 -24.80
CA ASP B 501 -13.17 4.41 -26.15
C ASP B 501 -12.48 5.79 -26.25
N GLY B 502 -12.01 6.25 -27.41
CA GLY B 502 -11.28 7.50 -27.54
C GLY B 502 -12.01 8.66 -26.94
N ASN B 503 -13.30 8.86 -27.29
CA ASN B 503 -14.03 10.03 -26.80
C ASN B 503 -14.17 10.05 -25.28
N GLU B 504 -14.28 8.85 -24.71
CA GLU B 504 -14.28 8.74 -23.28
C GLU B 504 -12.89 8.91 -22.70
N VAL B 505 -11.76 8.53 -23.34
CA VAL B 505 -10.40 8.76 -22.81
C VAL B 505 -10.18 10.27 -22.86
N SER B 506 -10.45 10.99 -23.95
CA SER B 506 -10.43 12.47 -23.97
C SER B 506 -11.18 13.15 -22.83
N ALA B 507 -12.41 12.71 -22.50
CA ALA B 507 -13.23 13.29 -21.44
C ALA B 507 -12.58 13.07 -20.08
N ALA B 508 -12.09 11.84 -19.87
CA ALA B 508 -11.29 11.49 -18.72
C ALA B 508 -10.15 12.48 -18.57
N TYR B 509 -9.40 12.71 -19.65
CA TYR B 509 -8.28 13.63 -19.53
C TYR B 509 -8.71 15.06 -19.28
N LYS B 510 -9.68 15.61 -20.03
CA LYS B 510 -10.22 16.95 -19.81
C LYS B 510 -10.65 17.16 -18.35
N ASN B 511 -11.49 16.30 -17.82
CA ASN B 511 -11.96 16.42 -16.45
C ASN B 511 -10.87 16.28 -15.42
N SER B 512 -9.93 15.38 -15.64
CA SER B 512 -8.84 15.22 -14.71
C SER B 512 -7.90 16.45 -14.68
N LEU B 513 -7.62 17.05 -15.85
CA LEU B 513 -6.70 18.17 -15.93
C LEU B 513 -7.30 19.45 -15.43
N GLU B 514 -8.60 19.67 -15.63
CA GLU B 514 -9.19 20.89 -15.13
C GLU B 514 -9.35 20.86 -13.63
N SER B 515 -9.41 19.67 -13.04
CA SER B 515 -9.54 19.51 -11.61
C SER B 515 -8.52 20.31 -10.79
N LYS B 516 -8.94 21.18 -9.89
CA LYS B 516 -8.01 21.82 -8.98
C LYS B 516 -7.96 21.12 -7.63
N HIS B 517 -8.83 20.15 -7.30
CA HIS B 517 -8.78 19.67 -5.95
C HIS B 517 -8.97 18.20 -5.81
N THR B 518 -9.23 17.44 -6.87
CA THR B 518 -9.54 16.04 -6.69
C THR B 518 -8.60 15.25 -7.61
N PRO B 519 -7.76 14.36 -7.10
CA PRO B 519 -6.99 13.38 -7.87
C PRO B 519 -7.78 12.49 -8.84
N SER B 520 -7.09 11.65 -9.60
CA SER B 520 -7.75 10.86 -10.59
C SER B 520 -6.90 9.64 -10.91
N ILE B 521 -7.61 8.57 -11.21
CA ILE B 521 -7.01 7.32 -11.59
C ILE B 521 -7.65 6.96 -12.91
N ILE B 522 -6.98 6.79 -14.03
CA ILE B 522 -7.65 6.40 -15.26
C ILE B 522 -7.17 4.96 -15.53
N ALA B 523 -8.13 4.01 -15.50
CA ALA B 523 -7.93 2.61 -15.67
C ALA B 523 -7.97 2.34 -17.16
N LEU B 524 -6.99 1.67 -17.75
CA LEU B 524 -6.92 1.55 -19.20
C LEU B 524 -6.72 0.12 -19.75
N SER B 525 -7.23 -0.17 -20.95
CA SER B 525 -7.14 -1.51 -21.46
C SER B 525 -5.83 -1.72 -22.19
N ARG B 526 -5.28 -2.89 -21.90
CA ARG B 526 -4.15 -3.45 -22.59
C ARG B 526 -4.58 -3.80 -24.01
N GLN B 527 -5.80 -4.37 -24.11
CA GLN B 527 -6.43 -4.85 -25.34
C GLN B 527 -7.35 -3.88 -26.11
N ASN B 528 -7.59 -4.22 -27.37
CA ASN B 528 -8.33 -3.39 -28.29
C ASN B 528 -9.78 -3.33 -28.03
N LEU B 529 -10.29 -2.13 -27.89
CA LEU B 529 -11.72 -1.89 -27.73
C LEU B 529 -12.03 -1.15 -29.03
N PRO B 530 -13.25 -1.14 -29.60
CA PRO B 530 -13.63 -0.26 -30.71
C PRO B 530 -14.23 1.07 -30.33
N GLN B 531 -14.52 1.89 -31.35
CA GLN B 531 -15.08 3.21 -31.12
C GLN B 531 -16.60 3.06 -31.16
N LEU B 532 -17.26 3.37 -30.02
CA LEU B 532 -18.69 3.17 -29.80
C LEU B 532 -19.47 4.10 -30.63
N GLU B 533 -20.70 3.73 -30.97
CA GLU B 533 -21.51 4.74 -31.60
C GLU B 533 -22.32 5.33 -30.45
N GLY B 534 -22.20 6.61 -30.15
CA GLY B 534 -22.94 7.21 -29.06
C GLY B 534 -22.12 7.94 -27.98
N SER B 535 -20.80 7.79 -28.03
CA SER B 535 -19.98 8.43 -27.05
C SER B 535 -19.72 9.79 -27.65
N SER B 536 -19.28 10.68 -26.77
CA SER B 536 -18.85 12.01 -27.12
C SER B 536 -18.17 12.47 -25.87
N ILE B 537 -17.40 13.55 -25.97
CA ILE B 537 -16.66 14.11 -24.84
C ILE B 537 -17.63 14.73 -23.86
N GLU B 538 -18.62 15.42 -24.46
CA GLU B 538 -19.61 16.18 -23.72
C GLU B 538 -20.39 15.24 -22.82
N SER B 539 -21.05 14.23 -23.40
CA SER B 539 -21.75 13.22 -22.63
C SER B 539 -20.79 12.55 -21.65
N ALA B 540 -19.59 12.11 -22.10
CA ALA B 540 -18.70 11.38 -21.23
C ALA B 540 -18.19 12.18 -20.05
N SER B 541 -18.09 13.51 -20.19
CA SER B 541 -17.69 14.41 -19.13
C SER B 541 -18.72 14.45 -17.99
N LYS B 542 -19.98 14.04 -18.15
CA LYS B 542 -20.90 14.02 -17.01
C LYS B 542 -20.70 12.78 -16.13
N GLY B 543 -19.88 11.83 -16.59
CA GLY B 543 -19.55 10.70 -15.75
C GLY B 543 -20.55 9.55 -15.91
N GLY B 544 -21.82 9.76 -16.14
CA GLY B 544 -22.72 8.67 -16.44
C GLY B 544 -23.58 9.11 -17.61
N TYR B 545 -23.72 8.35 -18.70
CA TYR B 545 -24.61 8.79 -19.74
C TYR B 545 -25.28 7.63 -20.39
N VAL B 546 -26.33 7.90 -21.14
CA VAL B 546 -27.03 6.91 -21.92
C VAL B 546 -26.35 6.80 -23.27
N LEU B 547 -25.64 5.69 -23.52
CA LEU B 547 -25.01 5.54 -24.82
C LEU B 547 -26.01 5.17 -25.88
N GLN B 548 -26.95 4.22 -25.63
CA GLN B 548 -27.97 3.92 -26.63
C GLN B 548 -29.25 3.78 -25.84
N ASP B 549 -30.33 4.39 -26.33
CA ASP B 549 -31.61 4.44 -25.65
C ASP B 549 -32.68 3.80 -26.52
N VAL B 550 -33.78 3.36 -25.92
CA VAL B 550 -34.87 2.74 -26.66
C VAL B 550 -36.08 3.31 -26.00
N ALA B 551 -37.18 3.31 -26.72
CA ALA B 551 -38.40 3.72 -26.05
C ALA B 551 -38.84 2.46 -25.27
N ASN B 552 -38.97 2.67 -23.96
CA ASN B 552 -39.44 1.68 -22.99
C ASN B 552 -38.56 0.44 -22.89
N PRO B 553 -37.35 0.56 -22.34
CA PRO B 553 -36.44 -0.55 -22.12
C PRO B 553 -37.00 -1.62 -21.21
N ASP B 554 -37.00 -2.87 -21.62
CA ASP B 554 -37.29 -3.98 -20.72
C ASP B 554 -36.18 -4.03 -19.64
N ILE B 555 -34.95 -3.64 -20.00
CA ILE B 555 -33.85 -3.63 -19.03
C ILE B 555 -32.87 -2.49 -19.31
N ILE B 556 -32.23 -1.94 -18.29
CA ILE B 556 -31.08 -1.05 -18.51
C ILE B 556 -29.79 -1.79 -18.14
N LEU B 557 -28.78 -1.82 -19.01
CA LEU B 557 -27.45 -2.40 -18.72
C LEU B 557 -26.47 -1.26 -18.46
N VAL B 558 -25.97 -1.16 -17.23
CA VAL B 558 -25.02 -0.13 -16.82
C VAL B 558 -23.65 -0.78 -16.93
N ALA B 559 -22.69 -0.27 -17.68
CA ALA B 559 -21.36 -0.89 -17.78
C ALA B 559 -20.21 0.10 -17.74
N THR B 560 -18.93 -0.25 -17.58
CA THR B 560 -17.85 0.70 -17.68
C THR B 560 -16.88 0.03 -18.61
N GLY B 561 -15.90 0.78 -19.10
CA GLY B 561 -14.79 0.29 -19.92
C GLY B 561 -14.96 -0.78 -20.99
N SER B 562 -14.23 -1.89 -20.89
CA SER B 562 -14.27 -2.92 -21.93
C SER B 562 -15.61 -3.66 -22.02
N GLU B 563 -16.48 -3.47 -21.03
CA GLU B 563 -17.76 -4.09 -20.97
C GLU B 563 -18.85 -3.27 -21.64
N VAL B 564 -18.67 -1.99 -21.95
CA VAL B 564 -19.68 -1.21 -22.64
C VAL B 564 -19.75 -1.83 -24.07
N SER B 565 -18.70 -2.18 -24.83
CA SER B 565 -18.92 -2.73 -26.17
C SER B 565 -19.66 -4.07 -26.13
N LEU B 566 -19.26 -4.90 -25.16
CA LEU B 566 -19.87 -6.17 -24.81
C LEU B 566 -21.36 -5.98 -24.57
N SER B 567 -21.77 -5.08 -23.66
CA SER B 567 -23.16 -4.73 -23.43
C SER B 567 -23.83 -4.19 -24.69
N VAL B 568 -23.20 -3.43 -25.58
CA VAL B 568 -23.84 -3.00 -26.81
C VAL B 568 -24.04 -4.23 -27.69
N GLU B 569 -23.21 -5.26 -27.65
CA GLU B 569 -23.43 -6.49 -28.41
C GLU B 569 -24.48 -7.35 -27.78
N ALA B 570 -24.53 -7.43 -26.44
CA ALA B 570 -25.53 -8.21 -25.72
C ALA B 570 -26.89 -7.61 -26.03
N ALA B 571 -26.90 -6.29 -26.18
CA ALA B 571 -28.12 -5.57 -26.51
C ALA B 571 -28.49 -5.90 -27.92
N LYS B 572 -27.61 -6.30 -28.79
CA LYS B 572 -28.03 -6.65 -30.14
C LYS B 572 -28.63 -8.08 -30.06
N THR B 573 -28.11 -8.97 -29.21
CA THR B 573 -28.67 -10.28 -29.04
C THR B 573 -30.09 -10.15 -28.55
N LEU B 574 -30.31 -9.53 -27.39
CA LEU B 574 -31.63 -9.29 -26.80
C LEU B 574 -32.64 -8.72 -27.78
N ALA B 575 -32.24 -7.74 -28.57
CA ALA B 575 -33.11 -7.12 -29.57
C ALA B 575 -33.71 -8.11 -30.53
N ALA B 576 -32.86 -9.05 -30.90
CA ALA B 576 -33.20 -10.04 -31.88
C ALA B 576 -34.31 -10.94 -31.32
N LYS B 577 -34.44 -11.08 -30.00
CA LYS B 577 -35.54 -11.83 -29.44
C LYS B 577 -36.40 -10.86 -28.63
N ASN B 578 -36.54 -9.69 -29.28
CA ASN B 578 -37.29 -8.50 -28.83
C ASN B 578 -37.37 -8.05 -27.38
N ILE B 579 -36.24 -8.07 -26.67
CA ILE B 579 -36.11 -7.40 -25.37
C ILE B 579 -35.46 -6.07 -25.69
N LYS B 580 -35.91 -4.98 -25.06
CA LYS B 580 -35.36 -3.66 -25.27
C LYS B 580 -34.47 -3.30 -24.08
N ALA B 581 -33.20 -3.12 -24.40
CA ALA B 581 -32.21 -2.73 -23.44
C ALA B 581 -31.78 -1.29 -23.75
N ARG B 582 -31.64 -0.52 -22.67
CA ARG B 582 -31.00 0.77 -22.76
C ARG B 582 -29.60 0.47 -22.25
N VAL B 583 -28.52 1.00 -22.87
CA VAL B 583 -27.14 0.79 -22.45
C VAL B 583 -26.64 2.11 -21.87
N VAL B 584 -26.23 2.12 -20.61
CA VAL B 584 -25.72 3.29 -19.93
C VAL B 584 -24.23 3.13 -19.71
N SER B 585 -23.36 4.07 -20.18
CA SER B 585 -21.95 3.99 -19.93
C SER B 585 -21.61 4.92 -18.78
N LEU B 586 -21.04 4.31 -17.75
CA LEU B 586 -20.69 5.02 -16.55
C LEU B 586 -19.17 5.20 -16.36
N PRO B 587 -18.38 5.99 -17.13
CA PRO B 587 -16.92 6.08 -16.97
C PRO B 587 -16.41 6.58 -15.63
N ASP B 588 -17.15 7.35 -14.81
CA ASP B 588 -16.72 7.67 -13.44
C ASP B 588 -17.85 7.85 -12.40
N PHE B 589 -17.77 7.02 -11.35
CA PHE B 589 -18.68 7.15 -10.21
C PHE B 589 -18.70 8.55 -9.63
N PHE B 590 -17.56 9.16 -9.33
CA PHE B 590 -17.41 10.51 -8.77
C PHE B 590 -18.10 11.63 -9.55
N THR B 591 -17.73 11.82 -10.82
CA THR B 591 -18.27 12.82 -11.72
C THR B 591 -19.75 12.63 -11.87
N PHE B 592 -20.24 11.38 -12.02
CA PHE B 592 -21.67 11.15 -12.11
C PHE B 592 -22.40 11.53 -10.82
N ASP B 593 -21.94 10.98 -9.69
CA ASP B 593 -22.44 11.36 -8.39
C ASP B 593 -22.51 12.86 -8.17
N LYS B 594 -21.65 13.61 -8.87
CA LYS B 594 -21.64 15.04 -8.78
C LYS B 594 -22.71 15.66 -9.66
N GLN B 595 -23.47 14.94 -10.44
CA GLN B 595 -24.44 15.59 -11.31
C GLN B 595 -25.67 15.92 -10.48
N PRO B 596 -26.48 16.88 -10.92
CA PRO B 596 -27.81 17.06 -10.39
C PRO B 596 -28.60 15.77 -10.44
N LEU B 597 -29.27 15.53 -9.31
CA LEU B 597 -30.11 14.35 -9.15
C LEU B 597 -31.05 14.16 -10.31
N GLU B 598 -31.62 15.23 -10.86
CA GLU B 598 -32.51 15.17 -12.00
C GLU B 598 -31.83 14.51 -13.17
N TYR B 599 -30.57 14.82 -13.42
CA TYR B 599 -29.82 14.22 -14.52
C TYR B 599 -29.65 12.73 -14.20
N ARG B 600 -29.23 12.41 -12.98
CA ARG B 600 -28.87 11.03 -12.66
C ARG B 600 -30.11 10.16 -12.79
N LEU B 601 -31.24 10.61 -12.27
CA LEU B 601 -32.49 9.87 -12.41
C LEU B 601 -32.96 9.86 -13.85
N SER B 602 -32.51 10.70 -14.77
CA SER B 602 -32.95 10.42 -16.10
C SER B 602 -32.00 9.36 -16.64
N VAL B 603 -30.85 9.08 -16.02
CA VAL B 603 -30.03 8.04 -16.58
C VAL B 603 -30.43 6.73 -15.95
N LEU B 604 -30.67 6.68 -14.65
CA LEU B 604 -31.04 5.45 -13.96
C LEU B 604 -32.38 5.64 -13.25
N PRO B 605 -33.48 5.47 -13.96
CA PRO B 605 -34.82 5.64 -13.44
C PRO B 605 -35.42 4.55 -12.60
N ASP B 606 -36.67 4.82 -12.21
CA ASP B 606 -37.51 3.87 -11.53
C ASP B 606 -38.22 3.07 -12.61
N ASN B 607 -38.65 1.90 -12.15
CA ASN B 607 -39.50 0.95 -12.85
C ASN B 607 -38.84 0.23 -14.02
N VAL B 608 -37.52 0.01 -14.03
CA VAL B 608 -36.83 -0.80 -15.03
C VAL B 608 -35.84 -1.56 -14.17
N PRO B 609 -35.53 -2.87 -14.34
CA PRO B 609 -34.40 -3.51 -13.67
C PRO B 609 -33.13 -2.98 -14.34
N ILE B 610 -32.09 -2.86 -13.51
CA ILE B 610 -30.85 -2.28 -14.00
C ILE B 610 -29.87 -3.37 -13.61
N MET B 611 -29.08 -3.87 -14.57
CA MET B 611 -28.06 -4.86 -14.28
C MET B 611 -26.73 -4.23 -14.72
N SER B 612 -25.68 -4.28 -13.88
CA SER B 612 -24.37 -3.71 -14.17
C SER B 612 -23.46 -4.76 -14.75
N VAL B 613 -22.52 -4.44 -15.62
CA VAL B 613 -21.59 -5.39 -16.24
C VAL B 613 -20.19 -4.80 -16.19
N GLU B 614 -19.38 -5.40 -15.29
CA GLU B 614 -17.96 -5.02 -15.13
C GLU B 614 -17.13 -6.21 -14.57
N VAL B 615 -16.02 -6.58 -15.23
CA VAL B 615 -15.18 -7.73 -14.88
C VAL B 615 -14.27 -7.52 -13.68
N LEU B 616 -14.78 -6.92 -12.64
CA LEU B 616 -14.00 -6.75 -11.44
C LEU B 616 -15.00 -6.95 -10.28
N ALA B 617 -14.71 -6.60 -9.01
CA ALA B 617 -15.57 -6.82 -7.85
C ALA B 617 -16.97 -6.28 -7.90
N THR B 618 -18.03 -6.97 -7.46
CA THR B 618 -19.40 -6.46 -7.54
C THR B 618 -19.85 -5.63 -6.36
N THR B 619 -19.08 -5.64 -5.29
CA THR B 619 -19.44 -5.02 -4.04
C THR B 619 -19.88 -3.55 -4.13
N CYS B 620 -19.14 -2.79 -4.91
CA CYS B 620 -19.40 -1.39 -5.02
C CYS B 620 -20.64 -0.97 -5.83
N TRP B 621 -21.12 -1.91 -6.63
CA TRP B 621 -22.19 -1.61 -7.56
C TRP B 621 -23.61 -1.51 -7.06
N GLY B 622 -23.85 -1.83 -5.78
CA GLY B 622 -25.18 -1.69 -5.23
C GLY B 622 -25.79 -0.29 -5.35
N LYS B 623 -25.02 0.78 -5.57
CA LYS B 623 -25.60 2.12 -5.64
C LYS B 623 -26.25 2.54 -6.96
N TYR B 624 -26.09 1.78 -8.02
CA TYR B 624 -26.71 2.15 -9.26
C TYR B 624 -27.48 1.00 -9.85
N ALA B 625 -27.27 -0.24 -9.38
CA ALA B 625 -27.80 -1.39 -10.07
C ALA B 625 -28.53 -2.32 -9.13
N HIS B 626 -29.50 -3.03 -9.75
CA HIS B 626 -30.37 -4.00 -9.06
C HIS B 626 -29.64 -5.32 -9.09
N GLN B 627 -29.18 -5.75 -10.28
CA GLN B 627 -28.38 -6.95 -10.28
C GLN B 627 -26.99 -6.62 -10.85
N SER B 628 -25.92 -7.33 -10.52
CA SER B 628 -24.62 -6.95 -11.04
C SER B 628 -23.92 -8.16 -11.58
N PHE B 629 -23.43 -8.23 -12.78
CA PHE B 629 -22.61 -9.35 -13.21
C PHE B 629 -21.12 -8.96 -13.10
N GLY B 630 -20.26 -9.54 -12.25
CA GLY B 630 -18.83 -9.17 -12.21
C GLY B 630 -17.92 -10.28 -11.66
N ILE B 631 -16.68 -10.06 -11.19
CA ILE B 631 -15.86 -11.13 -10.68
C ILE B 631 -15.48 -10.94 -9.25
N ASP B 632 -15.98 -11.79 -8.38
CA ASP B 632 -15.59 -11.75 -6.99
C ASP B 632 -14.71 -12.93 -6.57
N ARG B 633 -13.71 -13.27 -7.39
CA ARG B 633 -12.71 -14.28 -7.14
C ARG B 633 -11.51 -13.82 -7.97
N PHE B 634 -10.27 -14.30 -7.69
CA PHE B 634 -9.05 -13.91 -8.41
C PHE B 634 -9.03 -14.37 -9.87
N GLY B 635 -8.04 -14.01 -10.66
CA GLY B 635 -8.13 -14.36 -12.07
C GLY B 635 -7.51 -15.70 -12.40
N ALA B 636 -7.17 -15.75 -13.68
CA ALA B 636 -6.57 -16.94 -14.25
C ALA B 636 -5.53 -16.56 -15.31
N SER B 637 -4.41 -17.30 -15.33
CA SER B 637 -3.39 -17.15 -16.36
C SER B 637 -3.93 -17.76 -17.66
N GLY B 638 -4.15 -17.06 -18.77
CA GLY B 638 -4.65 -17.70 -19.95
C GLY B 638 -4.66 -16.68 -21.02
N LYS B 639 -4.85 -16.96 -22.30
CA LYS B 639 -4.97 -15.88 -23.27
C LYS B 639 -6.24 -15.07 -22.91
N ALA B 640 -6.26 -13.72 -22.90
CA ALA B 640 -7.40 -12.92 -22.50
C ALA B 640 -8.82 -13.28 -23.01
N PRO B 641 -9.14 -13.53 -24.28
CA PRO B 641 -10.48 -13.91 -24.72
C PRO B 641 -10.89 -15.19 -23.98
N GLU B 642 -9.99 -16.21 -23.93
CA GLU B 642 -10.25 -17.44 -23.20
C GLU B 642 -10.60 -17.22 -21.72
N VAL B 643 -9.95 -16.26 -21.05
CA VAL B 643 -10.22 -15.96 -19.63
C VAL B 643 -11.56 -15.23 -19.50
N PHE B 644 -11.93 -14.35 -20.45
CA PHE B 644 -13.23 -13.73 -20.47
C PHE B 644 -14.35 -14.74 -20.62
N LYS B 645 -14.31 -15.66 -21.59
CA LYS B 645 -15.21 -16.80 -21.73
C LYS B 645 -15.27 -17.68 -20.50
N PHE B 646 -14.16 -18.05 -19.89
CA PHE B 646 -14.12 -18.79 -18.65
C PHE B 646 -14.99 -18.12 -17.66
N PHE B 647 -14.91 -16.80 -17.57
CA PHE B 647 -15.65 -16.09 -16.56
C PHE B 647 -17.09 -15.77 -16.96
N GLY B 648 -17.52 -16.07 -18.19
CA GLY B 648 -18.88 -15.85 -18.63
C GLY B 648 -19.03 -14.57 -19.40
N PHE B 649 -18.01 -13.76 -19.58
CA PHE B 649 -18.25 -12.48 -20.21
C PHE B 649 -18.15 -12.50 -21.72
N THR B 650 -19.23 -13.02 -22.31
CA THR B 650 -19.41 -13.10 -23.75
C THR B 650 -20.75 -12.39 -24.05
N PRO B 651 -21.12 -11.95 -25.28
CA PRO B 651 -22.39 -11.28 -25.59
C PRO B 651 -23.57 -12.08 -25.16
N GLU B 652 -23.59 -13.31 -25.59
CA GLU B 652 -24.68 -14.19 -25.19
C GLU B 652 -24.61 -14.45 -23.69
N GLY B 653 -23.48 -14.52 -23.00
CA GLY B 653 -23.53 -14.76 -21.58
C GLY B 653 -24.07 -13.55 -20.84
N VAL B 654 -24.00 -12.34 -21.41
CA VAL B 654 -24.51 -11.15 -20.74
C VAL B 654 -25.99 -11.12 -21.05
N ALA B 655 -26.34 -11.33 -22.31
CA ALA B 655 -27.73 -11.34 -22.74
C ALA B 655 -28.54 -12.28 -21.84
N GLU B 656 -28.00 -13.47 -21.62
CA GLU B 656 -28.59 -14.49 -20.80
C GLU B 656 -28.89 -14.01 -19.38
N ARG B 657 -27.98 -13.25 -18.79
CA ARG B 657 -28.24 -12.78 -17.43
C ARG B 657 -29.27 -11.65 -17.39
N ALA B 658 -29.45 -10.95 -18.52
CA ALA B 658 -30.36 -9.85 -18.58
C ALA B 658 -31.76 -10.45 -18.60
N GLN B 659 -31.88 -11.50 -19.43
CA GLN B 659 -33.09 -12.30 -19.50
C GLN B 659 -33.47 -12.85 -18.13
N LYS B 660 -32.60 -13.54 -17.39
CA LYS B 660 -32.94 -13.93 -16.03
C LYS B 660 -33.20 -12.71 -15.12
N THR B 661 -32.66 -11.49 -15.34
CA THR B 661 -33.03 -10.34 -14.53
C THR B 661 -34.47 -9.85 -14.84
N ILE B 662 -34.87 -9.82 -16.10
CA ILE B 662 -36.22 -9.48 -16.46
C ILE B 662 -37.25 -10.45 -15.81
N ALA B 663 -36.97 -11.74 -16.00
CA ALA B 663 -37.85 -12.78 -15.50
C ALA B 663 -37.87 -12.77 -13.96
N PHE B 664 -36.80 -12.38 -13.28
CA PHE B 664 -36.84 -12.36 -11.82
C PHE B 664 -37.74 -11.27 -11.29
N TYR B 665 -37.86 -10.19 -12.04
CA TYR B 665 -38.55 -9.06 -11.47
C TYR B 665 -39.93 -8.81 -11.99
N LYS B 666 -40.31 -9.50 -13.06
CA LYS B 666 -41.57 -9.25 -13.72
C LYS B 666 -42.72 -9.16 -12.69
N GLY B 667 -43.32 -7.98 -12.68
CA GLY B 667 -44.41 -7.72 -11.77
C GLY B 667 -43.97 -7.14 -10.43
N ASP B 668 -42.73 -6.72 -10.25
CA ASP B 668 -42.40 -5.99 -9.04
C ASP B 668 -42.29 -4.57 -9.56
N LYS B 669 -42.61 -3.56 -8.77
CA LYS B 669 -42.37 -2.23 -9.30
C LYS B 669 -41.01 -1.93 -8.74
N LEU B 670 -40.21 -1.27 -9.57
CA LEU B 670 -38.85 -0.97 -9.17
C LEU B 670 -38.49 0.50 -8.96
N ILE B 671 -37.66 0.66 -7.95
CA ILE B 671 -37.21 1.97 -7.50
C ILE B 671 -35.74 2.05 -7.87
N SER B 672 -35.32 3.02 -8.66
CA SER B 672 -33.93 3.31 -8.91
C SER B 672 -33.13 3.26 -7.60
N PRO B 673 -32.00 2.51 -7.56
CA PRO B 673 -31.04 2.43 -6.46
C PRO B 673 -30.56 3.78 -5.95
N LEU B 674 -30.61 4.82 -6.83
CA LEU B 674 -30.24 6.17 -6.48
C LEU B 674 -31.11 6.82 -5.41
N LYS B 675 -32.39 6.44 -5.26
CA LYS B 675 -33.26 7.06 -4.29
C LYS B 675 -32.93 6.60 -2.87
N LYS B 676 -32.44 7.60 -2.15
CA LYS B 676 -32.06 7.48 -0.75
C LYS B 676 -33.19 7.93 0.16
N ALA B 677 -33.35 7.36 1.35
CA ALA B 677 -34.44 7.63 2.25
C ALA B 677 -34.13 8.68 3.30
N PHE B 678 -32.88 9.05 3.56
CA PHE B 678 -32.53 10.12 4.48
C PHE B 678 -31.22 10.73 3.99
CA CA C . 17.46 -6.63 -14.09
C1' N1T D . 5.52 -3.46 -9.97
C2' N1T D . 5.67 -4.58 -9.07
CM2 N1T D . 5.47 -4.38 -7.63
N3' N1T D . 5.77 -5.82 -9.60
C4' N1T D . 5.84 -5.99 -10.96
N4' N1T D . 6.01 -7.24 -11.35
C5' N1T D . 6.00 -4.88 -11.87
C6' N1T D . 5.69 -3.67 -11.40
C7' N1T D . 6.36 -5.04 -13.31
N3 N1T D . 7.82 -5.43 -13.41
C2 N1T D . 8.22 -6.69 -13.56
S1 N1T D . 9.88 -6.89 -13.57
C5 N1T D . 10.06 -5.21 -13.38
C4 N1T D . 8.83 -4.57 -13.35
CM4 N1T D . 8.59 -3.09 -13.22
C6 N1T D . 11.43 -4.61 -13.34
C7 N1T D . 12.36 -5.42 -14.17
O7 N1T D . 13.56 -5.39 -13.42
PA N1T D . 14.26 -6.71 -12.90
O1A N1T D . 13.83 -7.21 -11.57
O2A N1T D . 15.68 -6.20 -12.88
O3A N1T D . 14.14 -7.76 -14.07
PB N1T D . 15.16 -8.27 -15.12
O1B N1T D . 16.51 -7.93 -14.52
O2B N1T D . 14.92 -7.50 -16.34
O3B N1T D . 14.86 -9.67 -15.23
CA CA E . 12.33 9.07 17.66
C1' N1T F . 2.27 4.06 10.89
C2' N1T F . 2.41 5.17 10.00
CM2 N1T F . 2.47 4.92 8.55
N3' N1T F . 2.26 6.42 10.47
C4' N1T F . 2.32 6.65 11.81
N4' N1T F . 2.17 7.88 12.13
C5' N1T F . 2.35 5.61 12.79
C6' N1T F . 2.24 4.33 12.32
C7' N1T F . 2.16 5.85 14.27
N3 N1T F . 3.33 6.46 15.01
C2 N1T F . 3.59 7.76 14.99
S1 N1T F . 5.14 8.11 15.51
C5 N1T F . 5.47 6.45 15.70
C4 N1T F . 4.33 5.71 15.53
CM4 N1T F . 4.28 4.21 15.37
C6 N1T F . 6.90 5.96 15.68
C7 N1T F . 7.85 6.65 16.62
O7 N1T F . 8.13 7.80 15.85
PA N1T F . 9.41 8.71 15.81
O1A N1T F . 9.38 9.28 14.42
O2A N1T F . 10.71 8.09 16.24
O3A N1T F . 9.22 9.92 16.81
PB N1T F . 9.83 10.41 18.16
O1B N1T F . 8.98 11.59 18.28
O2B N1T F . 11.28 10.42 17.83
O3B N1T F . 9.53 9.36 19.13
#